data_9QN9
#
_entry.id   9QN9
#
_cell.length_a   1.00
_cell.length_b   1.00
_cell.length_c   1.00
_cell.angle_alpha   90.00
_cell.angle_beta   90.00
_cell.angle_gamma   90.00
#
_symmetry.space_group_name_H-M   'P 1'
#
_entity_poly.entity_id   1
_entity_poly.type   'polypeptide(L)'
_entity_poly.pdbx_seq_one_letter_code
;MNWTGLYTLLSGVNRHSTAIGRVWLSVIFIFRIMVLVVAAESVWGDEKSSFICNTLQPGCNSVCYDQFFPISHVRLWSLQ
LILVSTPALLVAMHVAHQQHIEKKMLRLEGHGDPLHLEEVKRHKVHISGTLWWTYVISVVFRLLFEAVFMYVFYLLYPGY
AMVRLVKCDVYPCPNTVDCFVSRPTEKTVFTVFMLAASGICIILNVAEVVYLIIRACARRAQRRSNPPSRKGSGFGHRLS
PEYKQNEINKLLSEQDGSLKDILRRSPGTGAGLAEKSDRCSAC
;
_entity_poly.pdbx_strand_id   A,B,C,D,E,F,G,H,I,J,K,L
#
# COMPACT_ATOMS: atom_id res chain seq x y z
N LEU A 9 27.17 -37.01 -31.92
CA LEU A 9 26.59 -36.87 -30.59
C LEU A 9 27.51 -36.07 -29.68
N LEU A 10 27.12 -35.95 -28.41
CA LEU A 10 27.94 -35.23 -27.43
C LEU A 10 29.24 -35.98 -27.19
N SER A 11 30.35 -35.23 -27.26
CA SER A 11 31.70 -35.80 -27.18
C SER A 11 31.81 -37.05 -28.05
N GLY A 12 31.47 -36.87 -29.33
CA GLY A 12 31.31 -37.99 -30.23
C GLY A 12 32.59 -38.76 -30.49
N VAL A 13 32.40 -39.98 -30.99
CA VAL A 13 33.49 -40.89 -31.27
C VAL A 13 33.61 -41.05 -32.78
N ASN A 14 34.81 -41.45 -33.23
CA ASN A 14 35.09 -41.57 -34.65
C ASN A 14 35.91 -42.81 -34.96
N ARG A 15 35.76 -43.87 -34.15
CA ARG A 15 36.51 -45.12 -34.29
C ARG A 15 37.98 -44.92 -33.93
N HIS A 16 38.36 -43.67 -33.64
CA HIS A 16 39.72 -43.35 -33.22
C HIS A 16 39.78 -42.89 -31.78
N SER A 17 38.65 -42.72 -31.12
CA SER A 17 38.62 -42.26 -29.74
C SER A 17 39.08 -43.38 -28.81
N THR A 18 39.97 -43.04 -27.88
CA THR A 18 40.50 -44.01 -26.93
C THR A 18 39.53 -44.18 -25.76
N ALA A 19 40.00 -44.87 -24.71
CA ALA A 19 39.17 -45.07 -23.54
C ALA A 19 38.86 -43.77 -22.82
N ILE A 20 39.81 -42.84 -22.77
CA ILE A 20 39.61 -41.57 -22.08
C ILE A 20 38.88 -40.55 -22.92
N GLY A 21 38.42 -40.92 -24.11
CA GLY A 21 37.67 -40.01 -24.95
C GLY A 21 36.31 -40.56 -25.31
N ARG A 22 36.12 -41.86 -25.08
CA ARG A 22 34.85 -42.53 -25.34
C ARG A 22 34.07 -42.85 -24.08
N VAL A 23 34.76 -43.16 -22.98
CA VAL A 23 34.10 -43.57 -21.75
C VAL A 23 33.99 -42.43 -20.74
N TRP A 24 35.06 -41.66 -20.53
CA TRP A 24 35.07 -40.67 -19.46
C TRP A 24 34.52 -39.31 -19.89
N LEU A 25 34.90 -38.83 -21.09
CA LEU A 25 34.43 -37.54 -21.54
C LEU A 25 32.92 -37.51 -21.69
N SER A 26 32.33 -38.60 -22.21
CA SER A 26 30.88 -38.66 -22.33
C SER A 26 30.21 -38.64 -20.97
N VAL A 27 30.78 -39.34 -19.99
CA VAL A 27 30.22 -39.35 -18.64
C VAL A 27 30.27 -37.95 -18.04
N ILE A 28 31.39 -37.26 -18.19
CA ILE A 28 31.51 -35.91 -17.62
C ILE A 28 30.54 -34.96 -18.33
N PHE A 29 30.39 -35.09 -19.64
CA PHE A 29 29.45 -34.23 -20.37
C PHE A 29 28.03 -34.46 -19.91
N ILE A 30 27.63 -35.73 -19.73
CA ILE A 30 26.28 -36.03 -19.26
C ILE A 30 26.09 -35.51 -17.84
N PHE A 31 27.12 -35.63 -17.01
CA PHE A 31 27.04 -35.10 -15.64
C PHE A 31 26.81 -33.59 -15.64
N ARG A 32 27.56 -32.87 -16.49
CA ARG A 32 27.37 -31.43 -16.59
C ARG A 32 25.98 -31.09 -17.10
N ILE A 33 25.50 -31.83 -18.10
CA ILE A 33 24.17 -31.57 -18.65
C ILE A 33 23.11 -31.76 -17.56
N MET A 34 23.21 -32.85 -16.80
CA MET A 34 22.22 -33.12 -15.76
C MET A 34 22.27 -32.07 -14.65
N VAL A 35 23.47 -31.67 -14.24
CA VAL A 35 23.60 -30.63 -13.21
C VAL A 35 22.98 -29.33 -13.70
N LEU A 36 23.27 -28.95 -14.95
CA LEU A 36 22.72 -27.71 -15.50
C LEU A 36 21.21 -27.79 -15.59
N VAL A 37 20.66 -28.96 -15.95
CA VAL A 37 19.22 -29.10 -16.03
C VAL A 37 18.58 -28.98 -14.65
N VAL A 38 19.17 -29.62 -13.64
CA VAL A 38 18.57 -29.59 -12.31
C VAL A 38 18.83 -28.29 -11.56
N ALA A 39 19.74 -27.44 -12.05
CA ALA A 39 20.00 -26.16 -11.40
C ALA A 39 19.60 -24.94 -12.24
N ALA A 40 19.10 -25.14 -13.46
CA ALA A 40 18.85 -23.99 -14.34
C ALA A 40 17.69 -23.13 -13.82
N GLU A 41 16.57 -23.77 -13.48
CA GLU A 41 15.38 -23.04 -13.03
C GLU A 41 15.18 -23.09 -11.53
N SER A 42 15.75 -24.08 -10.85
CA SER A 42 15.55 -24.20 -9.41
C SER A 42 16.32 -23.13 -8.65
N VAL A 43 17.56 -22.89 -9.02
CA VAL A 43 18.43 -21.96 -8.30
C VAL A 43 18.41 -20.58 -8.92
N TRP A 44 18.66 -20.49 -10.24
CA TRP A 44 18.72 -19.22 -10.93
C TRP A 44 17.37 -18.78 -11.49
N GLY A 45 16.28 -19.43 -11.08
CA GLY A 45 14.98 -19.07 -11.61
C GLY A 45 14.54 -17.68 -11.18
N ASP A 46 14.73 -17.35 -9.91
CA ASP A 46 14.31 -16.07 -9.34
C ASP A 46 15.51 -15.19 -9.01
N GLU A 47 16.53 -15.23 -9.86
CA GLU A 47 17.71 -14.40 -9.64
C GLU A 47 17.38 -12.92 -9.80
N LYS A 48 16.42 -12.58 -10.66
CA LYS A 48 16.09 -11.19 -10.93
C LYS A 48 15.01 -10.68 -9.99
N SER A 49 13.97 -11.48 -9.76
CA SER A 49 12.83 -11.02 -8.97
C SER A 49 13.15 -10.95 -7.48
N SER A 50 13.89 -11.94 -6.95
CA SER A 50 14.23 -11.91 -5.54
C SER A 50 15.31 -10.89 -5.25
N PHE A 51 16.03 -10.46 -6.29
CA PHE A 51 17.06 -9.44 -6.13
C PHE A 51 16.42 -8.09 -5.82
N ILE A 52 16.70 -7.58 -4.62
CA ILE A 52 16.14 -6.31 -4.17
C ILE A 52 17.25 -5.45 -3.60
N CYS A 53 17.07 -4.15 -3.65
CA CYS A 53 18.03 -3.20 -3.12
C CYS A 53 17.38 -2.33 -2.04
N ASN A 54 18.23 -1.73 -1.21
CA ASN A 54 17.77 -0.90 -0.10
C ASN A 54 17.69 0.57 -0.51
N THR A 55 16.73 0.88 -1.38
CA THR A 55 16.53 2.23 -1.87
C THR A 55 15.07 2.42 -2.26
N LEU A 56 14.66 3.68 -2.33
CA LEU A 56 13.32 4.03 -2.79
C LEU A 56 13.33 4.56 -4.22
N GLN A 57 14.49 4.66 -4.84
CA GLN A 57 14.60 5.16 -6.21
C GLN A 57 14.03 4.14 -7.19
N PRO A 58 13.05 4.50 -8.01
CA PRO A 58 12.53 3.55 -9.00
C PRO A 58 13.56 3.25 -10.08
N GLY A 59 13.58 1.99 -10.51
CA GLY A 59 14.47 1.55 -11.55
C GLY A 59 15.88 1.22 -11.10
N CYS A 60 16.19 1.34 -9.81
CA CYS A 60 17.53 1.05 -9.34
C CYS A 60 17.83 -0.45 -9.28
N ASN A 61 16.82 -1.27 -8.99
CA ASN A 61 17.05 -2.70 -8.90
C ASN A 61 17.53 -3.28 -10.23
N SER A 62 16.89 -2.89 -11.33
CA SER A 62 17.25 -3.47 -12.63
C SER A 62 18.64 -3.05 -13.06
N VAL A 63 18.99 -1.78 -12.89
CA VAL A 63 20.31 -1.32 -13.29
C VAL A 63 21.39 -1.95 -12.42
N CYS A 64 21.12 -2.08 -11.11
CA CYS A 64 22.09 -2.74 -10.23
C CYS A 64 22.29 -4.20 -10.63
N TYR A 65 21.19 -4.91 -10.90
CA TYR A 65 21.31 -6.31 -11.29
C TYR A 65 22.09 -6.46 -12.60
N ASP A 66 21.80 -5.60 -13.58
CA ASP A 66 22.54 -5.68 -14.84
C ASP A 66 24.01 -5.30 -14.64
N GLN A 67 24.29 -4.44 -13.65
CA GLN A 67 25.67 -4.08 -13.38
C GLN A 67 26.45 -5.24 -12.78
N PHE A 68 25.85 -5.96 -11.83
CA PHE A 68 26.58 -7.00 -11.13
C PHE A 68 26.48 -8.37 -11.79
N PHE A 69 25.54 -8.57 -12.70
CA PHE A 69 25.38 -9.85 -13.40
C PHE A 69 25.23 -9.57 -14.89
N PRO A 70 26.33 -9.27 -15.59
CA PRO A 70 26.23 -9.00 -17.03
C PRO A 70 25.62 -10.16 -17.81
N ILE A 71 25.96 -11.39 -17.44
CA ILE A 71 25.34 -12.58 -18.01
C ILE A 71 25.35 -13.67 -16.95
N SER A 72 24.18 -14.28 -16.74
CA SER A 72 24.00 -15.21 -15.65
C SER A 72 24.88 -16.45 -15.82
N HIS A 73 25.18 -17.09 -14.69
CA HIS A 73 26.04 -18.28 -14.72
C HIS A 73 25.42 -19.39 -15.54
N VAL A 74 24.10 -19.59 -15.41
CA VAL A 74 23.43 -20.69 -16.09
C VAL A 74 23.53 -20.54 -17.60
N ARG A 75 23.28 -19.33 -18.09
CA ARG A 75 23.32 -19.12 -19.54
C ARG A 75 24.74 -19.15 -20.08
N LEU A 76 25.71 -18.69 -19.28
CA LEU A 76 27.11 -18.81 -19.68
C LEU A 76 27.51 -20.27 -19.81
N TRP A 77 27.12 -21.09 -18.84
CA TRP A 77 27.42 -22.52 -18.91
C TRP A 77 26.68 -23.18 -20.07
N SER A 78 25.45 -22.74 -20.36
CA SER A 78 24.72 -23.28 -21.49
C SER A 78 25.43 -22.98 -22.81
N LEU A 79 25.88 -21.73 -22.98
CA LEU A 79 26.62 -21.38 -24.19
C LEU A 79 27.92 -22.18 -24.28
N GLN A 80 28.60 -22.36 -23.14
CA GLN A 80 29.83 -23.16 -23.14
C GLN A 80 29.55 -24.59 -23.58
N LEU A 81 28.48 -25.19 -23.06
CA LEU A 81 28.14 -26.57 -23.43
C LEU A 81 27.77 -26.67 -24.90
N ILE A 82 27.02 -25.70 -25.42
CA ILE A 82 26.63 -25.72 -26.83
C ILE A 82 27.87 -25.62 -27.72
N LEU A 83 28.76 -24.69 -27.41
CA LEU A 83 29.95 -24.52 -28.24
C LEU A 83 30.92 -25.69 -28.10
N VAL A 84 30.93 -26.36 -26.94
CA VAL A 84 31.75 -27.55 -26.78
C VAL A 84 31.18 -28.71 -27.58
N SER A 85 29.85 -28.85 -27.60
CA SER A 85 29.22 -29.94 -28.33
C SER A 85 29.20 -29.71 -29.84
N THR A 86 29.37 -28.47 -30.29
CA THR A 86 29.32 -28.20 -31.73
C THR A 86 30.36 -28.97 -32.53
N PRO A 87 31.66 -28.94 -32.20
CA PRO A 87 32.62 -29.67 -33.05
C PRO A 87 32.37 -31.16 -33.14
N ALA A 88 31.94 -31.80 -32.05
CA ALA A 88 31.64 -33.23 -32.11
C ALA A 88 30.47 -33.52 -33.04
N LEU A 89 29.43 -32.70 -32.97
CA LEU A 89 28.30 -32.88 -33.89
C LEU A 89 28.72 -32.64 -35.33
N LEU A 90 29.58 -31.66 -35.56
CA LEU A 90 30.07 -31.40 -36.92
C LEU A 90 30.88 -32.58 -37.44
N VAL A 91 31.72 -33.16 -36.59
CA VAL A 91 32.51 -34.33 -36.99
C VAL A 91 31.60 -35.51 -37.31
N ALA A 92 30.59 -35.73 -36.47
CA ALA A 92 29.65 -36.82 -36.74
C ALA A 92 28.90 -36.61 -38.04
N MET A 93 28.49 -35.37 -38.31
CA MET A 93 27.81 -35.07 -39.57
C MET A 93 28.74 -35.31 -40.76
N HIS A 94 30.00 -34.91 -40.63
CA HIS A 94 30.96 -35.13 -41.72
C HIS A 94 31.19 -36.62 -41.95
N VAL A 95 31.26 -37.41 -40.87
CA VAL A 95 31.44 -38.85 -41.01
C VAL A 95 30.25 -39.47 -41.70
N ALA A 96 29.04 -39.07 -41.33
CA ALA A 96 27.84 -39.58 -41.99
C ALA A 96 27.81 -39.19 -43.45
N HIS A 97 28.22 -37.95 -43.77
CA HIS A 97 28.26 -37.51 -45.16
C HIS A 97 29.27 -38.32 -45.97
N GLN A 98 30.45 -38.60 -45.39
CA GLN A 98 31.44 -39.40 -46.08
C GLN A 98 30.95 -40.83 -46.31
N GLN A 99 30.28 -41.41 -45.31
CA GLN A 99 29.73 -42.75 -45.48
C GLN A 99 28.68 -42.77 -46.58
N HIS A 100 27.81 -41.75 -46.62
CA HIS A 100 26.80 -41.67 -47.67
C HIS A 100 27.44 -41.52 -49.04
N ILE A 101 28.50 -40.69 -49.13
CA ILE A 101 29.19 -40.51 -50.40
C ILE A 101 29.82 -41.82 -50.87
N GLU A 102 30.47 -42.54 -49.96
CA GLU A 102 31.09 -43.81 -50.33
C GLU A 102 30.04 -44.83 -50.74
N LYS A 103 28.89 -44.86 -50.07
CA LYS A 103 27.81 -45.75 -50.47
C LYS A 103 27.29 -45.38 -51.85
N LYS A 104 27.16 -44.09 -52.13
CA LYS A 104 26.65 -43.65 -53.44
C LYS A 104 27.62 -44.04 -54.55
N MET A 105 28.92 -43.89 -54.32
CA MET A 105 29.93 -44.24 -55.30
C MET A 105 30.04 -45.75 -55.47
N ILE A 127 41.64 -42.14 -46.65
CA ILE A 127 40.44 -41.57 -46.06
C ILE A 127 40.53 -41.64 -44.53
N SER A 128 41.31 -42.60 -44.04
CA SER A 128 41.48 -42.75 -42.59
C SER A 128 42.31 -41.62 -42.01
N GLY A 129 43.36 -41.20 -42.72
CA GLY A 129 44.20 -40.13 -42.23
C GLY A 129 43.47 -38.80 -42.13
N THR A 130 42.64 -38.49 -43.12
CA THR A 130 41.85 -37.25 -43.06
C THR A 130 40.90 -37.27 -41.88
N LEU A 131 40.25 -38.42 -41.63
CA LEU A 131 39.36 -38.54 -40.50
C LEU A 131 40.12 -38.39 -39.18
N TRP A 132 41.32 -38.98 -39.10
CA TRP A 132 42.13 -38.85 -37.90
C TRP A 132 42.51 -37.40 -37.64
N TRP A 133 42.95 -36.68 -38.68
CA TRP A 133 43.31 -35.28 -38.51
C TRP A 133 42.09 -34.43 -38.15
N THR A 134 40.93 -34.74 -38.74
CA THR A 134 39.71 -34.03 -38.39
C THR A 134 39.35 -34.24 -36.93
N TYR A 135 39.47 -35.47 -36.43
CA TYR A 135 39.19 -35.72 -35.03
C TYR A 135 40.17 -34.99 -34.11
N VAL A 136 41.45 -34.97 -34.49
CA VAL A 136 42.44 -34.24 -33.69
C VAL A 136 42.10 -32.76 -33.63
N ILE A 137 41.75 -32.18 -34.78
CA ILE A 137 41.40 -30.76 -34.82
C ILE A 137 40.14 -30.50 -34.00
N SER A 138 39.18 -31.43 -34.04
CA SER A 138 37.97 -31.25 -33.25
C SER A 138 38.27 -31.27 -31.76
N VAL A 139 39.14 -32.18 -31.31
CA VAL A 139 39.51 -32.21 -29.90
C VAL A 139 40.23 -30.94 -29.51
N VAL A 140 41.11 -30.45 -30.38
CA VAL A 140 41.82 -29.21 -30.10
C VAL A 140 40.86 -28.04 -29.96
N PHE A 141 39.87 -27.96 -30.86
CA PHE A 141 38.91 -26.86 -30.78
C PHE A 141 38.03 -26.96 -29.54
N ARG A 142 37.65 -28.18 -29.16
CA ARG A 142 36.89 -28.34 -27.92
C ARG A 142 37.70 -27.88 -26.72
N LEU A 143 38.98 -28.25 -26.67
CA LEU A 143 39.86 -27.79 -25.61
C LEU A 143 39.95 -26.27 -25.59
N LEU A 144 40.09 -25.66 -26.77
CA LEU A 144 40.20 -24.21 -26.86
C LEU A 144 38.93 -23.53 -26.35
N PHE A 145 37.77 -24.06 -26.72
CA PHE A 145 36.52 -23.48 -26.25
C PHE A 145 36.38 -23.62 -24.74
N GLU A 146 36.75 -24.78 -24.19
CA GLU A 146 36.73 -24.95 -22.74
C GLU A 146 37.62 -23.92 -22.05
N ALA A 147 38.85 -23.77 -22.54
CA ALA A 147 39.78 -22.83 -21.92
C ALA A 147 39.29 -21.39 -22.01
N VAL A 148 38.77 -20.98 -23.17
CA VAL A 148 38.36 -19.60 -23.33
C VAL A 148 37.13 -19.31 -22.48
N PHE A 149 36.21 -20.27 -22.36
CA PHE A 149 35.04 -20.03 -21.52
C PHE A 149 35.40 -20.00 -20.05
N MET A 150 36.35 -20.84 -19.62
CA MET A 150 36.80 -20.77 -18.23
C MET A 150 37.47 -19.42 -17.96
N TYR A 151 38.29 -18.94 -18.89
CA TYR A 151 38.94 -17.64 -18.71
C TYR A 151 37.91 -16.52 -18.65
N VAL A 152 36.88 -16.57 -19.51
CA VAL A 152 35.83 -15.55 -19.49
C VAL A 152 35.09 -15.58 -18.16
N PHE A 153 34.79 -16.78 -17.65
CA PHE A 153 34.12 -16.88 -16.36
C PHE A 153 34.98 -16.30 -15.25
N TYR A 154 36.28 -16.56 -15.29
CA TYR A 154 37.18 -16.00 -14.28
C TYR A 154 37.23 -14.48 -14.38
N LEU A 155 37.23 -13.96 -15.60
CA LEU A 155 37.32 -12.51 -15.79
C LEU A 155 36.05 -11.81 -15.32
N LEU A 156 34.88 -12.36 -15.63
CA LEU A 156 33.63 -11.73 -15.23
C LEU A 156 33.39 -11.85 -13.73
N TYR A 157 33.65 -13.01 -13.16
CA TYR A 157 33.35 -13.30 -11.75
C TYR A 157 34.61 -13.83 -11.07
N PRO A 158 35.48 -12.93 -10.63
CA PRO A 158 36.66 -13.38 -9.88
C PRO A 158 36.25 -14.08 -8.60
N GLY A 159 36.98 -15.14 -8.26
CA GLY A 159 36.66 -15.94 -7.10
C GLY A 159 35.58 -16.98 -7.39
N TYR A 160 35.41 -17.89 -6.44
CA TYR A 160 34.43 -18.96 -6.55
C TYR A 160 33.20 -18.75 -5.69
N ALA A 161 33.14 -17.66 -4.92
CA ALA A 161 32.09 -17.45 -3.94
C ALA A 161 31.30 -16.18 -4.28
N MET A 162 30.00 -16.23 -3.98
CA MET A 162 29.12 -15.09 -4.15
C MET A 162 28.74 -14.53 -2.80
N VAL A 163 28.79 -13.21 -2.68
CA VAL A 163 28.52 -12.53 -1.42
C VAL A 163 27.05 -12.15 -1.35
N ARG A 164 26.53 -12.07 -0.13
CA ARG A 164 25.13 -11.72 0.05
C ARG A 164 24.88 -10.26 -0.25
N LEU A 165 25.82 -9.39 0.10
CA LEU A 165 25.64 -7.94 0.02
C LEU A 165 26.57 -7.37 -1.05
N VAL A 166 26.05 -6.48 -1.88
CA VAL A 166 26.84 -5.80 -2.89
C VAL A 166 26.56 -4.31 -2.83
N LYS A 167 27.60 -3.50 -3.00
CA LYS A 167 27.49 -2.05 -3.01
C LYS A 167 27.48 -1.56 -4.44
N CYS A 168 26.43 -0.86 -4.85
CA CYS A 168 26.27 -0.42 -6.22
C CYS A 168 26.11 1.08 -6.29
N ASP A 169 26.90 1.73 -7.15
CA ASP A 169 26.85 3.18 -7.36
C ASP A 169 26.79 3.45 -8.86
N VAL A 170 25.58 3.38 -9.41
CA VAL A 170 25.38 3.60 -10.84
C VAL A 170 24.03 4.30 -11.02
N TYR A 171 23.97 5.20 -12.01
CA TYR A 171 22.75 5.96 -12.25
C TYR A 171 21.60 5.00 -12.56
N PRO A 172 20.38 5.29 -12.08
CA PRO A 172 19.95 6.47 -11.33
C PRO A 172 20.05 6.32 -9.81
N CYS A 173 20.67 5.26 -9.31
CA CYS A 173 20.75 5.06 -7.86
C CYS A 173 21.59 6.15 -7.23
N PRO A 174 21.07 6.87 -6.23
CA PRO A 174 21.87 7.91 -5.59
C PRO A 174 23.00 7.32 -4.75
N ASN A 175 24.17 7.98 -4.83
CA ASN A 175 25.41 7.51 -4.23
C ASN A 175 25.56 5.99 -4.31
N THR A 176 25.73 5.35 -3.16
CA THR A 176 25.91 3.91 -3.09
C THR A 176 24.70 3.28 -2.42
N VAL A 177 24.26 2.13 -2.93
CA VAL A 177 23.11 1.42 -2.41
C VAL A 177 23.51 -0.01 -2.10
N ASP A 178 22.80 -0.62 -1.14
CA ASP A 178 23.07 -1.99 -0.69
C ASP A 178 22.06 -2.93 -1.35
N CYS A 179 22.53 -3.71 -2.32
CA CYS A 179 21.71 -4.72 -2.96
C CYS A 179 22.01 -6.09 -2.35
N PHE A 180 21.01 -6.97 -2.37
CA PHE A 180 21.12 -8.28 -1.74
C PHE A 180 20.89 -9.36 -2.79
N VAL A 181 21.86 -10.28 -2.90
CA VAL A 181 21.75 -11.38 -3.85
C VAL A 181 20.93 -12.51 -3.25
N SER A 182 20.30 -13.30 -4.11
CA SER A 182 19.46 -14.42 -3.69
C SER A 182 20.23 -15.73 -3.83
N ARG A 183 20.20 -16.53 -2.77
CA ARG A 183 20.85 -17.84 -2.74
C ARG A 183 22.32 -17.81 -3.16
N PRO A 184 23.17 -17.08 -2.43
CA PRO A 184 24.60 -17.07 -2.80
C PRO A 184 25.30 -18.39 -2.51
N THR A 185 24.91 -19.09 -1.45
CA THR A 185 25.62 -20.31 -1.05
C THR A 185 25.36 -21.45 -2.02
N GLU A 186 24.09 -21.64 -2.40
CA GLU A 186 23.77 -22.70 -3.36
C GLU A 186 24.40 -22.43 -4.71
N LYS A 187 24.38 -21.18 -5.14
CA LYS A 187 25.04 -20.82 -6.40
C LYS A 187 26.54 -21.03 -6.31
N THR A 188 27.14 -20.77 -5.16
CA THR A 188 28.56 -21.05 -4.97
C THR A 188 28.85 -22.55 -5.10
N VAL A 189 28.00 -23.37 -4.48
CA VAL A 189 28.19 -24.82 -4.56
C VAL A 189 28.10 -25.30 -6.00
N PHE A 190 27.09 -24.84 -6.73
CA PHE A 190 26.95 -25.28 -8.11
C PHE A 190 28.06 -24.73 -9.00
N THR A 191 28.55 -23.52 -8.71
CA THR A 191 29.69 -22.99 -9.44
C THR A 191 30.92 -23.84 -9.22
N VAL A 192 31.16 -24.27 -7.98
CA VAL A 192 32.29 -25.15 -7.70
C VAL A 192 32.15 -26.46 -8.47
N PHE A 193 30.95 -27.03 -8.47
CA PHE A 193 30.72 -28.27 -9.22
C PHE A 193 31.04 -28.09 -10.71
N MET A 194 30.49 -27.04 -11.31
CA MET A 194 30.67 -26.83 -12.75
C MET A 194 32.13 -26.54 -13.09
N LEU A 195 32.81 -25.75 -12.27
CA LEU A 195 34.21 -25.44 -12.53
C LEU A 195 35.09 -26.68 -12.41
N ALA A 196 34.82 -27.53 -11.40
CA ALA A 196 35.57 -28.77 -11.28
C ALA A 196 35.34 -29.67 -12.48
N ALA A 197 34.08 -29.76 -12.93
CA ALA A 197 33.79 -30.59 -14.10
C ALA A 197 34.50 -30.06 -15.34
N SER A 198 34.50 -28.74 -15.53
CA SER A 198 35.17 -28.17 -16.70
C SER A 198 36.68 -28.38 -16.64
N GLY A 199 37.27 -28.26 -15.44
CA GLY A 199 38.69 -28.55 -15.30
C GLY A 199 39.03 -29.99 -15.63
N ILE A 200 38.18 -30.91 -15.18
CA ILE A 200 38.38 -32.32 -15.52
C ILE A 200 38.27 -32.52 -17.02
N CYS A 201 37.32 -31.84 -17.67
CA CYS A 201 37.21 -31.92 -19.12
C CYS A 201 38.46 -31.43 -19.82
N ILE A 202 39.01 -30.31 -19.35
CA ILE A 202 40.23 -29.77 -19.96
C ILE A 202 41.39 -30.76 -19.79
N ILE A 203 41.53 -31.33 -18.60
CA ILE A 203 42.61 -32.29 -18.35
C ILE A 203 42.45 -33.50 -19.27
N LEU A 204 41.23 -34.01 -19.40
CA LEU A 204 41.01 -35.18 -20.24
C LEU A 204 41.27 -34.88 -21.70
N ASN A 205 40.90 -33.68 -22.16
CA ASN A 205 41.19 -33.31 -23.55
C ASN A 205 42.69 -33.22 -23.80
N VAL A 206 43.44 -32.64 -22.86
CA VAL A 206 44.89 -32.59 -23.00
C VAL A 206 45.46 -33.99 -23.05
N ALA A 207 44.98 -34.88 -22.18
CA ALA A 207 45.46 -36.26 -22.17
C ALA A 207 45.14 -36.96 -23.47
N GLU A 208 43.94 -36.73 -24.01
CA GLU A 208 43.56 -37.35 -25.28
C GLU A 208 44.45 -36.89 -26.41
N VAL A 209 44.73 -35.58 -26.48
CA VAL A 209 45.60 -35.06 -27.53
C VAL A 209 46.99 -35.66 -27.41
N VAL A 210 47.53 -35.70 -26.19
CA VAL A 210 48.87 -36.24 -25.99
C VAL A 210 48.92 -37.72 -26.37
N TYR A 211 47.90 -38.48 -25.96
CA TYR A 211 47.88 -39.91 -26.26
C TYR A 211 47.80 -40.15 -27.76
N LEU A 212 46.96 -39.38 -28.47
CA LEU A 212 46.87 -39.54 -29.91
C LEU A 212 48.18 -39.19 -30.59
N ILE A 213 48.83 -38.12 -30.15
CA ILE A 213 50.12 -37.74 -30.75
C ILE A 213 51.16 -38.83 -30.52
N ILE A 214 51.21 -39.38 -29.31
CA ILE A 214 52.18 -40.43 -29.01
C ILE A 214 51.90 -41.69 -29.83
N ARG A 215 50.63 -42.08 -29.92
CA ARG A 215 50.28 -43.27 -30.68
C ARG A 215 50.60 -43.12 -32.16
N ALA A 216 50.33 -41.93 -32.71
CA ALA A 216 50.62 -41.70 -34.13
C ALA A 216 52.12 -41.79 -34.41
N CYS A 217 52.94 -41.23 -33.52
CA CYS A 217 54.39 -41.26 -33.70
C CYS A 217 54.99 -42.53 -33.09
N LEU B 9 22.70 -48.05 -17.39
CA LEU B 9 21.46 -47.50 -16.85
C LEU B 9 21.59 -47.27 -15.35
N LEU B 10 20.48 -46.89 -14.72
CA LEU B 10 20.47 -46.65 -13.28
C LEU B 10 20.67 -47.96 -12.53
N SER B 11 21.62 -47.97 -11.59
CA SER B 11 22.05 -49.17 -10.89
C SER B 11 22.23 -50.33 -11.86
N GLY B 12 23.06 -50.09 -12.87
CA GLY B 12 23.17 -50.99 -14.00
C GLY B 12 23.72 -52.35 -13.64
N VAL B 13 23.49 -53.29 -14.54
CA VAL B 13 23.90 -54.67 -14.38
C VAL B 13 25.02 -54.97 -15.37
N ASN B 14 25.80 -56.00 -15.04
CA ASN B 14 26.97 -56.35 -15.85
C ASN B 14 27.12 -57.86 -16.00
N ARG B 15 26.00 -58.60 -15.95
CA ARG B 15 25.98 -60.06 -16.05
C ARG B 15 26.56 -60.69 -14.78
N HIS B 16 27.07 -59.84 -13.87
CA HIS B 16 27.60 -60.31 -12.60
C HIS B 16 26.74 -59.86 -11.41
N SER B 17 25.72 -59.04 -11.65
CA SER B 17 24.86 -58.56 -10.59
C SER B 17 23.96 -59.69 -10.09
N THR B 18 23.86 -59.83 -8.78
CA THR B 18 23.04 -60.87 -8.18
C THR B 18 21.58 -60.39 -8.10
N ALA B 19 20.77 -61.15 -7.36
CA ALA B 19 19.37 -60.78 -7.19
C ALA B 19 19.22 -59.47 -6.43
N ILE B 20 20.06 -59.23 -5.42
CA ILE B 20 19.95 -58.02 -4.61
C ILE B 20 20.63 -56.83 -5.25
N GLY B 21 21.11 -56.96 -6.48
CA GLY B 21 21.74 -55.85 -7.18
C GLY B 21 21.10 -55.58 -8.52
N ARG B 22 20.24 -56.50 -8.95
CA ARG B 22 19.54 -56.38 -10.22
C ARG B 22 18.04 -56.12 -10.05
N VAL B 23 17.43 -56.70 -9.01
CA VAL B 23 15.99 -56.56 -8.81
C VAL B 23 15.64 -55.50 -7.78
N TRP B 24 16.36 -55.43 -6.66
CA TRP B 24 15.97 -54.55 -5.56
C TRP B 24 16.57 -53.15 -5.69
N LEU B 25 17.86 -53.06 -6.05
CA LEU B 25 18.49 -51.74 -6.16
C LEU B 25 17.82 -50.89 -7.23
N SER B 26 17.47 -51.50 -8.36
CA SER B 26 16.78 -50.75 -9.41
C SER B 26 15.42 -50.26 -8.93
N VAL B 27 14.70 -51.11 -8.20
CA VAL B 27 13.39 -50.70 -7.68
C VAL B 27 13.54 -49.53 -6.71
N ILE B 28 14.52 -49.59 -5.82
CA ILE B 28 14.72 -48.50 -4.86
C ILE B 28 15.12 -47.22 -5.58
N PHE B 29 15.98 -47.34 -6.60
CA PHE B 29 16.40 -46.16 -7.36
C PHE B 29 15.22 -45.52 -8.07
N ILE B 30 14.36 -46.34 -8.69
CA ILE B 30 13.18 -45.81 -9.36
C ILE B 30 12.23 -45.16 -8.36
N PHE B 31 12.08 -45.78 -7.18
CA PHE B 31 11.24 -45.20 -6.15
C PHE B 31 11.76 -43.83 -5.72
N ARG B 32 13.07 -43.70 -5.51
CA ARG B 32 13.64 -42.42 -5.15
C ARG B 32 13.46 -41.39 -6.26
N ILE B 33 13.65 -41.81 -7.51
CA ILE B 33 13.47 -40.90 -8.64
C ILE B 33 12.03 -40.38 -8.68
N MET B 34 11.06 -41.28 -8.53
CA MET B 34 9.66 -40.88 -8.59
C MET B 34 9.29 -39.97 -7.43
N VAL B 35 9.77 -40.28 -6.23
CA VAL B 35 9.49 -39.42 -5.08
C VAL B 35 10.08 -38.04 -5.29
N LEU B 36 11.32 -37.97 -5.78
CA LEU B 36 11.95 -36.68 -6.02
C LEU B 36 11.20 -35.90 -7.10
N VAL B 37 10.72 -36.58 -8.13
CA VAL B 37 9.96 -35.91 -9.19
C VAL B 37 8.65 -35.34 -8.64
N VAL B 38 7.93 -36.14 -7.83
CA VAL B 38 6.64 -35.69 -7.33
C VAL B 38 6.75 -34.71 -6.17
N ALA B 39 7.94 -34.55 -5.59
CA ALA B 39 8.13 -33.59 -4.50
C ALA B 39 9.04 -32.42 -4.85
N ALA B 40 9.61 -32.38 -6.05
CA ALA B 40 10.60 -31.36 -6.36
C ALA B 40 9.97 -29.97 -6.45
N GLU B 41 8.87 -29.84 -7.19
CA GLU B 41 8.23 -28.55 -7.38
C GLU B 41 6.96 -28.37 -6.56
N SER B 42 6.34 -29.46 -6.11
CA SER B 42 5.11 -29.33 -5.34
C SER B 42 5.39 -28.81 -3.93
N VAL B 43 6.40 -29.35 -3.26
CA VAL B 43 6.70 -29.02 -1.88
C VAL B 43 7.73 -27.91 -1.78
N TRP B 44 8.87 -28.07 -2.44
CA TRP B 44 9.96 -27.10 -2.38
C TRP B 44 9.86 -26.03 -3.46
N GLY B 45 8.72 -25.93 -4.15
CA GLY B 45 8.59 -24.93 -5.20
C GLY B 45 8.62 -23.51 -4.66
N ASP B 46 7.90 -23.26 -3.58
CA ASP B 46 7.79 -21.92 -2.99
C ASP B 46 8.51 -21.86 -1.65
N GLU B 47 9.66 -22.51 -1.57
CA GLU B 47 10.46 -22.47 -0.34
C GLU B 47 11.01 -21.07 -0.08
N LYS B 48 11.25 -20.30 -1.15
CA LYS B 48 11.88 -18.99 -1.00
C LYS B 48 10.83 -17.89 -0.90
N SER B 49 9.80 -17.94 -1.75
CA SER B 49 8.81 -16.88 -1.77
C SER B 49 7.88 -16.90 -0.56
N SER B 50 7.46 -18.10 -0.12
CA SER B 50 6.58 -18.18 1.04
C SER B 50 7.35 -17.92 2.33
N PHE B 51 8.67 -18.01 2.27
CA PHE B 51 9.50 -17.75 3.43
C PHE B 51 9.50 -16.26 3.74
N ILE B 52 8.95 -15.90 4.90
CA ILE B 52 8.85 -14.51 5.33
C ILE B 52 9.35 -14.39 6.75
N CYS B 53 9.86 -13.20 7.09
CA CYS B 53 10.34 -12.92 8.43
C CYS B 53 9.55 -11.77 9.05
N ASN B 54 9.62 -11.68 10.37
CA ASN B 54 8.88 -10.66 11.13
C ASN B 54 9.76 -9.44 11.36
N THR B 55 10.05 -8.72 10.29
CA THR B 55 10.86 -7.51 10.37
C THR B 55 10.48 -6.57 9.23
N LEU B 56 10.81 -5.30 9.42
CA LEU B 56 10.62 -4.29 8.38
C LEU B 56 11.91 -3.95 7.65
N GLN B 57 13.02 -4.58 8.01
CA GLN B 57 14.30 -4.34 7.37
C GLN B 57 14.32 -4.93 5.96
N PRO B 58 14.59 -4.14 4.93
CA PRO B 58 14.68 -4.70 3.59
C PRO B 58 15.90 -5.59 3.43
N GLY B 59 15.71 -6.68 2.68
CA GLY B 59 16.78 -7.62 2.41
C GLY B 59 17.03 -8.64 3.48
N CYS B 60 16.28 -8.62 4.58
CA CYS B 60 16.50 -9.57 5.67
C CYS B 60 15.99 -10.96 5.32
N ASN B 61 14.91 -11.06 4.55
CA ASN B 61 14.37 -12.37 4.20
C ASN B 61 15.37 -13.21 3.42
N SER B 62 16.03 -12.61 2.42
CA SER B 62 16.94 -13.37 1.58
C SER B 62 18.16 -13.84 2.36
N VAL B 63 18.73 -12.97 3.18
CA VAL B 63 19.92 -13.35 3.95
C VAL B 63 19.56 -14.42 4.98
N CYS B 64 18.38 -14.28 5.62
CA CYS B 64 17.96 -15.31 6.57
C CYS B 64 17.75 -16.65 5.89
N TYR B 65 17.09 -16.66 4.72
CA TYR B 65 16.87 -17.91 4.01
C TYR B 65 18.20 -18.55 3.61
N ASP B 66 19.14 -17.76 3.10
CA ASP B 66 20.43 -18.31 2.73
C ASP B 66 21.18 -18.80 3.95
N GLN B 67 20.95 -18.18 5.11
CA GLN B 67 21.61 -18.63 6.33
C GLN B 67 21.08 -19.98 6.78
N PHE B 68 19.76 -20.17 6.74
CA PHE B 68 19.18 -21.40 7.28
C PHE B 68 19.06 -22.52 6.25
N PHE B 69 19.18 -22.23 4.96
CA PHE B 69 19.11 -23.24 3.91
C PHE B 69 20.26 -23.03 2.94
N PRO B 70 21.47 -23.44 3.31
CA PRO B 70 22.61 -23.26 2.40
C PRO B 70 22.40 -23.93 1.05
N ILE B 71 21.79 -25.12 1.04
CA ILE B 71 21.43 -25.80 -0.19
C ILE B 71 20.18 -26.63 0.09
N SER B 72 19.17 -26.47 -0.77
CA SER B 72 17.87 -27.06 -0.52
C SER B 72 17.95 -28.59 -0.53
N HIS B 73 17.00 -29.22 0.16
CA HIS B 73 16.97 -30.68 0.24
C HIS B 73 16.80 -31.30 -1.14
N VAL B 74 15.94 -30.72 -1.97
CA VAL B 74 15.64 -31.31 -3.28
C VAL B 74 16.89 -31.34 -4.14
N ARG B 75 17.63 -30.24 -4.17
CA ARG B 75 18.82 -30.18 -5.03
C ARG B 75 19.95 -31.03 -4.46
N LEU B 76 20.04 -31.13 -3.14
CA LEU B 76 21.02 -32.04 -2.53
C LEU B 76 20.73 -33.49 -2.91
N TRP B 77 19.46 -33.88 -2.86
CA TRP B 77 19.08 -35.24 -3.26
C TRP B 77 19.30 -35.45 -4.75
N SER B 78 19.05 -34.42 -5.56
CA SER B 78 19.30 -34.53 -6.99
C SER B 78 20.78 -34.77 -7.28
N LEU B 79 21.66 -34.00 -6.63
CA LEU B 79 23.09 -34.22 -6.80
C LEU B 79 23.50 -35.60 -6.32
N GLN B 80 22.93 -36.05 -5.20
CA GLN B 80 23.23 -37.39 -4.72
C GLN B 80 22.83 -38.45 -5.72
N LEU B 81 21.64 -38.33 -6.31
CA LEU B 81 21.17 -39.30 -7.29
C LEU B 81 22.05 -39.27 -8.54
N ILE B 82 22.44 -38.09 -9.00
CA ILE B 82 23.29 -38.00 -10.19
C ILE B 82 24.64 -38.67 -9.94
N LEU B 83 25.25 -38.36 -8.79
CA LEU B 83 26.56 -38.95 -8.50
C LEU B 83 26.47 -40.44 -8.23
N VAL B 84 25.34 -40.92 -7.71
CA VAL B 84 25.16 -42.35 -7.53
C VAL B 84 24.99 -43.06 -8.86
N SER B 85 24.25 -42.43 -9.78
CA SER B 85 24.03 -43.02 -11.10
C SER B 85 25.25 -42.94 -12.01
N THR B 86 26.17 -42.03 -11.73
CA THR B 86 27.34 -41.87 -12.59
C THR B 86 28.18 -43.14 -12.74
N PRO B 87 28.60 -43.83 -11.68
CA PRO B 87 29.44 -45.03 -11.88
C PRO B 87 28.75 -46.13 -12.68
N ALA B 88 27.45 -46.34 -12.48
CA ALA B 88 26.75 -47.37 -13.25
C ALA B 88 26.73 -47.02 -14.73
N LEU B 89 26.46 -45.76 -15.06
CA LEU B 89 26.47 -45.33 -16.45
C LEU B 89 27.87 -45.47 -17.05
N LEU B 90 28.90 -45.14 -16.28
CA LEU B 90 30.27 -45.30 -16.77
C LEU B 90 30.60 -46.76 -17.03
N VAL B 91 30.17 -47.66 -16.14
CA VAL B 91 30.41 -49.09 -16.35
C VAL B 91 29.68 -49.58 -17.58
N ALA B 92 28.43 -49.15 -17.77
CA ALA B 92 27.68 -49.57 -18.95
C ALA B 92 28.35 -49.06 -20.22
N MET B 93 28.84 -47.81 -20.21
CA MET B 93 29.54 -47.27 -21.36
C MET B 93 30.81 -48.07 -21.66
N HIS B 94 31.55 -48.42 -20.61
CA HIS B 94 32.77 -49.21 -20.80
C HIS B 94 32.45 -50.59 -21.36
N VAL B 95 31.36 -51.21 -20.88
CA VAL B 95 30.98 -52.53 -21.40
C VAL B 95 30.60 -52.43 -22.87
N ALA B 96 29.83 -51.40 -23.23
CA ALA B 96 29.48 -51.21 -24.63
C ALA B 96 30.71 -50.97 -25.49
N HIS B 97 31.66 -50.19 -24.98
CA HIS B 97 32.90 -49.94 -25.72
C HIS B 97 33.69 -51.22 -25.92
N GLN B 98 33.78 -52.06 -24.87
CA GLN B 98 34.49 -53.32 -25.00
C GLN B 98 33.81 -54.26 -25.99
N GLN B 99 32.48 -54.30 -25.97
CA GLN B 99 31.75 -55.13 -26.94
C GLN B 99 32.00 -54.63 -28.36
N HIS B 100 31.97 -53.32 -28.56
CA HIS B 100 32.23 -52.77 -29.89
C HIS B 100 33.66 -53.09 -30.34
N ILE B 101 34.62 -52.98 -29.43
CA ILE B 101 36.01 -53.28 -29.78
C ILE B 101 36.15 -54.76 -30.16
N GLU B 102 35.54 -55.65 -29.40
CA GLU B 102 35.62 -57.07 -29.71
C GLU B 102 34.95 -57.38 -31.05
N LYS B 103 33.82 -56.73 -31.33
CA LYS B 103 33.18 -56.90 -32.63
C LYS B 103 34.08 -56.40 -33.76
N LYS B 104 34.75 -55.28 -33.54
CA LYS B 104 35.64 -54.72 -34.56
C LYS B 104 36.81 -55.65 -34.84
N MET B 105 37.40 -56.23 -33.79
CA MET B 105 38.52 -57.14 -33.94
C MET B 105 38.07 -58.48 -34.52
N ILE B 127 39.16 -61.23 -19.79
CA ILE B 127 38.30 -60.05 -19.94
C ILE B 127 37.19 -60.08 -18.89
N SER B 128 36.83 -61.30 -18.45
CA SER B 128 35.80 -61.43 -17.43
C SER B 128 36.27 -60.91 -16.08
N GLY B 129 37.53 -61.19 -15.72
CA GLY B 129 38.04 -60.73 -14.44
C GLY B 129 38.12 -59.22 -14.34
N THR B 130 38.54 -58.56 -15.42
CA THR B 130 38.59 -57.10 -15.42
C THR B 130 37.20 -56.51 -15.26
N LEU B 131 36.22 -57.09 -15.95
CA LEU B 131 34.84 -56.62 -15.82
C LEU B 131 34.32 -56.82 -14.40
N TRP B 132 34.65 -57.97 -13.80
CA TRP B 132 34.23 -58.23 -12.42
C TRP B 132 34.83 -57.23 -11.45
N TRP B 133 36.13 -56.95 -11.59
CA TRP B 133 36.77 -55.97 -10.71
C TRP B 133 36.20 -54.58 -10.94
N THR B 134 35.91 -54.23 -12.20
CA THR B 134 35.31 -52.93 -12.48
C THR B 134 33.94 -52.80 -11.82
N TYR B 135 33.13 -53.86 -11.89
CA TYR B 135 31.82 -53.83 -11.24
C TYR B 135 31.95 -53.70 -9.72
N VAL B 136 32.92 -54.42 -9.14
CA VAL B 136 33.13 -54.31 -7.69
C VAL B 136 33.52 -52.89 -7.31
N ILE B 137 34.43 -52.30 -8.08
CA ILE B 137 34.86 -50.93 -7.79
C ILE B 137 33.70 -49.95 -7.96
N SER B 138 32.85 -50.19 -8.96
CA SER B 138 31.70 -49.33 -9.16
C SER B 138 30.74 -49.40 -7.98
N VAL B 139 30.47 -50.61 -7.47
CA VAL B 139 29.59 -50.75 -6.32
C VAL B 139 30.20 -50.07 -5.10
N VAL B 140 31.52 -50.22 -4.92
CA VAL B 140 32.19 -49.57 -3.80
C VAL B 140 32.05 -48.06 -3.89
N PHE B 141 32.24 -47.50 -5.09
CA PHE B 141 32.15 -46.05 -5.24
C PHE B 141 30.73 -45.56 -5.03
N ARG B 142 29.73 -46.33 -5.49
CA ARG B 142 28.35 -45.96 -5.23
C ARG B 142 28.05 -45.94 -3.74
N LEU B 143 28.55 -46.95 -3.01
CA LEU B 143 28.38 -46.99 -1.57
C LEU B 143 29.05 -45.78 -0.91
N LEU B 144 30.25 -45.44 -1.38
CA LEU B 144 30.98 -44.30 -0.81
C LEU B 144 30.21 -43.00 -1.04
N PHE B 145 29.66 -42.81 -2.24
CA PHE B 145 28.89 -41.60 -2.52
C PHE B 145 27.64 -41.54 -1.66
N GLU B 146 26.95 -42.67 -1.50
CA GLU B 146 25.78 -42.70 -0.62
C GLU B 146 26.15 -42.30 0.80
N ALA B 147 27.22 -42.89 1.33
CA ALA B 147 27.62 -42.58 2.70
C ALA B 147 28.02 -41.12 2.87
N VAL B 148 28.79 -40.58 1.92
CA VAL B 148 29.26 -39.22 2.07
C VAL B 148 28.10 -38.23 1.95
N PHE B 149 27.14 -38.51 1.06
CA PHE B 149 26.00 -37.61 0.94
C PHE B 149 25.11 -37.68 2.18
N MET B 150 24.92 -38.88 2.74
CA MET B 150 24.16 -38.97 3.98
C MET B 150 24.85 -38.21 5.12
N TYR B 151 26.18 -38.32 5.20
CA TYR B 151 26.91 -37.60 6.24
C TYR B 151 26.80 -36.08 6.03
N VAL B 152 26.88 -35.63 4.78
CA VAL B 152 26.73 -34.20 4.50
C VAL B 152 25.33 -33.72 4.89
N PHE B 153 24.30 -34.51 4.58
CA PHE B 153 22.95 -34.13 4.95
C PHE B 153 22.80 -34.06 6.47
N TYR B 154 23.41 -35.01 7.19
CA TYR B 154 23.36 -34.97 8.65
C TYR B 154 24.09 -33.74 9.19
N LEU B 155 25.21 -33.38 8.58
CA LEU B 155 25.99 -32.25 9.07
C LEU B 155 25.27 -30.92 8.82
N LEU B 156 24.65 -30.77 7.65
CA LEU B 156 23.97 -29.51 7.33
C LEU B 156 22.67 -29.38 8.11
N TYR B 157 21.90 -30.45 8.22
CA TYR B 157 20.58 -30.43 8.84
C TYR B 157 20.50 -31.50 9.91
N PRO B 158 21.00 -31.22 11.11
CA PRO B 158 20.87 -32.18 12.21
C PRO B 158 19.40 -32.45 12.51
N GLY B 159 19.09 -33.70 12.81
CA GLY B 159 17.72 -34.11 13.06
C GLY B 159 16.96 -34.39 11.78
N TYR B 160 15.78 -34.99 11.95
CA TYR B 160 14.93 -35.36 10.84
C TYR B 160 13.73 -34.44 10.68
N ALA B 161 13.56 -33.45 11.55
CA ALA B 161 12.37 -32.61 11.57
C ALA B 161 12.73 -31.16 11.30
N MET B 162 11.80 -30.45 10.67
CA MET B 162 11.93 -29.03 10.41
C MET B 162 10.96 -28.25 11.27
N VAL B 163 11.43 -27.17 11.87
CA VAL B 163 10.63 -26.37 12.79
C VAL B 163 9.97 -25.23 12.03
N ARG B 164 8.82 -24.79 12.51
CA ARG B 164 8.10 -23.70 11.86
C ARG B 164 8.80 -22.37 12.06
N LEU B 165 9.40 -22.15 13.23
CA LEU B 165 9.96 -20.87 13.62
C LEU B 165 11.47 -20.99 13.75
N VAL B 166 12.20 -20.02 13.21
CA VAL B 166 13.65 -19.97 13.30
C VAL B 166 14.07 -18.57 13.74
N LYS B 167 15.07 -18.50 14.61
CA LYS B 167 15.61 -17.23 15.09
C LYS B 167 16.90 -16.93 14.34
N CYS B 168 16.94 -15.79 13.64
CA CYS B 168 18.08 -15.44 12.81
C CYS B 168 18.66 -14.10 13.23
N ASP B 169 19.97 -14.07 13.44
CA ASP B 169 20.70 -12.85 13.81
C ASP B 169 21.90 -12.70 12.89
N VAL B 170 21.67 -12.13 11.70
CA VAL B 170 22.72 -11.93 10.72
C VAL B 170 22.45 -10.61 10.00
N TYR B 171 23.52 -9.91 9.66
CA TYR B 171 23.40 -8.62 8.99
C TYR B 171 22.63 -8.78 7.68
N PRO B 172 21.76 -7.83 7.32
CA PRO B 172 21.45 -6.56 7.99
C PRO B 172 20.31 -6.64 9.00
N CYS B 173 19.81 -7.83 9.33
CA CYS B 173 18.69 -7.94 10.25
C CYS B 173 19.11 -7.46 11.64
N PRO B 174 18.39 -6.52 12.23
CA PRO B 174 18.75 -6.06 13.58
C PRO B 174 18.48 -7.13 14.63
N ASN B 175 19.42 -7.27 15.56
CA ASN B 175 19.45 -8.32 16.56
C ASN B 175 18.91 -9.65 16.03
N THR B 176 17.89 -10.19 16.68
CA THR B 176 17.31 -11.47 16.32
C THR B 176 15.92 -11.25 15.73
N VAL B 177 15.61 -11.98 14.66
CA VAL B 177 14.33 -11.88 13.97
C VAL B 177 13.72 -13.28 13.87
N ASP B 178 12.39 -13.32 13.82
CA ASP B 178 11.62 -14.56 13.77
C ASP B 178 11.21 -14.82 12.31
N CYS B 179 11.86 -15.80 11.68
CA CYS B 179 11.49 -16.22 10.34
C CYS B 179 10.64 -17.48 10.42
N PHE B 180 9.76 -17.65 9.42
CA PHE B 180 8.79 -18.75 9.39
C PHE B 180 9.02 -19.59 8.15
N VAL B 181 9.24 -20.89 8.35
CA VAL B 181 9.45 -21.81 7.24
C VAL B 181 8.10 -22.24 6.68
N SER B 182 8.09 -22.61 5.40
CA SER B 182 6.88 -23.03 4.71
C SER B 182 6.84 -24.55 4.60
N ARG B 183 5.71 -25.14 4.97
CA ARG B 183 5.49 -26.57 4.90
C ARG B 183 6.57 -27.39 5.60
N PRO B 184 6.76 -27.23 6.91
CA PRO B 184 7.78 -28.05 7.60
C PRO B 184 7.38 -29.51 7.74
N THR B 185 6.08 -29.79 7.91
CA THR B 185 5.66 -31.17 8.16
C THR B 185 5.78 -32.03 6.92
N GLU B 186 5.32 -31.51 5.77
CA GLU B 186 5.44 -32.27 4.53
C GLU B 186 6.90 -32.49 4.16
N LYS B 187 7.74 -31.47 4.35
CA LYS B 187 9.16 -31.64 4.08
C LYS B 187 9.78 -32.65 5.03
N THR B 188 9.32 -32.69 6.28
CA THR B 188 9.81 -33.69 7.21
C THR B 188 9.43 -35.10 6.75
N VAL B 189 8.19 -35.27 6.28
CA VAL B 189 7.75 -36.58 5.80
C VAL B 189 8.59 -37.03 4.62
N PHE B 190 8.80 -36.13 3.66
CA PHE B 190 9.60 -36.51 2.49
C PHE B 190 11.06 -36.74 2.85
N THR B 191 11.59 -35.99 3.82
CA THR B 191 12.95 -36.24 4.28
C THR B 191 13.07 -37.62 4.90
N VAL B 192 12.07 -38.02 5.70
CA VAL B 192 12.09 -39.36 6.28
C VAL B 192 12.06 -40.42 5.18
N PHE B 193 11.21 -40.22 4.17
CA PHE B 193 11.14 -41.16 3.06
C PHE B 193 12.50 -41.29 2.37
N MET B 194 13.10 -40.16 2.02
CA MET B 194 14.36 -40.19 1.28
C MET B 194 15.49 -40.79 2.11
N LEU B 195 15.55 -40.46 3.40
CA LEU B 195 16.59 -41.01 4.25
C LEU B 195 16.44 -42.51 4.42
N ALA B 196 15.20 -42.99 4.59
CA ALA B 196 14.98 -44.43 4.68
C ALA B 196 15.39 -45.12 3.39
N ALA B 197 15.05 -44.54 2.24
CA ALA B 197 15.44 -45.14 0.96
C ALA B 197 16.96 -45.18 0.82
N SER B 198 17.65 -44.10 1.20
CA SER B 198 19.10 -44.08 1.09
C SER B 198 19.74 -45.09 2.03
N GLY B 199 19.19 -45.25 3.24
CA GLY B 199 19.71 -46.25 4.15
C GLY B 199 19.53 -47.66 3.60
N ILE B 200 18.38 -47.92 2.99
CA ILE B 200 18.17 -49.23 2.35
C ILE B 200 19.17 -49.43 1.22
N CYS B 201 19.44 -48.39 0.44
CA CYS B 201 20.43 -48.49 -0.62
C CYS B 201 21.80 -48.82 -0.08
N ILE B 202 22.20 -48.17 1.03
CA ILE B 202 23.51 -48.45 1.62
C ILE B 202 23.57 -49.89 2.11
N ILE B 203 22.52 -50.36 2.77
CA ILE B 203 22.50 -51.74 3.25
C ILE B 203 22.62 -52.72 2.10
N LEU B 204 21.87 -52.47 1.02
CA LEU B 204 21.91 -53.38 -0.11
C LEU B 204 23.27 -53.37 -0.80
N ASN B 205 23.92 -52.19 -0.88
CA ASN B 205 25.25 -52.14 -1.47
C ASN B 205 26.26 -52.91 -0.62
N VAL B 206 26.17 -52.78 0.71
CA VAL B 206 27.06 -53.55 1.59
C VAL B 206 26.82 -55.04 1.39
N ALA B 207 25.56 -55.45 1.32
CA ALA B 207 25.24 -56.87 1.12
C ALA B 207 25.76 -57.36 -0.23
N GLU B 208 25.64 -56.55 -1.27
CA GLU B 208 26.13 -56.93 -2.58
C GLU B 208 27.65 -57.12 -2.57
N VAL B 209 28.37 -56.18 -1.95
CA VAL B 209 29.83 -56.30 -1.88
C VAL B 209 30.22 -57.55 -1.12
N VAL B 210 29.58 -57.81 0.02
CA VAL B 210 29.91 -58.98 0.83
C VAL B 210 29.61 -60.25 0.05
N TYR B 211 28.46 -60.30 -0.63
CA TYR B 211 28.10 -61.49 -1.39
C TYR B 211 29.08 -61.77 -2.51
N LEU B 212 29.48 -60.71 -3.24
CA LEU B 212 30.45 -60.89 -4.32
C LEU B 212 31.79 -61.37 -3.78
N ILE B 213 32.24 -60.80 -2.66
CA ILE B 213 33.52 -61.22 -2.07
C ILE B 213 33.45 -62.68 -1.65
N ILE B 214 32.34 -63.09 -1.03
CA ILE B 214 32.20 -64.48 -0.59
C ILE B 214 32.16 -65.43 -1.79
N ARG B 215 31.40 -65.06 -2.83
CA ARG B 215 31.29 -65.91 -4.01
C ARG B 215 32.64 -66.06 -4.71
N ALA B 216 33.40 -64.96 -4.82
CA ALA B 216 34.70 -65.03 -5.47
C ALA B 216 35.66 -65.93 -4.71
N CYS B 217 35.66 -65.85 -3.38
CA CYS B 217 36.55 -66.66 -2.56
C CYS B 217 35.91 -68.01 -2.25
N LEU C 9 5.16 -53.60 -15.16
CA LEU C 9 4.32 -52.44 -15.40
C LEU C 9 3.33 -52.23 -14.25
N LEU C 10 2.45 -51.24 -14.41
CA LEU C 10 1.45 -50.97 -13.38
C LEU C 10 0.46 -52.12 -13.29
N SER C 11 0.22 -52.59 -12.07
CA SER C 11 -0.59 -53.77 -11.79
C SER C 11 -0.22 -54.91 -12.76
N GLY C 12 1.06 -55.24 -12.77
CA GLY C 12 1.61 -56.12 -13.77
C GLY C 12 1.05 -57.53 -13.70
N VAL C 13 1.24 -58.24 -14.80
CA VAL C 13 0.76 -59.61 -14.95
C VAL C 13 1.96 -60.56 -14.98
N ASN C 14 1.69 -61.82 -14.64
CA ASN C 14 2.76 -62.81 -14.56
C ASN C 14 2.33 -64.16 -15.13
N ARG C 15 1.41 -64.14 -16.11
CA ARG C 15 0.88 -65.34 -16.74
C ARG C 15 -0.04 -66.09 -15.78
N HIS C 16 -0.13 -65.61 -14.54
CA HIS C 16 -1.00 -66.20 -13.53
C HIS C 16 -2.15 -65.27 -13.15
N SER C 17 -2.15 -64.04 -13.65
CA SER C 17 -3.20 -63.08 -13.31
C SER C 17 -4.50 -63.46 -14.01
N THR C 18 -5.60 -63.43 -13.26
CA THR C 18 -6.90 -63.78 -13.81
C THR C 18 -7.51 -62.57 -14.53
N ALA C 19 -8.80 -62.69 -14.87
CA ALA C 19 -9.47 -61.60 -15.55
C ALA C 19 -9.62 -60.37 -14.66
N ILE C 20 -9.86 -60.56 -13.37
CA ILE C 20 -10.05 -59.45 -12.45
C ILE C 20 -8.73 -58.86 -11.95
N GLY C 21 -7.60 -59.32 -12.48
CA GLY C 21 -6.32 -58.78 -12.10
C GLY C 21 -5.54 -58.28 -13.31
N ARG C 22 -5.99 -58.68 -14.50
CA ARG C 22 -5.37 -58.25 -15.74
C ARG C 22 -6.18 -57.20 -16.48
N VAL C 23 -7.51 -57.23 -16.36
CA VAL C 23 -8.37 -56.33 -17.10
C VAL C 23 -8.88 -55.18 -16.24
N TRP C 24 -9.33 -55.45 -15.01
CA TRP C 24 -9.99 -54.42 -14.21
C TRP C 24 -9.02 -53.61 -13.37
N LEU C 25 -8.05 -54.27 -12.73
CA LEU C 25 -7.11 -53.54 -11.88
C LEU C 25 -6.29 -52.54 -12.69
N SER C 26 -5.86 -52.92 -13.89
CA SER C 26 -5.13 -51.99 -14.75
C SER C 26 -5.99 -50.80 -15.12
N VAL C 27 -7.27 -51.04 -15.44
CA VAL C 27 -8.16 -49.94 -15.79
C VAL C 27 -8.33 -48.99 -14.62
N ILE C 28 -8.52 -49.52 -13.42
CA ILE C 28 -8.69 -48.67 -12.25
C ILE C 28 -7.42 -47.89 -11.96
N PHE C 29 -6.25 -48.53 -12.11
CA PHE C 29 -4.99 -47.84 -11.89
C PHE C 29 -4.79 -46.70 -12.88
N ILE C 30 -5.12 -46.95 -14.15
CA ILE C 30 -4.98 -45.90 -15.16
C ILE C 30 -5.97 -44.77 -14.88
N PHE C 31 -7.18 -45.11 -14.43
CA PHE C 31 -8.17 -44.09 -14.08
C PHE C 31 -7.66 -43.21 -12.95
N ARG C 32 -7.09 -43.82 -11.91
CA ARG C 32 -6.54 -43.04 -10.80
C ARG C 32 -5.39 -42.17 -11.26
N ILE C 33 -4.50 -42.72 -12.11
CA ILE C 33 -3.38 -41.93 -12.61
C ILE C 33 -3.87 -40.71 -13.37
N MET C 34 -4.86 -40.92 -14.25
CA MET C 34 -5.37 -39.81 -15.06
C MET C 34 -6.06 -38.76 -14.19
N VAL C 35 -6.85 -39.19 -13.20
CA VAL C 35 -7.51 -38.25 -12.31
C VAL C 35 -6.47 -37.45 -11.53
N LEU C 36 -5.45 -38.12 -11.02
CA LEU C 36 -4.41 -37.42 -10.27
C LEU C 36 -3.66 -36.43 -11.16
N VAL C 37 -3.41 -36.80 -12.42
CA VAL C 37 -2.73 -35.90 -13.33
C VAL C 37 -3.58 -34.66 -13.61
N VAL C 38 -4.87 -34.86 -13.87
CA VAL C 38 -5.73 -33.73 -14.21
C VAL C 38 -6.16 -32.91 -13.00
N ALA C 39 -5.92 -33.39 -11.79
CA ALA C 39 -6.26 -32.62 -10.60
C ALA C 39 -5.06 -32.19 -9.77
N ALA C 40 -3.84 -32.56 -10.16
CA ALA C 40 -2.68 -32.29 -9.31
C ALA C 40 -2.36 -30.79 -9.25
N GLU C 41 -2.29 -30.14 -10.41
CA GLU C 41 -1.94 -28.73 -10.47
C GLU C 41 -3.13 -27.81 -10.67
N SER C 42 -4.25 -28.33 -11.21
CA SER C 42 -5.41 -27.49 -11.44
C SER C 42 -6.11 -27.11 -10.14
N VAL C 43 -6.31 -28.07 -9.25
CA VAL C 43 -7.06 -27.86 -8.02
C VAL C 43 -6.14 -27.51 -6.86
N TRP C 44 -5.15 -28.34 -6.59
CA TRP C 44 -4.23 -28.14 -5.48
C TRP C 44 -3.03 -27.27 -5.85
N GLY C 45 -3.07 -26.60 -7.00
CA GLY C 45 -1.95 -25.76 -7.40
C GLY C 45 -1.74 -24.57 -6.48
N ASP C 46 -2.82 -23.88 -6.13
CA ASP C 46 -2.77 -22.68 -5.32
C ASP C 46 -3.35 -22.93 -3.92
N GLU C 47 -3.10 -24.12 -3.38
CA GLU C 47 -3.59 -24.43 -2.05
C GLU C 47 -2.93 -23.57 -0.99
N LYS C 48 -1.67 -23.17 -1.22
CA LYS C 48 -0.93 -22.41 -0.21
C LYS C 48 -1.08 -20.91 -0.41
N SER C 49 -1.02 -20.45 -1.66
CA SER C 49 -1.07 -19.02 -1.93
C SER C 49 -2.46 -18.44 -1.75
N SER C 50 -3.50 -19.15 -2.18
CA SER C 50 -4.85 -18.64 -2.02
C SER C 50 -5.34 -18.78 -0.58
N PHE C 51 -4.64 -19.59 0.22
CA PHE C 51 -4.98 -19.74 1.62
C PHE C 51 -4.60 -18.50 2.41
N ILE C 52 -5.61 -17.82 2.94
CA ILE C 52 -5.40 -16.58 3.69
C ILE C 52 -6.16 -16.66 5.00
N CYS C 53 -5.70 -15.92 5.99
CA CYS C 53 -6.34 -15.86 7.30
C CYS C 53 -6.74 -14.43 7.63
N ASN C 54 -7.65 -14.30 8.58
CA ASN C 54 -8.18 -13.00 8.99
C ASN C 54 -7.40 -12.46 10.18
N THR C 55 -6.14 -12.09 9.94
CA THR C 55 -5.28 -11.54 10.97
C THR C 55 -4.24 -10.64 10.34
N LEU C 56 -3.66 -9.76 11.18
CA LEU C 56 -2.57 -8.90 10.76
C LEU C 56 -1.23 -9.40 11.24
N GLN C 57 -1.19 -10.51 11.97
CA GLN C 57 0.06 -11.06 12.48
C GLN C 57 0.88 -11.66 11.34
N PRO C 58 2.12 -11.22 11.14
CA PRO C 58 2.96 -11.82 10.10
C PRO C 58 3.33 -13.26 10.43
N GLY C 59 3.35 -14.09 9.39
CA GLY C 59 3.72 -15.49 9.55
C GLY C 59 2.63 -16.40 10.04
N CYS C 60 1.42 -15.89 10.27
CA CYS C 60 0.33 -16.72 10.77
C CYS C 60 -0.25 -17.62 9.68
N ASN C 61 -0.26 -17.16 8.42
CA ASN C 61 -0.83 -17.97 7.35
C ASN C 61 -0.06 -19.28 7.17
N SER C 62 1.27 -19.21 7.17
CA SER C 62 2.06 -20.42 6.91
C SER C 62 1.91 -21.43 8.04
N VAL C 63 1.95 -20.97 9.29
CA VAL C 63 1.82 -21.90 10.41
C VAL C 63 0.41 -22.49 10.44
N CYS C 64 -0.61 -21.69 10.15
CA CYS C 64 -1.97 -22.22 10.10
C CYS C 64 -2.11 -23.27 9.00
N TYR C 65 -1.58 -22.99 7.82
CA TYR C 65 -1.67 -23.95 6.72
C TYR C 65 -0.95 -25.25 7.08
N ASP C 66 0.24 -25.15 7.66
CA ASP C 66 0.96 -26.37 8.04
C ASP C 66 0.23 -27.11 9.16
N GLN C 67 -0.51 -26.38 9.99
CA GLN C 67 -1.27 -27.03 11.05
C GLN C 67 -2.44 -27.82 10.49
N PHE C 68 -3.16 -27.26 9.52
CA PHE C 68 -4.37 -27.91 9.03
C PHE C 68 -4.13 -28.84 7.86
N PHE C 69 -2.97 -28.75 7.20
CA PHE C 69 -2.64 -29.62 6.07
C PHE C 69 -1.23 -30.15 6.25
N PRO C 70 -1.05 -31.14 7.14
CA PRO C 70 0.30 -31.69 7.35
C PRO C 70 0.93 -32.22 6.07
N ILE C 71 0.13 -32.86 5.22
CA ILE C 71 0.58 -33.31 3.90
C ILE C 71 -0.61 -33.28 2.96
N SER C 72 -0.43 -32.65 1.81
CA SER C 72 -1.53 -32.39 0.90
C SER C 72 -2.10 -33.71 0.36
N HIS C 73 -3.37 -33.63 -0.05
CA HIS C 73 -4.04 -34.82 -0.58
C HIS C 73 -3.35 -35.34 -1.83
N VAL C 74 -2.93 -34.44 -2.72
CA VAL C 74 -2.34 -34.86 -3.99
C VAL C 74 -1.05 -35.64 -3.75
N ARG C 75 -0.20 -35.15 -2.86
CA ARG C 75 1.07 -35.83 -2.62
C ARG C 75 0.87 -37.13 -1.85
N LEU C 76 -0.12 -37.17 -0.96
CA LEU C 76 -0.44 -38.42 -0.29
C LEU C 76 -0.90 -39.48 -1.28
N TRP C 77 -1.76 -39.09 -2.23
CA TRP C 77 -2.21 -40.03 -3.25
C TRP C 77 -1.07 -40.43 -4.18
N SER C 78 -0.16 -39.49 -4.47
CA SER C 78 1.00 -39.83 -5.29
C SER C 78 1.89 -40.86 -4.61
N LEU C 79 2.16 -40.69 -3.31
CA LEU C 79 2.94 -41.68 -2.58
C LEU C 79 2.21 -43.01 -2.53
N GLN C 80 0.89 -42.99 -2.35
CA GLN C 80 0.13 -44.23 -2.35
C GLN C 80 0.25 -44.95 -3.68
N LEU C 81 0.13 -44.22 -4.79
CA LEU C 81 0.23 -44.82 -6.11
C LEU C 81 1.63 -45.39 -6.34
N ILE C 82 2.66 -44.66 -5.93
CA ILE C 82 4.04 -45.13 -6.13
C ILE C 82 4.26 -46.42 -5.35
N LEU C 83 3.84 -46.45 -4.08
CA LEU C 83 4.06 -47.64 -3.27
C LEU C 83 3.19 -48.80 -3.72
N VAL C 84 2.02 -48.53 -4.31
CA VAL C 84 1.20 -49.59 -4.86
C VAL C 84 1.83 -50.17 -6.12
N SER C 85 2.41 -49.31 -6.95
CA SER C 85 3.03 -49.76 -8.19
C SER C 85 4.39 -50.43 -7.96
N THR C 86 5.03 -50.18 -6.82
CA THR C 86 6.35 -50.77 -6.58
C THR C 86 6.36 -52.30 -6.64
N PRO C 87 5.49 -53.03 -5.93
CA PRO C 87 5.59 -54.50 -5.98
C PRO C 87 5.39 -55.09 -7.37
N ALA C 88 4.50 -54.52 -8.18
CA ALA C 88 4.30 -55.02 -9.53
C ALA C 88 5.55 -54.82 -10.38
N LEU C 89 6.20 -53.66 -10.27
CA LEU C 89 7.43 -53.42 -11.00
C LEU C 89 8.53 -54.36 -10.53
N LEU C 90 8.60 -54.61 -9.21
CA LEU C 90 9.60 -55.55 -8.70
C LEU C 90 9.36 -56.95 -9.23
N VAL C 91 8.10 -57.39 -9.30
CA VAL C 91 7.79 -58.71 -9.84
C VAL C 91 8.16 -58.79 -11.31
N ALA C 92 7.85 -57.75 -12.07
CA ALA C 92 8.22 -57.74 -13.49
C ALA C 92 9.73 -57.79 -13.67
N MET C 93 10.46 -57.05 -12.85
CA MET C 93 11.92 -57.08 -12.91
C MET C 93 12.45 -58.47 -12.58
N HIS C 94 11.88 -59.11 -11.57
CA HIS C 94 12.31 -60.47 -11.21
C HIS C 94 12.02 -61.45 -12.32
N VAL C 95 10.86 -61.32 -12.98
CA VAL C 95 10.51 -62.21 -14.09
C VAL C 95 11.49 -62.02 -15.24
N ALA C 96 11.82 -60.76 -15.56
CA ALA C 96 12.79 -60.51 -16.63
C ALA C 96 14.16 -61.08 -16.26
N HIS C 97 14.56 -60.93 -15.00
CA HIS C 97 15.84 -61.48 -14.57
C HIS C 97 15.86 -63.00 -14.69
N GLN C 98 14.77 -63.67 -14.29
CA GLN C 98 14.70 -65.12 -14.41
C GLN C 98 14.74 -65.56 -15.86
N GLN C 99 14.04 -64.84 -16.74
CA GLN C 99 14.08 -65.18 -18.16
C GLN C 99 15.50 -65.01 -18.72
N HIS C 100 16.18 -63.93 -18.33
CA HIS C 100 17.55 -63.72 -18.79
C HIS C 100 18.48 -64.81 -18.28
N ILE C 101 18.31 -65.21 -17.02
CA ILE C 101 19.14 -66.26 -16.45
C ILE C 101 18.91 -67.59 -17.19
N GLU C 102 17.65 -67.92 -17.46
CA GLU C 102 17.35 -69.16 -18.17
C GLU C 102 17.91 -69.13 -19.59
N LYS C 103 17.82 -67.97 -20.26
CA LYS C 103 18.41 -67.84 -21.58
C LYS C 103 19.92 -68.01 -21.53
N LYS C 104 20.57 -67.43 -20.51
CA LYS C 104 22.02 -67.55 -20.39
C LYS C 104 22.45 -69.00 -20.17
N MET C 105 21.71 -69.72 -19.34
CA MET C 105 22.03 -71.12 -19.06
C MET C 105 21.72 -72.02 -20.26
N ILE C 127 9.90 -73.94 -11.06
CA ILE C 127 10.12 -72.51 -11.27
C ILE C 127 8.76 -71.79 -11.33
N SER C 128 7.72 -72.54 -11.71
CA SER C 128 6.39 -71.95 -11.78
C SER C 128 5.80 -71.71 -10.40
N GLY C 129 6.04 -72.62 -9.46
CA GLY C 129 5.52 -72.44 -8.12
C GLY C 129 6.09 -71.24 -7.40
N THR C 130 7.40 -71.01 -7.56
CA THR C 130 8.02 -69.84 -6.96
C THR C 130 7.43 -68.55 -7.55
N LEU C 131 7.22 -68.52 -8.87
CA LEU C 131 6.61 -67.36 -9.49
C LEU C 131 5.19 -67.14 -8.98
N TRP C 132 4.43 -68.22 -8.83
CA TRP C 132 3.07 -68.12 -8.31
C TRP C 132 3.05 -67.56 -6.89
N TRP C 133 3.93 -68.07 -6.02
CA TRP C 133 3.99 -67.56 -4.66
C TRP C 133 4.45 -66.11 -4.63
N THR C 134 5.39 -65.74 -5.49
CA THR C 134 5.83 -64.36 -5.57
C THR C 134 4.69 -63.44 -5.97
N TYR C 135 3.89 -63.86 -6.96
CA TYR C 135 2.75 -63.05 -7.38
C TYR C 135 1.72 -62.92 -6.26
N VAL C 136 1.48 -64.01 -5.53
CA VAL C 136 0.53 -63.94 -4.42
C VAL C 136 1.02 -62.96 -3.36
N ILE C 137 2.31 -63.04 -3.02
CA ILE C 137 2.88 -62.13 -2.02
C ILE C 137 2.81 -60.69 -2.51
N SER C 138 3.03 -60.47 -3.81
CA SER C 138 2.95 -59.13 -4.35
C SER C 138 1.54 -58.57 -4.24
N VAL C 139 0.54 -59.38 -4.55
CA VAL C 139 -0.85 -58.93 -4.42
C VAL C 139 -1.18 -58.62 -2.97
N VAL C 140 -0.70 -59.47 -2.05
CA VAL C 140 -0.94 -59.23 -0.63
C VAL C 140 -0.32 -57.91 -0.18
N PHE C 141 0.92 -57.64 -0.62
CA PHE C 141 1.58 -56.40 -0.23
C PHE C 141 0.89 -55.18 -0.84
N ARG C 142 0.41 -55.30 -2.07
CA ARG C 142 -0.34 -54.19 -2.66
C ARG C 142 -1.61 -53.92 -1.88
N LEU C 143 -2.31 -54.97 -1.48
CA LEU C 143 -3.51 -54.81 -0.66
C LEU C 143 -3.17 -54.14 0.67
N LEU C 144 -2.06 -54.56 1.29
CA LEU C 144 -1.65 -53.99 2.56
C LEU C 144 -1.33 -52.50 2.43
N PHE C 145 -0.63 -52.12 1.36
CA PHE C 145 -0.32 -50.71 1.14
C PHE C 145 -1.59 -49.90 0.91
N GLU C 146 -2.52 -50.44 0.12
CA GLU C 146 -3.80 -49.75 -0.07
C GLU C 146 -4.51 -49.53 1.25
N ALA C 147 -4.60 -50.57 2.07
CA ALA C 147 -5.31 -50.45 3.35
C ALA C 147 -4.63 -49.46 4.28
N VAL C 148 -3.30 -49.51 4.38
CA VAL C 148 -2.60 -48.63 5.31
C VAL C 148 -2.70 -47.18 4.85
N PHE C 149 -2.64 -46.93 3.54
CA PHE C 149 -2.76 -45.56 3.07
C PHE C 149 -4.17 -45.03 3.26
N MET C 150 -5.19 -45.87 3.05
CA MET C 150 -6.56 -45.42 3.32
C MET C 150 -6.74 -45.12 4.81
N TYR C 151 -6.18 -45.94 5.68
CA TYR C 151 -6.29 -45.68 7.12
C TYR C 151 -5.57 -44.39 7.50
N VAL C 152 -4.40 -44.15 6.91
CA VAL C 152 -3.68 -42.90 7.19
C VAL C 152 -4.49 -41.70 6.73
N PHE C 153 -5.09 -41.79 5.54
CA PHE C 153 -5.92 -40.69 5.05
C PHE C 153 -7.10 -40.44 5.98
N TYR C 154 -7.73 -41.51 6.46
CA TYR C 154 -8.84 -41.35 7.40
C TYR C 154 -8.38 -40.71 8.70
N LEU C 155 -7.20 -41.09 9.18
CA LEU C 155 -6.69 -40.56 10.44
C LEU C 155 -6.34 -39.08 10.33
N LEU C 156 -5.69 -38.69 9.22
CA LEU C 156 -5.30 -37.29 9.07
C LEU C 156 -6.51 -36.40 8.80
N TYR C 157 -7.41 -36.84 7.92
CA TYR C 157 -8.55 -36.03 7.48
C TYR C 157 -9.84 -36.80 7.72
N PRO C 158 -10.37 -36.78 8.93
CA PRO C 158 -11.66 -37.43 9.19
C PRO C 158 -12.76 -36.80 8.32
N GLY C 159 -13.64 -37.66 7.83
CA GLY C 159 -14.70 -37.22 6.95
C GLY C 159 -14.24 -37.10 5.51
N TYR C 160 -15.21 -36.93 4.62
CA TYR C 160 -14.96 -36.81 3.19
C TYR C 160 -15.09 -35.38 2.68
N ALA C 161 -15.43 -34.42 3.54
CA ALA C 161 -15.73 -33.06 3.11
C ALA C 161 -14.75 -32.08 3.73
N MET C 162 -14.45 -31.03 2.99
CA MET C 162 -13.60 -29.94 3.46
C MET C 162 -14.43 -28.69 3.68
N VAL C 163 -14.21 -28.03 4.80
CA VAL C 163 -14.97 -26.85 5.19
C VAL C 163 -14.27 -25.61 4.69
N ARG C 164 -15.07 -24.56 4.44
CA ARG C 164 -14.49 -23.31 3.94
C ARG C 164 -13.73 -22.58 5.05
N LEU C 165 -14.21 -22.65 6.28
CA LEU C 165 -13.68 -21.88 7.39
C LEU C 165 -13.06 -22.81 8.42
N VAL C 166 -11.87 -22.45 8.90
CA VAL C 166 -11.18 -23.21 9.94
C VAL C 166 -10.72 -22.25 11.03
N LYS C 167 -10.84 -22.69 12.28
CA LYS C 167 -10.40 -21.92 13.44
C LYS C 167 -9.04 -22.44 13.88
N CYS C 168 -8.04 -21.57 13.89
CA CYS C 168 -6.67 -21.97 14.21
C CYS C 168 -6.15 -21.16 15.40
N ASP C 169 -5.60 -21.86 16.38
CA ASP C 169 -5.01 -21.24 17.57
C ASP C 169 -3.63 -21.84 17.81
N VAL C 170 -2.63 -21.32 17.11
CA VAL C 170 -1.26 -21.81 17.22
C VAL C 170 -0.32 -20.63 17.08
N TYR C 171 0.78 -20.68 17.81
CA TYR C 171 1.74 -19.58 17.80
C TYR C 171 2.27 -19.39 16.38
N PRO C 172 2.49 -18.14 15.94
CA PRO C 172 2.36 -16.86 16.66
C PRO C 172 0.97 -16.22 16.56
N CYS C 173 0.00 -16.90 15.99
CA CYS C 173 -1.32 -16.31 15.83
C CYS C 173 -1.94 -16.05 17.20
N PRO C 174 -2.37 -14.82 17.48
CA PRO C 174 -3.01 -14.55 18.79
C PRO C 174 -4.37 -15.22 18.89
N ASN C 175 -4.63 -15.84 20.04
CA ASN C 175 -5.79 -16.68 20.31
C ASN C 175 -6.24 -17.45 19.08
N THR C 176 -7.50 -17.27 18.67
CA THR C 176 -8.08 -18.03 17.57
C THR C 176 -8.27 -17.11 16.38
N VAL C 177 -7.91 -17.60 15.19
CA VAL C 177 -8.02 -16.85 13.95
C VAL C 177 -8.82 -17.66 12.95
N ASP C 178 -9.48 -16.96 12.03
CA ASP C 178 -10.34 -17.57 11.01
C ASP C 178 -9.56 -17.65 9.70
N CYS C 179 -9.18 -18.86 9.32
CA CYS C 179 -8.53 -19.09 8.04
C CYS C 179 -9.54 -19.66 7.05
N PHE C 180 -9.31 -19.41 5.75
CA PHE C 180 -10.24 -19.77 4.69
C PHE C 180 -9.53 -20.68 3.70
N VAL C 181 -10.10 -21.86 3.47
CA VAL C 181 -9.54 -22.81 2.52
C VAL C 181 -9.99 -22.46 1.11
N SER C 182 -9.19 -22.85 0.12
CA SER C 182 -9.46 -22.58 -1.27
C SER C 182 -10.04 -23.81 -1.95
N ARG C 183 -11.14 -23.62 -2.66
CA ARG C 183 -11.80 -24.69 -3.41
C ARG C 183 -12.11 -25.94 -2.56
N PRO C 184 -12.91 -25.81 -1.52
CA PRO C 184 -13.24 -27.00 -0.72
C PRO C 184 -14.16 -27.98 -1.45
N THR C 185 -15.07 -27.48 -2.29
CA THR C 185 -16.04 -28.36 -2.93
C THR C 185 -15.40 -29.23 -3.99
N GLU C 186 -14.56 -28.63 -4.84
CA GLU C 186 -13.88 -29.41 -5.87
C GLU C 186 -12.93 -30.43 -5.25
N LYS C 187 -12.23 -30.04 -4.20
CA LYS C 187 -11.35 -30.98 -3.50
C LYS C 187 -12.16 -32.11 -2.87
N THR C 188 -13.35 -31.80 -2.34
CA THR C 188 -14.22 -32.85 -1.81
C THR C 188 -14.65 -33.83 -2.90
N VAL C 189 -15.00 -33.30 -4.08
CA VAL C 189 -15.41 -34.18 -5.18
C VAL C 189 -14.28 -35.10 -5.58
N PHE C 190 -13.07 -34.55 -5.73
CA PHE C 190 -11.94 -35.39 -6.13
C PHE C 190 -11.54 -36.36 -5.03
N THR C 191 -11.69 -35.97 -3.77
CA THR C 191 -11.45 -36.89 -2.68
C THR C 191 -12.42 -38.07 -2.72
N VAL C 192 -13.70 -37.79 -3.00
CA VAL C 192 -14.67 -38.87 -3.11
C VAL C 192 -14.29 -39.80 -4.26
N PHE C 193 -13.91 -39.23 -5.41
CA PHE C 193 -13.49 -40.06 -6.54
C PHE C 193 -12.33 -40.96 -6.16
N MET C 194 -11.28 -40.39 -5.57
CA MET C 194 -10.09 -41.17 -5.25
C MET C 194 -10.38 -42.23 -4.19
N LEU C 195 -11.18 -41.90 -3.18
CA LEU C 195 -11.52 -42.89 -2.15
C LEU C 195 -12.34 -44.03 -2.73
N ALA C 196 -13.30 -43.73 -3.61
CA ALA C 196 -14.07 -44.79 -4.24
C ALA C 196 -13.18 -45.68 -5.08
N ALA C 197 -12.25 -45.08 -5.83
CA ALA C 197 -11.34 -45.88 -6.65
C ALA C 197 -10.46 -46.77 -5.79
N SER C 198 -9.94 -46.25 -4.67
CA SER C 198 -9.11 -47.05 -3.79
C SER C 198 -9.90 -48.19 -3.14
N GLY C 199 -11.15 -47.91 -2.76
CA GLY C 199 -11.99 -48.98 -2.24
C GLY C 199 -12.24 -50.09 -3.24
N ILE C 200 -12.49 -49.69 -4.50
CA ILE C 200 -12.64 -50.69 -5.56
C ILE C 200 -11.36 -51.50 -5.72
N CYS C 201 -10.21 -50.83 -5.66
CA CYS C 201 -8.94 -51.54 -5.75
C CYS C 201 -8.78 -52.56 -4.63
N ILE C 202 -9.14 -52.17 -3.40
CA ILE C 202 -9.03 -53.09 -2.27
C ILE C 202 -9.95 -54.29 -2.47
N ILE C 203 -11.19 -54.05 -2.90
CA ILE C 203 -12.12 -55.14 -3.13
C ILE C 203 -11.60 -56.09 -4.20
N LEU C 204 -11.07 -55.53 -5.29
CA LEU C 204 -10.56 -56.38 -6.37
C LEU C 204 -9.35 -57.18 -5.93
N ASN C 205 -8.48 -56.58 -5.10
CA ASN C 205 -7.33 -57.33 -4.60
C ASN C 205 -7.77 -58.48 -3.70
N VAL C 206 -8.76 -58.23 -2.84
CA VAL C 206 -9.28 -59.31 -1.99
C VAL C 206 -9.86 -60.42 -2.86
N ALA C 207 -10.62 -60.05 -3.89
CA ALA C 207 -11.20 -61.05 -4.78
C ALA C 207 -10.13 -61.84 -5.51
N GLU C 208 -9.07 -61.16 -5.96
CA GLU C 208 -7.98 -61.84 -6.64
C GLU C 208 -7.29 -62.84 -5.73
N VAL C 209 -7.01 -62.44 -4.48
CA VAL C 209 -6.37 -63.36 -3.54
C VAL C 209 -7.26 -64.57 -3.28
N VAL C 210 -8.55 -64.33 -3.06
CA VAL C 210 -9.47 -65.44 -2.79
C VAL C 210 -9.55 -66.38 -3.98
N TYR C 211 -9.64 -65.82 -5.19
CA TYR C 211 -9.74 -66.65 -6.39
C TYR C 211 -8.48 -67.48 -6.59
N LEU C 212 -7.31 -66.88 -6.38
CA LEU C 212 -6.06 -67.64 -6.52
C LEU C 212 -5.99 -68.75 -5.49
N ILE C 213 -6.38 -68.47 -4.24
CA ILE C 213 -6.34 -69.51 -3.21
C ILE C 213 -7.29 -70.64 -3.57
N ILE C 214 -8.49 -70.32 -4.04
CA ILE C 214 -9.46 -71.35 -4.40
C ILE C 214 -8.95 -72.18 -5.57
N ARG C 215 -8.40 -71.52 -6.59
CA ARG C 215 -7.91 -72.25 -7.76
C ARG C 215 -6.74 -73.16 -7.40
N ALA C 216 -5.85 -72.69 -6.53
CA ALA C 216 -4.70 -73.51 -6.13
C ALA C 216 -5.16 -74.77 -5.38
N CYS C 217 -6.14 -74.62 -4.50
CA CYS C 217 -6.66 -75.75 -3.73
C CYS C 217 -7.79 -76.45 -4.48
N LEU D 9 -8.01 -48.25 -27.16
CA LEU D 9 -7.78 -46.83 -27.41
C LEU D 9 -9.06 -46.03 -27.21
N LEU D 10 -8.99 -44.72 -27.50
CA LEU D 10 -10.15 -43.86 -27.37
C LEU D 10 -11.21 -44.25 -28.39
N SER D 11 -12.45 -44.41 -27.93
CA SER D 11 -13.56 -44.91 -28.73
C SER D 11 -13.13 -46.11 -29.57
N GLY D 12 -12.60 -47.12 -28.86
CA GLY D 12 -11.93 -48.22 -29.51
C GLY D 12 -12.86 -49.07 -30.37
N VAL D 13 -12.23 -49.85 -31.24
CA VAL D 13 -12.93 -50.70 -32.18
C VAL D 13 -12.68 -52.17 -31.79
N ASN D 14 -13.58 -53.04 -32.24
CA ASN D 14 -13.51 -54.45 -31.88
C ASN D 14 -13.86 -55.36 -33.05
N ARG D 15 -13.59 -54.90 -34.27
CA ARG D 15 -13.90 -55.63 -35.51
C ARG D 15 -15.41 -55.67 -35.74
N HIS D 16 -16.18 -55.14 -34.80
CA HIS D 16 -17.63 -55.06 -34.93
C HIS D 16 -18.13 -53.62 -35.06
N SER D 17 -17.24 -52.64 -34.92
CA SER D 17 -17.64 -51.24 -35.02
C SER D 17 -17.93 -50.88 -36.47
N THR D 18 -19.05 -50.20 -36.68
CA THR D 18 -19.45 -49.79 -38.02
C THR D 18 -18.73 -48.51 -38.42
N ALA D 19 -19.19 -47.91 -39.52
CA ALA D 19 -18.59 -46.67 -40.00
C ALA D 19 -18.82 -45.52 -39.02
N ILE D 20 -20.00 -45.46 -38.39
CA ILE D 20 -20.32 -44.38 -37.47
C ILE D 20 -19.77 -44.62 -36.07
N GLY D 21 -18.99 -45.67 -35.87
CA GLY D 21 -18.38 -45.92 -34.58
C GLY D 21 -16.87 -46.04 -34.68
N ARG D 22 -16.37 -46.15 -35.91
CA ARG D 22 -14.93 -46.23 -36.16
C ARG D 22 -14.37 -44.95 -36.77
N VAL D 23 -15.15 -44.24 -37.57
CA VAL D 23 -14.67 -43.07 -38.26
C VAL D 23 -15.11 -41.77 -37.61
N TRP D 24 -16.38 -41.66 -37.19
CA TRP D 24 -16.90 -40.39 -36.69
C TRP D 24 -16.70 -40.21 -35.20
N LEU D 25 -16.95 -41.25 -34.39
CA LEU D 25 -16.79 -41.12 -32.95
C LEU D 25 -15.35 -40.80 -32.56
N SER D 26 -14.39 -41.44 -33.24
CA SER D 26 -12.99 -41.14 -32.95
C SER D 26 -12.65 -39.70 -33.30
N VAL D 27 -13.17 -39.20 -34.43
CA VAL D 27 -12.93 -37.82 -34.82
C VAL D 27 -13.50 -36.86 -33.78
N ILE D 28 -14.73 -37.11 -33.33
CA ILE D 28 -15.33 -36.22 -32.34
C ILE D 28 -14.56 -36.27 -31.02
N PHE D 29 -14.13 -37.47 -30.62
CA PHE D 29 -13.36 -37.58 -29.38
C PHE D 29 -12.04 -36.83 -29.47
N ILE D 30 -11.34 -36.94 -30.61
CA ILE D 30 -10.09 -36.21 -30.79
C ILE D 30 -10.35 -34.70 -30.80
N PHE D 31 -11.45 -34.29 -31.43
CA PHE D 31 -11.80 -32.86 -31.45
C PHE D 31 -12.03 -32.34 -30.03
N ARG D 32 -12.77 -33.10 -29.22
CA ARG D 32 -13.00 -32.69 -27.83
C ARG D 32 -11.70 -32.64 -27.05
N ILE D 33 -10.82 -33.64 -27.25
CA ILE D 33 -9.55 -33.65 -26.55
C ILE D 33 -8.72 -32.43 -26.91
N MET D 34 -8.65 -32.10 -28.20
CA MET D 34 -7.86 -30.95 -28.63
C MET D 34 -8.44 -29.65 -28.11
N VAL D 35 -9.76 -29.50 -28.14
CA VAL D 35 -10.38 -28.28 -27.61
C VAL D 35 -10.10 -28.15 -26.11
N LEU D 36 -10.23 -29.24 -25.37
CA LEU D 36 -9.97 -29.19 -23.94
C LEU D 36 -8.51 -28.85 -23.67
N VAL D 37 -7.59 -29.39 -24.47
CA VAL D 37 -6.17 -29.09 -24.29
C VAL D 37 -5.90 -27.62 -24.55
N VAL D 38 -6.46 -27.07 -25.63
CA VAL D 38 -6.18 -25.68 -25.98
C VAL D 38 -6.96 -24.68 -25.14
N ALA D 39 -7.95 -25.13 -24.37
CA ALA D 39 -8.70 -24.22 -23.51
C ALA D 39 -8.54 -24.49 -22.01
N ALA D 40 -7.75 -25.49 -21.63
CA ALA D 40 -7.67 -25.87 -20.22
C ALA D 40 -6.95 -24.81 -19.39
N GLU D 41 -5.78 -24.36 -19.86
CA GLU D 41 -4.99 -23.39 -19.14
C GLU D 41 -5.08 -21.98 -19.70
N SER D 42 -5.46 -21.83 -20.97
CA SER D 42 -5.53 -20.50 -21.57
C SER D 42 -6.72 -19.71 -21.02
N VAL D 43 -7.89 -20.33 -20.93
CA VAL D 43 -9.10 -19.64 -20.53
C VAL D 43 -9.36 -19.79 -19.04
N TRP D 44 -9.36 -21.01 -18.53
CA TRP D 44 -9.65 -21.28 -17.13
C TRP D 44 -8.40 -21.27 -16.26
N GLY D 45 -7.28 -20.77 -16.78
CA GLY D 45 -6.06 -20.73 -15.99
C GLY D 45 -6.15 -19.81 -14.80
N ASP D 46 -6.67 -18.60 -15.01
CA ASP D 46 -6.78 -17.58 -13.98
C ASP D 46 -8.22 -17.36 -13.56
N GLU D 47 -8.99 -18.45 -13.47
CA GLU D 47 -10.38 -18.34 -13.03
C GLU D 47 -10.47 -17.92 -11.58
N LYS D 48 -9.50 -18.33 -10.75
CA LYS D 48 -9.56 -18.04 -9.33
C LYS D 48 -8.88 -16.73 -8.99
N SER D 49 -7.72 -16.47 -9.59
CA SER D 49 -6.95 -15.28 -9.25
C SER D 49 -7.57 -14.00 -9.81
N SER D 50 -8.07 -14.04 -11.04
CA SER D 50 -8.68 -12.84 -11.62
C SER D 50 -10.06 -12.58 -11.01
N PHE D 51 -10.65 -13.59 -10.39
CA PHE D 51 -11.94 -13.44 -9.74
C PHE D 51 -11.80 -12.56 -8.50
N ILE D 52 -12.44 -11.40 -8.54
CA ILE D 52 -12.39 -10.43 -7.44
C ILE D 52 -13.80 -9.98 -7.11
N CYS D 53 -14.01 -9.58 -5.86
CA CYS D 53 -15.29 -9.08 -5.40
C CYS D 53 -15.15 -7.65 -4.89
N ASN D 54 -16.29 -6.96 -4.82
CA ASN D 54 -16.32 -5.56 -4.39
C ASN D 54 -16.60 -5.47 -2.90
N THR D 55 -15.62 -5.89 -2.11
CA THR D 55 -15.73 -5.85 -0.65
C THR D 55 -14.34 -5.71 -0.03
N LEU D 56 -14.31 -5.26 1.22
CA LEU D 56 -13.08 -5.18 1.98
C LEU D 56 -12.94 -6.32 2.99
N GLN D 57 -13.93 -7.20 3.07
CA GLN D 57 -13.89 -8.32 4.00
C GLN D 57 -12.87 -9.36 3.56
N PRO D 58 -11.89 -9.69 4.39
CA PRO D 58 -10.93 -10.73 4.01
C PRO D 58 -11.58 -12.10 3.93
N GLY D 59 -11.14 -12.87 2.95
CA GLY D 59 -11.65 -14.22 2.76
C GLY D 59 -12.95 -14.33 2.01
N CYS D 60 -13.53 -13.21 1.57
CA CYS D 60 -14.80 -13.27 0.86
C CYS D 60 -14.66 -13.76 -0.57
N ASN D 61 -13.53 -13.45 -1.22
CA ASN D 61 -13.33 -13.89 -2.61
C ASN D 61 -13.36 -15.41 -2.72
N SER D 62 -12.64 -16.10 -1.84
CA SER D 62 -12.54 -17.55 -1.95
C SER D 62 -13.89 -18.23 -1.69
N VAL D 63 -14.61 -17.78 -0.66
CA VAL D 63 -15.90 -18.40 -0.37
C VAL D 63 -16.90 -18.11 -1.49
N CYS D 64 -16.88 -16.89 -2.04
CA CYS D 64 -17.76 -16.57 -3.16
C CYS D 64 -17.45 -17.44 -4.37
N TYR D 65 -16.16 -17.59 -4.69
CA TYR D 65 -15.78 -18.41 -5.84
C TYR D 65 -16.20 -19.86 -5.65
N ASP D 66 -15.99 -20.41 -4.44
CA ASP D 66 -16.40 -21.78 -4.20
C ASP D 66 -17.91 -21.92 -4.23
N GLN D 67 -18.62 -20.84 -3.88
CA GLN D 67 -20.09 -20.89 -3.92
C GLN D 67 -20.59 -20.93 -5.36
N PHE D 68 -20.00 -20.11 -6.24
CA PHE D 68 -20.53 -20.02 -7.60
C PHE D 68 -19.91 -21.00 -8.57
N PHE D 69 -18.78 -21.62 -8.21
CA PHE D 69 -18.11 -22.60 -9.08
C PHE D 69 -17.75 -23.82 -8.25
N PRO D 70 -18.72 -24.68 -7.93
CA PRO D 70 -18.41 -25.88 -7.13
C PRO D 70 -17.35 -26.76 -7.77
N ILE D 71 -17.38 -26.90 -9.10
CA ILE D 71 -16.34 -27.60 -9.83
C ILE D 71 -16.24 -26.98 -11.21
N SER D 72 -15.02 -26.63 -11.60
CA SER D 72 -14.80 -25.86 -12.82
C SER D 72 -15.22 -26.67 -14.05
N HIS D 73 -15.55 -25.94 -15.12
CA HIS D 73 -15.99 -26.57 -16.36
C HIS D 73 -14.91 -27.48 -16.94
N VAL D 74 -13.66 -27.03 -16.90
CA VAL D 74 -12.57 -27.79 -17.51
C VAL D 74 -12.40 -29.14 -16.82
N ARG D 75 -12.43 -29.15 -15.48
CA ARG D 75 -12.22 -30.40 -14.76
C ARG D 75 -13.44 -31.31 -14.88
N LEU D 76 -14.64 -30.73 -14.96
CA LEU D 76 -15.84 -31.54 -15.20
C LEU D 76 -15.76 -32.23 -16.56
N TRP D 77 -15.34 -31.49 -17.59
CA TRP D 77 -15.18 -32.08 -18.92
C TRP D 77 -14.07 -33.12 -18.93
N SER D 78 -12.99 -32.88 -18.17
CA SER D 78 -11.91 -33.85 -18.09
C SER D 78 -12.40 -35.16 -17.47
N LEU D 79 -13.15 -35.06 -16.37
CA LEU D 79 -13.70 -36.27 -15.75
C LEU D 79 -14.67 -36.97 -16.71
N GLN D 80 -15.48 -36.21 -17.43
CA GLN D 80 -16.39 -36.80 -18.40
C GLN D 80 -15.62 -37.56 -19.48
N LEU D 81 -14.55 -36.97 -20.00
CA LEU D 81 -13.75 -37.62 -21.03
C LEU D 81 -13.08 -38.88 -20.50
N ILE D 82 -12.56 -38.83 -19.28
CA ILE D 82 -11.90 -40.00 -18.70
C ILE D 82 -12.90 -41.14 -18.53
N LEU D 83 -14.08 -40.83 -17.98
CA LEU D 83 -15.07 -41.88 -17.76
C LEU D 83 -15.65 -42.40 -19.07
N VAL D 84 -15.70 -41.56 -20.11
CA VAL D 84 -16.16 -42.01 -21.41
C VAL D 84 -15.12 -42.92 -22.05
N SER D 85 -13.84 -42.59 -21.90
CA SER D 85 -12.77 -43.41 -22.48
C SER D 85 -12.52 -44.69 -21.71
N THR D 86 -12.94 -44.78 -20.45
CA THR D 86 -12.68 -45.98 -19.66
C THR D 86 -13.27 -47.26 -20.27
N PRO D 87 -14.55 -47.32 -20.66
CA PRO D 87 -15.06 -48.59 -21.19
C PRO D 87 -14.37 -49.07 -22.45
N ALA D 88 -13.99 -48.14 -23.35
CA ALA D 88 -13.29 -48.55 -24.56
C ALA D 88 -11.93 -49.15 -24.22
N LEU D 89 -11.19 -48.53 -23.29
CA LEU D 89 -9.91 -49.07 -22.88
C LEU D 89 -10.08 -50.43 -22.22
N LEU D 90 -11.13 -50.60 -21.41
CA LEU D 90 -11.39 -51.88 -20.79
C LEU D 90 -11.69 -52.96 -21.82
N VAL D 91 -12.47 -52.62 -22.84
CA VAL D 91 -12.78 -53.57 -23.91
C VAL D 91 -11.52 -53.94 -24.67
N ALA D 92 -10.67 -52.96 -24.98
CA ALA D 92 -9.42 -53.26 -25.68
C ALA D 92 -8.53 -54.16 -24.84
N MET D 93 -8.45 -53.90 -23.53
CA MET D 93 -7.65 -54.75 -22.65
C MET D 93 -8.20 -56.17 -22.62
N HIS D 94 -9.52 -56.32 -22.57
CA HIS D 94 -10.13 -57.64 -22.56
C HIS D 94 -9.86 -58.37 -23.87
N VAL D 95 -9.91 -57.66 -25.00
CA VAL D 95 -9.63 -58.27 -26.29
C VAL D 95 -8.18 -58.74 -26.36
N ALA D 96 -7.25 -57.91 -25.87
CA ALA D 96 -5.85 -58.31 -25.85
C ALA D 96 -5.65 -59.52 -24.95
N HIS D 97 -6.32 -59.55 -23.79
CA HIS D 97 -6.21 -60.69 -22.89
C HIS D 97 -6.74 -61.97 -23.54
N GLN D 98 -7.87 -61.87 -24.24
CA GLN D 98 -8.43 -63.04 -24.92
C GLN D 98 -7.50 -63.52 -26.02
N GLN D 99 -6.91 -62.60 -26.79
CA GLN D 99 -5.97 -63.00 -27.83
C GLN D 99 -4.75 -63.69 -27.21
N HIS D 100 -4.23 -63.16 -26.11
CA HIS D 100 -3.10 -63.79 -25.45
C HIS D 100 -3.46 -65.18 -24.93
N ILE D 101 -4.66 -65.32 -24.37
CA ILE D 101 -5.10 -66.62 -23.86
C ILE D 101 -5.21 -67.63 -25.00
N GLU D 102 -5.79 -67.21 -26.13
CA GLU D 102 -5.92 -68.11 -27.27
C GLU D 102 -4.56 -68.49 -27.83
N LYS D 103 -3.62 -67.54 -27.87
CA LYS D 103 -2.27 -67.87 -28.32
C LYS D 103 -1.59 -68.85 -27.37
N LYS D 104 -1.79 -68.67 -26.07
CA LYS D 104 -1.19 -69.58 -25.08
C LYS D 104 -1.74 -70.99 -25.22
N MET D 105 -3.05 -71.12 -25.43
CA MET D 105 -3.67 -72.43 -25.59
C MET D 105 -3.30 -73.07 -26.92
N ILE D 127 -17.04 -67.41 -29.26
CA ILE D 127 -16.19 -66.34 -28.71
C ILE D 127 -16.57 -65.01 -29.35
N SER D 128 -17.11 -65.06 -30.57
CA SER D 128 -17.51 -63.85 -31.26
C SER D 128 -18.75 -63.22 -30.63
N GLY D 129 -19.70 -64.05 -30.18
CA GLY D 129 -20.91 -63.51 -29.58
C GLY D 129 -20.64 -62.81 -28.26
N THR D 130 -19.75 -63.36 -27.44
CA THR D 130 -19.39 -62.69 -26.19
C THR D 130 -18.73 -61.34 -26.45
N LEU D 131 -17.84 -61.29 -27.44
CA LEU D 131 -17.21 -60.03 -27.80
C LEU D 131 -18.23 -59.02 -28.30
N TRP D 132 -19.19 -59.48 -29.11
CA TRP D 132 -20.24 -58.59 -29.61
C TRP D 132 -21.08 -58.02 -28.47
N TRP D 133 -21.48 -58.88 -27.53
CA TRP D 133 -22.27 -58.40 -26.40
C TRP D 133 -21.46 -57.45 -25.52
N THR D 134 -20.17 -57.74 -25.34
CA THR D 134 -19.31 -56.85 -24.57
C THR D 134 -19.21 -55.48 -25.23
N TYR D 135 -19.06 -55.45 -26.55
CA TYR D 135 -19.01 -54.17 -27.26
C TYR D 135 -20.32 -53.41 -27.13
N VAL D 136 -21.45 -54.11 -27.23
CA VAL D 136 -22.74 -53.46 -27.08
C VAL D 136 -22.89 -52.86 -25.68
N ILE D 137 -22.50 -53.62 -24.66
CA ILE D 137 -22.59 -53.12 -23.29
C ILE D 137 -21.66 -51.92 -23.09
N SER D 138 -20.48 -51.95 -23.72
CA SER D 138 -19.56 -50.83 -23.62
C SER D 138 -20.15 -49.57 -24.24
N VAL D 139 -20.76 -49.71 -25.42
CA VAL D 139 -21.38 -48.55 -26.05
C VAL D 139 -22.52 -48.01 -25.19
N VAL D 140 -23.31 -48.92 -24.60
CA VAL D 140 -24.41 -48.49 -23.73
C VAL D 140 -23.87 -47.72 -22.53
N PHE D 141 -22.80 -48.22 -21.91
CA PHE D 141 -22.24 -47.53 -20.76
C PHE D 141 -21.64 -46.19 -21.12
N ARG D 142 -21.00 -46.09 -22.29
CA ARG D 142 -20.48 -44.81 -22.75
C ARG D 142 -21.62 -43.81 -22.95
N LEU D 143 -22.73 -44.26 -23.55
CA LEU D 143 -23.89 -43.40 -23.72
C LEU D 143 -24.44 -42.95 -22.37
N LEU D 144 -24.51 -43.88 -21.40
CA LEU D 144 -25.01 -43.54 -20.08
C LEU D 144 -24.13 -42.50 -19.40
N PHE D 145 -22.81 -42.66 -19.49
CA PHE D 145 -21.91 -41.68 -18.89
C PHE D 145 -22.06 -40.32 -19.56
N GLU D 146 -22.16 -40.29 -20.89
CA GLU D 146 -22.38 -39.02 -21.58
C GLU D 146 -23.66 -38.34 -21.09
N ALA D 147 -24.76 -39.10 -21.01
CA ALA D 147 -26.03 -38.52 -20.58
C ALA D 147 -25.97 -38.01 -19.16
N VAL D 148 -25.38 -38.79 -18.24
CA VAL D 148 -25.36 -38.39 -16.84
C VAL D 148 -24.47 -37.17 -16.65
N PHE D 149 -23.35 -37.09 -17.37
CA PHE D 149 -22.50 -35.91 -17.24
C PHE D 149 -23.15 -34.68 -17.82
N MET D 150 -23.87 -34.82 -18.94
CA MET D 150 -24.60 -33.67 -19.47
C MET D 150 -25.68 -33.21 -18.51
N TYR D 151 -26.39 -34.15 -17.88
CA TYR D 151 -27.41 -33.77 -16.92
C TYR D 151 -26.79 -33.08 -15.70
N VAL D 152 -25.65 -33.57 -15.23
CA VAL D 152 -24.97 -32.93 -14.10
C VAL D 152 -24.55 -31.51 -14.47
N PHE D 153 -24.00 -31.33 -15.68
CA PHE D 153 -23.61 -30.00 -16.11
C PHE D 153 -24.81 -29.07 -16.18
N TYR D 154 -25.94 -29.56 -16.68
CA TYR D 154 -27.15 -28.74 -16.72
C TYR D 154 -27.62 -28.38 -15.32
N LEU D 155 -27.53 -29.33 -14.38
CA LEU D 155 -28.00 -29.08 -13.03
C LEU D 155 -27.11 -28.07 -12.31
N LEU D 156 -25.80 -28.18 -12.45
CA LEU D 156 -24.90 -27.25 -11.77
C LEU D 156 -24.94 -25.86 -12.38
N TYR D 157 -24.95 -25.78 -13.71
CA TYR D 157 -24.87 -24.50 -14.44
C TYR D 157 -26.03 -24.41 -15.41
N PRO D 158 -27.21 -24.00 -14.94
CA PRO D 158 -28.33 -23.79 -15.87
C PRO D 158 -27.99 -22.73 -16.90
N GLY D 159 -28.43 -22.96 -18.13
CA GLY D 159 -28.13 -22.08 -19.23
C GLY D 159 -26.77 -22.33 -19.83
N TYR D 160 -26.53 -21.72 -20.98
CA TYR D 160 -25.27 -21.87 -21.72
C TYR D 160 -24.37 -20.65 -21.60
N ALA D 161 -24.79 -19.61 -20.89
CA ALA D 161 -24.06 -18.35 -20.84
C ALA D 161 -23.62 -18.03 -19.42
N MET D 162 -22.48 -17.37 -19.31
CA MET D 162 -21.94 -16.92 -18.03
C MET D 162 -22.04 -15.40 -17.95
N VAL D 163 -22.49 -14.92 -16.81
CA VAL D 163 -22.70 -13.49 -16.61
C VAL D 163 -21.45 -12.87 -16.00
N ARG D 164 -21.23 -11.59 -16.28
CA ARG D 164 -20.06 -10.91 -15.74
C ARG D 164 -20.19 -10.66 -14.24
N LEU D 165 -21.41 -10.34 -13.78
CA LEU D 165 -21.64 -9.94 -12.41
C LEU D 165 -22.47 -10.99 -11.69
N VAL D 166 -22.07 -11.32 -10.46
CA VAL D 166 -22.80 -12.26 -9.62
C VAL D 166 -22.98 -11.67 -8.24
N LYS D 167 -24.16 -11.88 -7.65
CA LYS D 167 -24.48 -11.40 -6.32
C LYS D 167 -24.33 -12.55 -5.34
N CYS D 168 -23.47 -12.40 -4.34
CA CYS D 168 -23.17 -13.46 -3.40
C CYS D 168 -23.44 -13.01 -1.97
N ASP D 169 -24.19 -13.82 -1.23
CA ASP D 169 -24.53 -13.54 0.17
C ASP D 169 -24.24 -14.80 0.99
N VAL D 170 -22.98 -14.98 1.37
CA VAL D 170 -22.57 -16.15 2.15
C VAL D 170 -21.48 -15.70 3.12
N TYR D 171 -21.49 -16.29 4.31
CA TYR D 171 -20.52 -15.93 5.34
C TYR D 171 -19.10 -16.16 4.82
N PRO D 172 -18.14 -15.28 5.15
CA PRO D 172 -18.23 -14.10 6.02
C PRO D 172 -18.60 -12.81 5.29
N CYS D 173 -18.97 -12.86 4.02
CA CYS D 173 -19.28 -11.65 3.28
C CYS D 173 -20.52 -10.98 3.88
N PRO D 174 -20.45 -9.71 4.26
CA PRO D 174 -21.63 -9.04 4.80
C PRO D 174 -22.69 -8.82 3.73
N ASN D 175 -23.94 -9.03 4.10
CA ASN D 175 -25.09 -9.01 3.19
C ASN D 175 -24.76 -9.57 1.82
N THR D 176 -24.98 -8.78 0.78
CA THR D 176 -24.76 -9.18 -0.59
C THR D 176 -23.57 -8.41 -1.16
N VAL D 177 -22.72 -9.10 -1.92
CA VAL D 177 -21.53 -8.50 -2.51
C VAL D 177 -21.55 -8.80 -4.01
N ASP D 178 -20.90 -7.91 -4.77
CA ASP D 178 -20.84 -7.99 -6.23
C ASP D 178 -19.49 -8.58 -6.63
N CYS D 179 -19.50 -9.83 -7.08
CA CYS D 179 -18.31 -10.48 -7.58
C CYS D 179 -18.32 -10.45 -9.11
N PHE D 180 -17.13 -10.44 -9.70
CA PHE D 180 -16.95 -10.30 -11.14
C PHE D 180 -16.22 -11.52 -11.68
N VAL D 181 -16.82 -12.17 -12.69
CA VAL D 181 -16.21 -13.34 -13.30
C VAL D 181 -15.24 -12.91 -14.39
N SER D 182 -14.24 -13.75 -14.65
CA SER D 182 -13.21 -13.47 -15.64
C SER D 182 -13.51 -14.22 -16.93
N ARG D 183 -13.48 -13.50 -18.05
CA ARG D 183 -13.70 -14.06 -19.38
C ARG D 183 -15.00 -14.87 -19.49
N PRO D 184 -16.16 -14.24 -19.28
CA PRO D 184 -17.42 -14.98 -19.42
C PRO D 184 -17.75 -15.32 -20.87
N THR D 185 -17.40 -14.46 -21.82
CA THR D 185 -17.78 -14.69 -23.21
C THR D 185 -17.00 -15.84 -23.82
N GLU D 186 -15.69 -15.88 -23.61
CA GLU D 186 -14.88 -16.97 -24.14
C GLU D 186 -15.28 -18.30 -23.52
N LYS D 187 -15.55 -18.30 -22.21
CA LYS D 187 -16.00 -19.51 -21.56
C LYS D 187 -17.36 -19.95 -22.09
N THR D 188 -18.24 -18.99 -22.41
CA THR D 188 -19.51 -19.34 -23.02
C THR D 188 -19.32 -19.98 -24.38
N VAL D 189 -18.40 -19.44 -25.19
CA VAL D 189 -18.15 -20.00 -26.51
C VAL D 189 -17.63 -21.44 -26.40
N PHE D 190 -16.67 -21.66 -25.50
CA PHE D 190 -16.14 -23.01 -25.35
C PHE D 190 -17.16 -23.96 -24.74
N THR D 191 -18.02 -23.47 -23.85
CA THR D 191 -19.09 -24.31 -23.33
C THR D 191 -20.04 -24.73 -24.44
N VAL D 192 -20.39 -23.81 -25.34
CA VAL D 192 -21.25 -24.17 -26.47
C VAL D 192 -20.57 -25.22 -27.33
N PHE D 193 -19.27 -25.04 -27.62
CA PHE D 193 -18.55 -26.03 -28.40
C PHE D 193 -18.61 -27.41 -27.75
N MET D 194 -18.27 -27.49 -26.46
CA MET D 194 -18.21 -28.77 -25.78
C MET D 194 -19.59 -29.41 -25.68
N LEU D 195 -20.63 -28.62 -25.41
CA LEU D 195 -21.97 -29.18 -25.31
C LEU D 195 -22.45 -29.70 -26.67
N ALA D 196 -22.17 -28.98 -27.75
CA ALA D 196 -22.53 -29.47 -29.07
C ALA D 196 -21.79 -30.77 -29.40
N ALA D 197 -20.51 -30.84 -29.06
CA ALA D 197 -19.76 -32.06 -29.31
C ALA D 197 -20.32 -33.24 -28.52
N SER D 198 -20.66 -33.01 -27.25
CA SER D 198 -21.23 -34.09 -26.43
C SER D 198 -22.59 -34.53 -26.94
N GLY D 199 -23.41 -33.58 -27.41
CA GLY D 199 -24.68 -33.96 -28.01
C GLY D 199 -24.51 -34.80 -29.26
N ILE D 200 -23.53 -34.42 -30.10
CA ILE D 200 -23.24 -35.23 -31.29
C ILE D 200 -22.78 -36.62 -30.88
N CYS D 201 -21.96 -36.71 -29.82
CA CYS D 201 -21.52 -38.01 -29.33
C CYS D 201 -22.70 -38.87 -28.89
N ILE D 202 -23.64 -38.26 -28.16
CA ILE D 202 -24.81 -39.01 -27.70
C ILE D 202 -25.64 -39.51 -28.89
N ILE D 203 -25.84 -38.63 -29.88
CA ILE D 203 -26.61 -39.03 -31.05
C ILE D 203 -25.94 -40.18 -31.78
N LEU D 204 -24.61 -40.10 -31.95
CA LEU D 204 -23.89 -41.15 -32.65
C LEU D 204 -23.92 -42.46 -31.87
N ASN D 205 -23.85 -42.39 -30.55
CA ASN D 205 -23.93 -43.62 -29.75
C ASN D 205 -25.31 -44.27 -29.89
N VAL D 206 -26.37 -43.45 -29.86
CA VAL D 206 -27.71 -43.99 -30.06
C VAL D 206 -27.83 -44.65 -31.44
N ALA D 207 -27.29 -43.98 -32.46
CA ALA D 207 -27.34 -44.53 -33.82
C ALA D 207 -26.55 -45.84 -33.90
N GLU D 208 -25.39 -45.90 -33.25
CA GLU D 208 -24.60 -47.13 -33.26
C GLU D 208 -25.34 -48.28 -32.59
N VAL D 209 -25.97 -48.02 -31.44
CA VAL D 209 -26.72 -49.07 -30.76
C VAL D 209 -27.87 -49.55 -31.63
N VAL D 210 -28.61 -48.62 -32.23
CA VAL D 210 -29.75 -49.01 -33.07
C VAL D 210 -29.27 -49.81 -34.27
N TYR D 211 -28.18 -49.37 -34.91
CA TYR D 211 -27.68 -50.08 -36.08
C TYR D 211 -27.22 -51.49 -35.72
N LEU D 212 -26.52 -51.64 -34.60
CA LEU D 212 -26.09 -52.97 -34.17
C LEU D 212 -27.28 -53.87 -33.88
N ILE D 213 -28.31 -53.33 -33.20
CA ILE D 213 -29.49 -54.13 -32.91
C ILE D 213 -30.18 -54.56 -34.19
N ILE D 214 -30.31 -53.65 -35.15
CA ILE D 214 -30.97 -53.99 -36.42
C ILE D 214 -30.17 -55.04 -37.18
N ARG D 215 -28.85 -54.87 -37.24
CA ARG D 215 -28.02 -55.82 -37.97
C ARG D 215 -28.06 -57.20 -37.34
N ALA D 216 -28.04 -57.26 -35.99
CA ALA D 216 -28.10 -58.55 -35.32
C ALA D 216 -29.41 -59.27 -35.60
N CYS D 217 -30.52 -58.55 -35.60
CA CYS D 217 -31.83 -59.14 -35.87
C CYS D 217 -32.14 -59.15 -37.36
N LEU E 9 -3.62 -37.23 -41.58
CA LEU E 9 -2.73 -36.21 -41.04
C LEU E 9 -3.21 -34.81 -41.41
N LEU E 10 -2.41 -33.81 -41.08
CA LEU E 10 -2.76 -32.42 -41.40
C LEU E 10 -2.70 -32.21 -42.91
N SER E 11 -3.77 -31.63 -43.46
CA SER E 11 -3.95 -31.49 -44.91
C SER E 11 -3.59 -32.78 -45.63
N GLY E 12 -4.25 -33.86 -45.21
CA GLY E 12 -3.87 -35.19 -45.63
C GLY E 12 -4.04 -35.44 -47.11
N VAL E 13 -3.39 -36.49 -47.57
CA VAL E 13 -3.39 -36.87 -48.97
C VAL E 13 -4.15 -38.19 -49.11
N ASN E 14 -4.64 -38.44 -50.33
CA ASN E 14 -5.46 -39.62 -50.59
C ASN E 14 -5.12 -40.26 -51.93
N ARG E 15 -3.87 -40.12 -52.38
CA ARG E 15 -3.40 -40.64 -53.66
C ARG E 15 -4.01 -39.85 -54.82
N HIS E 16 -4.91 -38.91 -54.51
CA HIS E 16 -5.52 -38.06 -55.50
C HIS E 16 -5.10 -36.60 -55.37
N SER E 17 -4.34 -36.26 -54.32
CA SER E 17 -3.90 -34.90 -54.11
C SER E 17 -2.81 -34.53 -55.11
N THR E 18 -2.95 -33.36 -55.72
CA THR E 18 -1.99 -32.89 -56.70
C THR E 18 -0.78 -32.25 -56.01
N ALA E 19 0.05 -31.59 -56.80
CA ALA E 19 1.22 -30.92 -56.25
C ALA E 19 0.84 -29.77 -55.31
N ILE E 20 -0.22 -29.04 -55.65
CA ILE E 20 -0.64 -27.90 -54.83
C ILE E 20 -1.51 -28.31 -53.65
N GLY E 21 -1.68 -29.60 -53.41
CA GLY E 21 -2.45 -30.07 -52.28
C GLY E 21 -1.65 -31.00 -51.40
N ARG E 22 -0.52 -31.46 -51.92
CA ARG E 22 0.37 -32.35 -51.18
C ARG E 22 1.65 -31.65 -50.71
N VAL E 23 2.17 -30.71 -51.49
CA VAL E 23 3.42 -30.05 -51.18
C VAL E 23 3.23 -28.69 -50.54
N TRP E 24 2.31 -27.87 -51.03
CA TRP E 24 2.19 -26.49 -50.55
C TRP E 24 1.24 -26.35 -49.38
N LEU E 25 0.09 -27.02 -49.41
CA LEU E 25 -0.87 -26.90 -48.31
C LEU E 25 -0.28 -27.42 -47.00
N SER E 26 0.45 -28.53 -47.06
CA SER E 26 1.09 -29.04 -45.85
C SER E 26 2.12 -28.06 -45.31
N VAL E 27 2.90 -27.44 -46.20
CA VAL E 27 3.90 -26.46 -45.77
C VAL E 27 3.22 -25.28 -45.09
N ILE E 28 2.14 -24.78 -45.68
CA ILE E 28 1.45 -23.63 -45.09
C ILE E 28 0.83 -24.01 -43.75
N PHE E 29 0.27 -25.22 -43.65
CA PHE E 29 -0.31 -25.65 -42.38
C PHE E 29 0.75 -25.77 -41.30
N ILE E 30 1.92 -26.33 -41.64
CA ILE E 30 3.00 -26.43 -40.65
C ILE E 30 3.50 -25.05 -40.26
N PHE E 31 3.57 -24.13 -41.22
CA PHE E 31 3.98 -22.76 -40.92
C PHE E 31 3.02 -22.10 -39.94
N ARG E 32 1.72 -22.26 -40.17
CA ARG E 32 0.73 -21.70 -39.25
C ARG E 32 0.82 -22.34 -37.88
N ILE E 33 1.02 -23.66 -37.83
CA ILE E 33 1.15 -24.34 -36.55
C ILE E 33 2.34 -23.80 -35.77
N MET E 34 3.49 -23.66 -36.45
CA MET E 34 4.69 -23.18 -35.78
C MET E 34 4.53 -21.74 -35.30
N VAL E 35 3.93 -20.88 -36.13
CA VAL E 35 3.72 -19.49 -35.73
C VAL E 35 2.79 -19.44 -34.51
N LEU E 36 1.71 -20.23 -34.53
CA LEU E 36 0.80 -20.23 -33.39
C LEU E 36 1.50 -20.74 -32.14
N VAL E 37 2.35 -21.75 -32.28
CA VAL E 37 3.07 -22.27 -31.12
C VAL E 37 4.02 -21.22 -30.54
N VAL E 38 4.76 -20.53 -31.41
CA VAL E 38 5.73 -19.56 -30.92
C VAL E 38 5.10 -18.24 -30.49
N ALA E 39 3.83 -18.01 -30.81
CA ALA E 39 3.17 -16.78 -30.39
C ALA E 39 2.04 -17.00 -29.39
N ALA E 40 1.73 -18.25 -29.02
CA ALA E 40 0.56 -18.50 -28.18
C ALA E 40 0.76 -17.97 -26.77
N GLU E 41 1.89 -18.29 -26.14
CA GLU E 41 2.15 -17.88 -24.77
C GLU E 41 3.11 -16.71 -24.66
N SER E 42 3.92 -16.45 -25.68
CA SER E 42 4.88 -15.36 -25.60
C SER E 42 4.19 -14.00 -25.71
N VAL E 43 3.27 -13.86 -26.66
CA VAL E 43 2.61 -12.59 -26.93
C VAL E 43 1.30 -12.46 -26.18
N TRP E 44 0.42 -13.44 -26.31
CA TRP E 44 -0.89 -13.40 -25.67
C TRP E 44 -0.89 -14.03 -24.28
N GLY E 45 0.29 -14.27 -23.71
CA GLY E 45 0.33 -14.87 -22.39
C GLY E 45 -0.23 -13.96 -21.30
N ASP E 46 0.16 -12.68 -21.33
CA ASP E 46 -0.25 -11.71 -20.33
C ASP E 46 -1.23 -10.69 -20.90
N GLU E 47 -2.13 -11.16 -21.77
CA GLU E 47 -3.13 -10.27 -22.34
C GLU E 47 -4.11 -9.78 -21.28
N LYS E 48 -4.38 -10.58 -20.26
CA LYS E 48 -5.36 -10.23 -19.25
C LYS E 48 -4.73 -9.49 -18.08
N SER E 49 -3.58 -9.96 -17.61
CA SER E 49 -2.96 -9.38 -16.43
C SER E 49 -2.33 -8.02 -16.71
N SER E 50 -1.67 -7.86 -17.85
CA SER E 50 -1.06 -6.58 -18.18
C SER E 50 -2.11 -5.55 -18.58
N PHE E 51 -3.30 -6.01 -18.94
CA PHE E 51 -4.39 -5.12 -19.30
C PHE E 51 -4.89 -4.38 -18.06
N ILE E 52 -4.71 -3.07 -18.05
CA ILE E 52 -5.11 -2.23 -16.93
C ILE E 52 -5.91 -1.05 -17.45
N CYS E 53 -6.80 -0.53 -16.61
CA CYS E 53 -7.60 0.63 -16.96
C CYS E 53 -7.32 1.78 -15.99
N ASN E 54 -7.68 2.98 -16.41
CA ASN E 54 -7.43 4.19 -15.62
C ASN E 54 -8.67 4.53 -14.77
N THR E 55 -8.93 3.69 -13.77
CA THR E 55 -10.06 3.89 -12.87
C THR E 55 -9.75 3.28 -11.52
N LEU E 56 -10.47 3.73 -10.50
CA LEU E 56 -10.38 3.16 -9.17
C LEU E 56 -11.53 2.21 -8.86
N GLN E 57 -12.46 2.04 -9.79
CA GLN E 57 -13.60 1.16 -9.59
C GLN E 57 -13.16 -0.30 -9.61
N PRO E 58 -13.43 -1.08 -8.56
CA PRO E 58 -13.07 -2.49 -8.59
C PRO E 58 -13.92 -3.27 -9.58
N GLY E 59 -13.28 -4.23 -10.24
CA GLY E 59 -13.95 -5.07 -11.21
C GLY E 59 -14.11 -4.48 -12.59
N CYS E 60 -13.63 -3.26 -12.83
CA CYS E 60 -13.77 -2.64 -14.13
C CYS E 60 -12.82 -3.23 -15.17
N ASN E 61 -11.62 -3.65 -14.75
CA ASN E 61 -10.66 -4.20 -15.70
C ASN E 61 -11.20 -5.47 -16.37
N SER E 62 -11.78 -6.38 -15.59
CA SER E 62 -12.24 -7.64 -16.16
C SER E 62 -13.41 -7.43 -17.12
N VAL E 63 -14.37 -6.58 -16.75
CA VAL E 63 -15.51 -6.36 -17.62
C VAL E 63 -15.07 -5.64 -18.89
N CYS E 64 -14.14 -4.68 -18.78
CA CYS E 64 -13.64 -4.01 -19.97
C CYS E 64 -12.91 -4.98 -20.89
N TYR E 65 -12.06 -5.84 -20.32
CA TYR E 65 -11.34 -6.82 -21.15
C TYR E 65 -12.31 -7.76 -21.85
N ASP E 66 -13.32 -8.25 -21.13
CA ASP E 66 -14.28 -9.14 -21.76
C ASP E 66 -15.10 -8.40 -22.81
N GLN E 67 -15.29 -7.09 -22.63
CA GLN E 67 -16.03 -6.32 -23.63
C GLN E 67 -15.23 -6.17 -24.91
N PHE E 68 -13.93 -5.90 -24.81
CA PHE E 68 -13.14 -5.62 -25.99
C PHE E 68 -12.49 -6.85 -26.61
N PHE E 69 -12.43 -7.97 -25.89
CA PHE E 69 -11.85 -9.21 -26.39
C PHE E 69 -12.79 -10.36 -26.07
N PRO E 70 -13.88 -10.50 -26.83
CA PRO E 70 -14.81 -11.60 -26.55
C PRO E 70 -14.15 -12.97 -26.62
N ILE E 71 -13.23 -13.16 -27.56
CA ILE E 71 -12.43 -14.38 -27.65
C ILE E 71 -11.08 -14.01 -28.25
N SER E 72 -10.01 -14.43 -27.58
CA SER E 72 -8.67 -14.01 -27.95
C SER E 72 -8.29 -14.52 -29.34
N HIS E 73 -7.36 -13.81 -29.97
CA HIS E 73 -6.93 -14.18 -31.32
C HIS E 73 -6.30 -15.57 -31.35
N VAL E 74 -5.50 -15.90 -30.33
CA VAL E 74 -4.79 -17.17 -30.31
C VAL E 74 -5.77 -18.33 -30.27
N ARG E 75 -6.79 -18.24 -29.42
CA ARG E 75 -7.74 -19.34 -29.29
C ARG E 75 -8.66 -19.42 -30.50
N LEU E 76 -8.98 -18.27 -31.11
CA LEU E 76 -9.75 -18.29 -32.35
C LEU E 76 -8.98 -19.00 -33.45
N TRP E 77 -7.68 -18.70 -33.58
CA TRP E 77 -6.85 -19.36 -34.58
C TRP E 77 -6.68 -20.85 -34.25
N SER E 78 -6.60 -21.19 -32.97
CA SER E 78 -6.50 -22.60 -32.59
C SER E 78 -7.76 -23.36 -32.99
N LEU E 79 -8.94 -22.79 -32.73
CA LEU E 79 -10.18 -23.44 -33.15
C LEU E 79 -10.25 -23.54 -34.66
N GLN E 80 -9.81 -22.51 -35.37
CA GLN E 80 -9.79 -22.56 -36.83
C GLN E 80 -8.90 -23.69 -37.32
N LEU E 81 -7.71 -23.82 -36.76
CA LEU E 81 -6.80 -24.88 -37.17
C LEU E 81 -7.37 -26.26 -36.86
N ILE E 82 -7.99 -26.43 -35.70
CA ILE E 82 -8.56 -27.72 -35.34
C ILE E 82 -9.68 -28.09 -36.31
N LEU E 83 -10.58 -27.14 -36.60
CA LEU E 83 -11.69 -27.44 -37.50
C LEU E 83 -11.22 -27.63 -38.93
N VAL E 84 -10.12 -26.98 -39.32
CA VAL E 84 -9.57 -27.20 -40.66
C VAL E 84 -8.93 -28.58 -40.75
N SER E 85 -8.25 -29.01 -39.70
CA SER E 85 -7.59 -30.31 -39.70
C SER E 85 -8.57 -31.47 -39.52
N THR E 86 -9.77 -31.21 -39.00
CA THR E 86 -10.72 -32.29 -38.78
C THR E 86 -11.09 -33.06 -40.04
N PRO E 87 -11.50 -32.43 -41.15
CA PRO E 87 -11.89 -33.22 -42.33
C PRO E 87 -10.77 -34.09 -42.89
N ALA E 88 -9.53 -33.60 -42.88
CA ALA E 88 -8.42 -34.40 -43.38
C ALA E 88 -8.20 -35.64 -42.51
N LEU E 89 -8.27 -35.47 -41.19
CA LEU E 89 -8.13 -36.61 -40.29
C LEU E 89 -9.28 -37.59 -40.48
N LEU E 90 -10.49 -37.09 -40.69
CA LEU E 90 -11.62 -37.98 -40.93
C LEU E 90 -11.45 -38.76 -42.23
N VAL E 91 -10.95 -38.10 -43.28
CA VAL E 91 -10.71 -38.79 -44.55
C VAL E 91 -9.63 -39.86 -44.38
N ALA E 92 -8.56 -39.54 -43.65
CA ALA E 92 -7.51 -40.53 -43.42
C ALA E 92 -8.04 -41.71 -42.63
N MET E 93 -8.88 -41.46 -41.62
CA MET E 93 -9.47 -42.54 -40.84
C MET E 93 -10.36 -43.41 -41.73
N HIS E 94 -11.15 -42.79 -42.60
CA HIS E 94 -12.00 -43.55 -43.50
C HIS E 94 -11.18 -44.40 -44.47
N VAL E 95 -10.09 -43.85 -44.98
CA VAL E 95 -9.22 -44.60 -45.88
C VAL E 95 -8.61 -45.80 -45.17
N ALA E 96 -8.14 -45.59 -43.93
CA ALA E 96 -7.59 -46.71 -43.17
C ALA E 96 -8.65 -47.76 -42.90
N HIS E 97 -9.88 -47.33 -42.58
CA HIS E 97 -10.97 -48.28 -42.35
C HIS E 97 -11.28 -49.08 -43.61
N GLN E 98 -11.31 -48.41 -44.76
CA GLN E 98 -11.57 -49.13 -46.01
C GLN E 98 -10.46 -50.11 -46.34
N GLN E 99 -9.20 -49.72 -46.11
CA GLN E 99 -8.10 -50.65 -46.34
C GLN E 99 -8.20 -51.86 -45.41
N HIS E 100 -8.54 -51.64 -44.15
CA HIS E 100 -8.70 -52.74 -43.21
C HIS E 100 -9.85 -53.65 -43.64
N ILE E 101 -10.96 -53.08 -44.10
CA ILE E 101 -12.09 -53.88 -44.54
C ILE E 101 -11.70 -54.72 -45.75
N GLU E 102 -11.00 -54.12 -46.71
CA GLU E 102 -10.59 -54.87 -47.89
C GLU E 102 -9.61 -55.99 -47.53
N LYS E 103 -8.70 -55.72 -46.59
CA LYS E 103 -7.80 -56.77 -46.12
C LYS E 103 -8.57 -57.90 -45.44
N LYS E 104 -9.58 -57.55 -44.64
CA LYS E 104 -10.37 -58.56 -43.95
C LYS E 104 -11.14 -59.44 -44.94
N MET E 105 -11.70 -58.83 -45.98
CA MET E 105 -12.46 -59.57 -46.98
C MET E 105 -11.53 -60.39 -47.87
N ILE E 127 -14.57 -48.21 -56.11
CA ILE E 127 -14.10 -47.74 -54.81
C ILE E 127 -13.27 -46.48 -54.98
N SER E 128 -12.64 -46.32 -56.16
CA SER E 128 -11.84 -45.14 -56.43
C SER E 128 -12.71 -43.90 -56.56
N GLY E 129 -13.86 -44.02 -57.20
CA GLY E 129 -14.74 -42.86 -57.37
C GLY E 129 -15.28 -42.33 -56.06
N THR E 130 -15.67 -43.24 -55.16
CA THR E 130 -16.15 -42.81 -53.85
C THR E 130 -15.06 -42.09 -53.08
N LEU E 131 -13.83 -42.59 -53.13
CA LEU E 131 -12.72 -41.92 -52.46
C LEU E 131 -12.46 -40.55 -53.07
N TRP E 132 -12.55 -40.46 -54.40
CA TRP E 132 -12.35 -39.18 -55.08
C TRP E 132 -13.40 -38.16 -54.64
N TRP E 133 -14.67 -38.57 -54.61
CA TRP E 133 -15.73 -37.66 -54.19
C TRP E 133 -15.58 -37.28 -52.72
N THR E 134 -15.16 -38.22 -51.89
CA THR E 134 -14.92 -37.92 -50.48
C THR E 134 -13.82 -36.88 -50.32
N TYR E 135 -12.74 -37.02 -51.08
CA TYR E 135 -11.65 -36.05 -51.02
C TYR E 135 -12.12 -34.67 -51.50
N VAL E 136 -12.92 -34.64 -52.56
CA VAL E 136 -13.44 -33.36 -53.06
C VAL E 136 -14.30 -32.69 -52.00
N ILE E 137 -15.19 -33.46 -51.37
CA ILE E 137 -16.06 -32.91 -50.32
C ILE E 137 -15.22 -32.43 -49.15
N SER E 138 -14.16 -33.15 -48.80
CA SER E 138 -13.29 -32.73 -47.70
C SER E 138 -12.61 -31.41 -48.01
N VAL E 139 -12.11 -31.26 -49.24
CA VAL E 139 -11.47 -29.99 -49.61
C VAL E 139 -12.49 -28.86 -49.57
N VAL E 140 -13.71 -29.12 -50.05
CA VAL E 140 -14.75 -28.10 -50.02
C VAL E 140 -15.06 -27.68 -48.59
N PHE E 141 -15.17 -28.65 -47.67
CA PHE E 141 -15.47 -28.31 -46.28
C PHE E 141 -14.33 -27.56 -45.63
N ARG E 142 -13.08 -27.92 -45.95
CA ARG E 142 -11.95 -27.17 -45.42
C ARG E 142 -11.98 -25.72 -45.92
N LEU E 143 -12.28 -25.53 -47.20
CA LEU E 143 -12.41 -24.17 -47.74
C LEU E 143 -13.52 -23.41 -47.02
N LEU E 144 -14.66 -24.07 -46.79
CA LEU E 144 -15.77 -23.43 -46.12
C LEU E 144 -15.40 -23.00 -44.70
N PHE E 145 -14.71 -23.87 -43.97
CA PHE E 145 -14.28 -23.53 -42.61
C PHE E 145 -13.30 -22.36 -42.62
N GLU E 146 -12.36 -22.36 -43.57
CA GLU E 146 -11.44 -21.24 -43.67
C GLU E 146 -12.17 -19.94 -43.92
N ALA E 147 -13.12 -19.95 -44.87
CA ALA E 147 -13.85 -18.74 -45.19
C ALA E 147 -14.69 -18.25 -44.01
N VAL E 148 -15.39 -19.17 -43.33
CA VAL E 148 -16.26 -18.75 -42.25
C VAL E 148 -15.45 -18.22 -41.07
N PHE E 149 -14.28 -18.83 -40.79
CA PHE E 149 -13.47 -18.32 -39.69
C PHE E 149 -12.86 -16.97 -40.03
N MET E 150 -12.44 -16.77 -41.29
CA MET E 150 -11.95 -15.45 -41.68
C MET E 150 -13.04 -14.39 -41.56
N TYR E 151 -14.27 -14.73 -41.97
CA TYR E 151 -15.38 -13.79 -41.85
C TYR E 151 -15.67 -13.47 -40.38
N VAL E 152 -15.64 -14.49 -39.52
CA VAL E 152 -15.87 -14.26 -38.10
C VAL E 152 -14.79 -13.35 -37.52
N PHE E 153 -13.53 -13.58 -37.90
CA PHE E 153 -12.45 -12.73 -37.42
C PHE E 153 -12.64 -11.30 -37.88
N TYR E 154 -13.05 -11.11 -39.14
CA TYR E 154 -13.31 -9.76 -39.63
C TYR E 154 -14.46 -9.10 -38.87
N LEU E 155 -15.50 -9.87 -38.56
CA LEU E 155 -16.67 -9.31 -37.88
C LEU E 155 -16.34 -8.92 -36.45
N LEU E 156 -15.57 -9.76 -35.74
CA LEU E 156 -15.24 -9.44 -34.35
C LEU E 156 -14.23 -8.31 -34.24
N TYR E 157 -13.20 -8.33 -35.10
CA TYR E 157 -12.10 -7.37 -35.03
C TYR E 157 -11.93 -6.71 -36.39
N PRO E 158 -12.72 -5.69 -36.69
CA PRO E 158 -12.53 -4.95 -37.94
C PRO E 158 -11.14 -4.32 -38.00
N GLY E 159 -10.54 -4.36 -39.18
CA GLY E 159 -9.20 -3.87 -39.36
C GLY E 159 -8.15 -4.88 -38.98
N TYR E 160 -6.91 -4.57 -39.34
CA TYR E 160 -5.77 -5.44 -39.07
C TYR E 160 -4.89 -4.95 -37.93
N ALA E 161 -5.20 -3.80 -37.35
CA ALA E 161 -4.34 -3.17 -36.35
C ALA E 161 -5.06 -3.06 -35.01
N MET E 162 -4.27 -3.15 -33.93
CA MET E 162 -4.77 -2.99 -32.58
C MET E 162 -4.26 -1.68 -32.00
N VAL E 163 -5.14 -0.94 -31.37
CA VAL E 163 -4.82 0.37 -30.82
C VAL E 163 -4.37 0.22 -29.37
N ARG E 164 -3.53 1.14 -28.92
CA ARG E 164 -3.04 1.08 -27.54
C ARG E 164 -4.13 1.46 -26.55
N LEU E 165 -4.98 2.43 -26.91
CA LEU E 165 -5.97 3.00 -26.00
C LEU E 165 -7.37 2.64 -26.47
N VAL E 166 -8.22 2.23 -25.54
CA VAL E 166 -9.62 1.92 -25.82
C VAL E 166 -10.50 2.61 -24.81
N LYS E 167 -11.63 3.14 -25.27
CA LYS E 167 -12.61 3.80 -24.42
C LYS E 167 -13.74 2.83 -24.11
N CYS E 168 -13.97 2.55 -22.84
CA CYS E 168 -14.96 1.56 -22.43
C CYS E 168 -15.99 2.20 -21.51
N ASP E 169 -17.27 2.01 -21.82
CA ASP E 169 -18.38 2.50 -21.00
C ASP E 169 -19.37 1.36 -20.77
N VAL E 170 -19.08 0.54 -19.77
CA VAL E 170 -19.93 -0.60 -19.43
C VAL E 170 -19.91 -0.77 -17.92
N TYR E 171 -21.05 -1.18 -17.37
CA TYR E 171 -21.17 -1.35 -15.93
C TYR E 171 -20.14 -2.37 -15.43
N PRO E 172 -19.54 -2.14 -14.26
CA PRO E 172 -19.75 -1.05 -13.30
C PRO E 172 -18.87 0.18 -13.52
N CYS E 173 -18.12 0.25 -14.61
CA CYS E 173 -17.22 1.37 -14.83
C CYS E 173 -18.03 2.66 -14.99
N PRO E 174 -17.75 3.69 -14.21
CA PRO E 174 -18.50 4.95 -14.37
C PRO E 174 -18.14 5.65 -15.66
N ASN E 175 -19.16 6.21 -16.32
CA ASN E 175 -19.06 6.81 -17.64
C ASN E 175 -18.10 6.06 -18.55
N THR E 176 -17.10 6.76 -19.08
CA THR E 176 -16.11 6.19 -19.99
C THR E 176 -14.77 6.13 -19.30
N VAL E 177 -14.05 5.02 -19.50
CA VAL E 177 -12.74 4.81 -18.90
C VAL E 177 -11.75 4.46 -19.99
N ASP E 178 -10.48 4.79 -19.74
CA ASP E 178 -9.38 4.59 -20.69
C ASP E 178 -8.63 3.31 -20.30
N CYS E 179 -8.82 2.25 -21.08
CA CYS E 179 -8.08 1.02 -20.88
C CYS E 179 -6.93 0.94 -21.89
N PHE E 180 -5.87 0.25 -21.49
CA PHE E 180 -4.63 0.17 -22.28
C PHE E 180 -4.35 -1.28 -22.62
N VAL E 181 -4.24 -1.56 -23.91
CA VAL E 181 -3.92 -2.91 -24.38
C VAL E 181 -2.42 -3.15 -24.28
N SER E 182 -2.04 -4.42 -24.15
CA SER E 182 -0.64 -4.81 -24.02
C SER E 182 -0.13 -5.38 -25.35
N ARG E 183 1.02 -4.88 -25.78
CA ARG E 183 1.66 -5.33 -27.01
C ARG E 183 0.75 -5.27 -28.23
N PRO E 184 0.26 -4.09 -28.61
CA PRO E 184 -0.59 -4.01 -29.81
C PRO E 184 0.17 -4.22 -31.10
N THR E 185 1.43 -3.77 -31.16
CA THR E 185 2.18 -3.83 -32.42
C THR E 185 2.58 -5.26 -32.76
N GLU E 186 3.08 -6.01 -31.78
CA GLU E 186 3.45 -7.40 -32.02
C GLU E 186 2.23 -8.24 -32.38
N LYS E 187 1.11 -8.00 -31.70
CA LYS E 187 -0.12 -8.70 -32.03
C LYS E 187 -0.60 -8.34 -33.43
N THR E 188 -0.42 -7.08 -33.83
CA THR E 188 -0.77 -6.69 -35.21
C THR E 188 0.09 -7.43 -36.22
N VAL E 189 1.40 -7.55 -35.95
CA VAL E 189 2.29 -8.24 -36.87
C VAL E 189 1.88 -9.71 -37.01
N PHE E 190 1.61 -10.37 -35.88
CA PHE E 190 1.22 -11.77 -35.95
C PHE E 190 -0.15 -11.95 -36.58
N THR E 191 -1.06 -11.00 -36.37
CA THR E 191 -2.35 -11.05 -37.05
C THR E 191 -2.18 -10.95 -38.55
N VAL E 192 -1.31 -10.05 -39.01
CA VAL E 192 -1.05 -9.95 -40.45
C VAL E 192 -0.49 -11.26 -40.98
N PHE E 193 0.47 -11.85 -40.26
CA PHE E 193 1.02 -13.14 -40.68
C PHE E 193 -0.06 -14.20 -40.82
N MET E 194 -0.89 -14.35 -39.78
CA MET E 194 -1.91 -15.40 -39.79
C MET E 194 -2.95 -15.16 -40.87
N LEU E 195 -3.37 -13.91 -41.06
CA LEU E 195 -4.35 -13.61 -42.09
C LEU E 195 -3.80 -13.87 -43.49
N ALA E 196 -2.54 -13.50 -43.73
CA ALA E 196 -1.92 -13.79 -45.02
C ALA E 196 -1.85 -15.31 -45.26
N ALA E 197 -1.47 -16.06 -44.23
CA ALA E 197 -1.39 -17.51 -44.38
C ALA E 197 -2.76 -18.11 -44.67
N SER E 198 -3.80 -17.63 -43.97
CA SER E 198 -5.15 -18.15 -44.21
C SER E 198 -5.64 -17.80 -45.61
N GLY E 199 -5.33 -16.59 -46.08
CA GLY E 199 -5.69 -16.24 -47.45
C GLY E 199 -5.00 -17.11 -48.48
N ILE E 200 -3.72 -17.40 -48.25
CA ILE E 200 -3.01 -18.32 -49.14
C ILE E 200 -3.65 -19.70 -49.11
N CYS E 201 -4.05 -20.17 -47.93
CA CYS E 201 -4.74 -21.45 -47.82
C CYS E 201 -6.04 -21.46 -48.62
N ILE E 202 -6.82 -20.38 -48.52
CA ILE E 202 -8.07 -20.31 -49.26
C ILE E 202 -7.81 -20.34 -50.77
N ILE E 203 -6.82 -19.58 -51.22
CA ILE E 203 -6.49 -19.56 -52.64
C ILE E 203 -6.07 -20.94 -53.12
N LEU E 204 -5.23 -21.62 -52.33
CA LEU E 204 -4.76 -22.94 -52.73
C LEU E 204 -5.90 -23.95 -52.75
N ASN E 205 -6.84 -23.85 -51.81
CA ASN E 205 -7.99 -24.76 -51.82
C ASN E 205 -8.86 -24.53 -53.04
N VAL E 206 -9.09 -23.27 -53.40
CA VAL E 206 -9.86 -22.97 -54.61
C VAL E 206 -9.16 -23.54 -55.83
N ALA E 207 -7.84 -23.36 -55.92
CA ALA E 207 -7.08 -23.88 -57.04
C ALA E 207 -7.14 -25.40 -57.10
N GLU E 208 -7.06 -26.06 -55.94
CA GLU E 208 -7.14 -27.52 -55.90
C GLU E 208 -8.50 -28.01 -56.39
N VAL E 209 -9.59 -27.37 -55.93
CA VAL E 209 -10.92 -27.77 -56.37
C VAL E 209 -11.05 -27.58 -57.88
N VAL E 210 -10.61 -26.45 -58.39
CA VAL E 210 -10.73 -26.18 -59.83
C VAL E 210 -9.91 -27.18 -60.62
N TYR E 211 -8.69 -27.48 -60.17
CA TYR E 211 -7.84 -28.42 -60.89
C TYR E 211 -8.45 -29.82 -60.89
N LEU E 212 -8.99 -30.26 -59.76
CA LEU E 212 -9.63 -31.58 -59.72
C LEU E 212 -10.85 -31.62 -60.63
N ILE E 213 -11.66 -30.57 -60.66
CA ILE E 213 -12.83 -30.55 -61.53
C ILE E 213 -12.39 -30.60 -62.98
N ILE E 214 -11.36 -29.85 -63.35
CA ILE E 214 -10.90 -29.83 -64.74
C ILE E 214 -10.34 -31.20 -65.12
N ARG E 215 -9.54 -31.81 -64.24
CA ARG E 215 -8.95 -33.10 -64.55
C ARG E 215 -10.02 -34.18 -64.70
N ALA E 216 -11.04 -34.15 -63.83
CA ALA E 216 -12.11 -35.14 -63.91
C ALA E 216 -12.87 -35.02 -65.23
N CYS E 217 -13.15 -33.80 -65.66
CA CYS E 217 -13.88 -33.57 -66.91
C CYS E 217 -12.92 -33.51 -68.10
N LEU F 9 13.93 -31.70 -43.92
CA LEU F 9 14.42 -31.32 -42.60
C LEU F 9 15.06 -29.93 -42.64
N LEU F 10 15.62 -29.50 -41.51
CA LEU F 10 16.26 -28.20 -41.43
C LEU F 10 17.51 -28.18 -42.30
N SER F 11 17.63 -27.14 -43.14
CA SER F 11 18.68 -27.03 -44.15
C SER F 11 18.86 -28.36 -44.88
N GLY F 12 17.76 -28.84 -45.45
CA GLY F 12 17.71 -30.18 -45.98
C GLY F 12 18.63 -30.39 -47.17
N VAL F 13 18.88 -31.66 -47.45
CA VAL F 13 19.77 -32.07 -48.53
C VAL F 13 18.93 -32.74 -49.62
N ASN F 14 19.47 -32.75 -50.83
CA ASN F 14 18.76 -33.27 -51.98
C ASN F 14 19.67 -34.08 -52.90
N ARG F 15 20.71 -34.70 -52.34
CA ARG F 15 21.69 -35.48 -53.09
C ARG F 15 22.57 -34.58 -53.95
N HIS F 16 22.27 -33.28 -53.96
CA HIS F 16 23.06 -32.29 -54.68
C HIS F 16 23.77 -31.32 -53.75
N SER F 17 23.50 -31.39 -52.45
CA SER F 17 24.14 -30.49 -51.49
C SER F 17 25.61 -30.86 -51.34
N THR F 18 26.47 -29.85 -51.34
CA THR F 18 27.90 -30.08 -51.19
C THR F 18 28.28 -30.17 -49.71
N ALA F 19 29.59 -30.16 -49.44
CA ALA F 19 30.06 -30.23 -48.06
C ALA F 19 29.63 -29.01 -47.25
N ILE F 20 29.65 -27.82 -47.86
CA ILE F 20 29.31 -26.60 -47.15
C ILE F 20 27.81 -26.36 -47.07
N GLY F 21 26.99 -27.31 -47.53
CA GLY F 21 25.56 -27.17 -47.44
C GLY F 21 24.94 -28.34 -46.71
N ARG F 22 25.72 -29.39 -46.49
CA ARG F 22 25.26 -30.57 -45.77
C ARG F 22 25.87 -30.68 -44.39
N VAL F 23 27.10 -30.19 -44.19
CA VAL F 23 27.79 -30.33 -42.93
C VAL F 23 27.77 -29.05 -42.11
N TRP F 24 28.01 -27.89 -42.71
CA TRP F 24 28.16 -26.66 -41.95
C TRP F 24 26.85 -25.93 -41.73
N LEU F 25 26.00 -25.83 -42.75
CA LEU F 25 24.73 -25.13 -42.61
C LEU F 25 23.84 -25.79 -41.57
N SER F 26 23.80 -27.12 -41.55
CA SER F 26 23.02 -27.82 -40.55
C SER F 26 23.55 -27.55 -39.14
N VAL F 27 24.87 -27.53 -38.99
CA VAL F 27 25.45 -27.25 -37.67
C VAL F 27 25.10 -25.84 -37.22
N ILE F 28 25.19 -24.86 -38.11
CA ILE F 28 24.87 -23.49 -37.74
C ILE F 28 23.38 -23.36 -37.40
N PHE F 29 22.52 -24.04 -38.17
CA PHE F 29 21.09 -23.99 -37.88
C PHE F 29 20.77 -24.59 -36.52
N ILE F 30 21.39 -25.73 -36.19
CA ILE F 30 21.18 -26.36 -34.90
C ILE F 30 21.70 -25.46 -33.78
N PHE F 31 22.86 -24.81 -34.01
CA PHE F 31 23.39 -23.89 -33.02
C PHE F 31 22.44 -22.75 -32.75
N ARG F 32 21.88 -22.16 -33.81
CA ARG F 32 20.91 -21.09 -33.63
C ARG F 32 19.66 -21.57 -32.90
N ILE F 33 19.18 -22.76 -33.25
CA ILE F 33 17.99 -23.30 -32.59
C ILE F 33 18.26 -23.48 -31.10
N MET F 34 19.41 -24.05 -30.74
CA MET F 34 19.73 -24.28 -29.34
C MET F 34 19.89 -22.97 -28.58
N VAL F 35 20.56 -21.99 -29.18
CA VAL F 35 20.72 -20.69 -28.53
C VAL F 35 19.35 -20.04 -28.30
N LEU F 36 18.48 -20.08 -29.31
CA LEU F 36 17.16 -19.49 -29.16
C LEU F 36 16.36 -20.22 -28.08
N VAL F 37 16.48 -21.54 -28.01
CA VAL F 37 15.76 -22.30 -26.98
C VAL F 37 16.26 -21.93 -25.60
N VAL F 38 17.58 -21.84 -25.41
CA VAL F 38 18.12 -21.55 -24.08
C VAL F 38 18.03 -20.08 -23.71
N ALA F 39 17.70 -19.19 -24.64
CA ALA F 39 17.56 -17.78 -24.32
C ALA F 39 16.13 -17.25 -24.48
N ALA F 40 15.18 -18.08 -24.92
CA ALA F 40 13.85 -17.56 -25.22
C ALA F 40 13.11 -17.14 -23.97
N GLU F 41 13.08 -18.01 -22.95
CA GLU F 41 12.36 -17.73 -21.73
C GLU F 41 13.25 -17.28 -20.57
N SER F 42 14.54 -17.59 -20.62
CA SER F 42 15.43 -17.20 -19.53
C SER F 42 15.70 -15.70 -19.54
N VAL F 43 16.00 -15.14 -20.70
CA VAL F 43 16.39 -13.74 -20.81
C VAL F 43 15.19 -12.84 -21.11
N TRP F 44 14.45 -13.16 -22.16
CA TRP F 44 13.31 -12.36 -22.58
C TRP F 44 12.00 -12.77 -21.90
N GLY F 45 12.07 -13.61 -20.85
CA GLY F 45 10.85 -14.04 -20.20
C GLY F 45 10.14 -12.91 -19.48
N ASP F 46 10.87 -12.07 -18.77
CA ASP F 46 10.31 -10.97 -18.00
C ASP F 46 10.65 -9.62 -18.63
N GLU F 47 10.64 -9.57 -19.96
CA GLU F 47 10.92 -8.31 -20.64
C GLU F 47 9.84 -7.27 -20.38
N LYS F 48 8.59 -7.73 -20.19
CA LYS F 48 7.48 -6.80 -20.02
C LYS F 48 7.22 -6.47 -18.56
N SER F 49 7.28 -7.49 -17.69
CA SER F 49 6.96 -7.27 -16.28
C SER F 49 8.05 -6.52 -15.54
N SER F 50 9.33 -6.83 -15.82
CA SER F 50 10.41 -6.14 -15.14
C SER F 50 10.60 -4.73 -15.71
N PHE F 51 10.02 -4.46 -16.87
CA PHE F 51 10.11 -3.14 -17.48
C PHE F 51 9.23 -2.16 -16.72
N ILE F 52 9.86 -1.16 -16.09
CA ILE F 52 9.15 -0.17 -15.29
C ILE F 52 9.62 1.21 -15.70
N CYS F 53 8.77 2.20 -15.50
CA CYS F 53 9.08 3.59 -15.81
C CYS F 53 8.96 4.45 -14.56
N ASN F 54 9.59 5.62 -14.61
CA ASN F 54 9.61 6.55 -13.48
C ASN F 54 8.48 7.56 -13.60
N THR F 55 7.25 7.08 -13.42
CA THR F 55 6.08 7.94 -13.48
C THR F 55 4.97 7.35 -12.63
N LEU F 56 4.02 8.19 -12.27
CA LEU F 56 2.82 7.76 -11.56
C LEU F 56 1.61 7.65 -12.47
N GLN F 57 1.75 7.96 -13.75
CA GLN F 57 0.64 7.88 -14.70
C GLN F 57 0.28 6.43 -14.97
N PRO F 58 -0.97 6.02 -14.75
CA PRO F 58 -1.35 4.64 -15.08
C PRO F 58 -1.36 4.41 -16.58
N GLY F 59 -0.92 3.21 -16.96
CA GLY F 59 -0.89 2.81 -18.35
C GLY F 59 0.30 3.30 -19.14
N CYS F 60 1.24 4.01 -18.51
CA CYS F 60 2.40 4.52 -19.24
C CYS F 60 3.43 3.43 -19.53
N ASN F 61 3.55 2.44 -18.64
CA ASN F 61 4.53 1.38 -18.84
C ASN F 61 4.24 0.59 -20.11
N SER F 62 2.98 0.22 -20.33
CA SER F 62 2.64 -0.61 -21.49
C SER F 62 2.85 0.14 -22.79
N VAL F 63 2.42 1.41 -22.85
CA VAL F 63 2.59 2.17 -24.08
C VAL F 63 4.07 2.43 -24.35
N CYS F 64 4.85 2.70 -23.31
CA CYS F 64 6.29 2.90 -23.51
C CYS F 64 6.95 1.63 -24.01
N TYR F 65 6.61 0.48 -23.42
CA TYR F 65 7.20 -0.78 -23.87
C TYR F 65 6.84 -1.07 -25.31
N ASP F 66 5.58 -0.85 -25.69
CA ASP F 66 5.18 -1.10 -27.07
C ASP F 66 5.86 -0.11 -28.01
N GLN F 67 6.17 1.09 -27.52
CA GLN F 67 6.85 2.07 -28.34
C GLN F 67 8.29 1.66 -28.62
N PHE F 68 9.00 1.19 -27.60
CA PHE F 68 10.42 0.90 -27.75
C PHE F 68 10.71 -0.52 -28.20
N PHE F 69 9.74 -1.43 -28.12
CA PHE F 69 9.91 -2.83 -28.55
C PHE F 69 8.72 -3.23 -29.39
N PRO F 70 8.65 -2.79 -30.64
CA PRO F 70 7.51 -3.17 -31.49
C PRO F 70 7.34 -4.67 -31.63
N ILE F 71 8.44 -5.40 -31.73
CA ILE F 71 8.42 -6.87 -31.73
C ILE F 71 9.72 -7.36 -31.12
N SER F 72 9.59 -8.26 -30.14
CA SER F 72 10.73 -8.69 -29.36
C SER F 72 11.76 -9.42 -30.22
N HIS F 73 13.02 -9.39 -29.76
CA HIS F 73 14.10 -10.03 -30.50
C HIS F 73 13.86 -11.53 -30.65
N VAL F 74 13.38 -12.18 -29.59
CA VAL F 74 13.21 -13.63 -29.60
C VAL F 74 12.18 -14.04 -30.66
N ARG F 75 11.06 -13.33 -30.72
CA ARG F 75 10.02 -13.70 -31.68
C ARG F 75 10.43 -13.33 -33.10
N LEU F 76 11.19 -12.25 -33.28
CA LEU F 76 11.72 -11.92 -34.60
C LEU F 76 12.66 -13.02 -35.08
N TRP F 77 13.54 -13.51 -34.20
CA TRP F 77 14.45 -14.59 -34.58
C TRP F 77 13.69 -15.88 -34.83
N SER F 78 12.61 -16.12 -34.07
CA SER F 78 11.80 -17.31 -34.29
C SER F 78 11.14 -17.27 -35.67
N LEU F 79 10.57 -16.13 -36.04
CA LEU F 79 9.99 -15.99 -37.37
C LEU F 79 11.05 -16.16 -38.45
N GLN F 80 12.23 -15.59 -38.23
CA GLN F 80 13.30 -15.74 -39.20
C GLN F 80 13.68 -17.21 -39.38
N LEU F 81 13.80 -17.95 -38.28
CA LEU F 81 14.15 -19.36 -38.37
C LEU F 81 13.06 -20.16 -39.06
N ILE F 82 11.80 -19.86 -38.77
CA ILE F 82 10.69 -20.59 -39.40
C ILE F 82 10.70 -20.35 -40.91
N LEU F 83 10.84 -19.08 -41.31
CA LEU F 83 10.83 -18.77 -42.74
C LEU F 83 12.07 -19.29 -43.45
N VAL F 84 13.20 -19.39 -42.75
CA VAL F 84 14.39 -19.98 -43.34
C VAL F 84 14.23 -21.48 -43.52
N SER F 85 13.60 -22.14 -42.54
CA SER F 85 13.41 -23.59 -42.62
C SER F 85 12.29 -23.98 -43.58
N THR F 86 11.38 -23.06 -43.91
CA THR F 86 10.28 -23.41 -44.80
C THR F 86 10.72 -23.93 -46.17
N PRO F 87 11.61 -23.26 -46.92
CA PRO F 87 11.96 -23.80 -48.25
C PRO F 87 12.59 -25.17 -48.22
N ALA F 88 13.42 -25.47 -47.22
CA ALA F 88 14.03 -26.79 -47.14
C ALA F 88 12.98 -27.86 -46.90
N LEU F 89 12.02 -27.59 -46.01
CA LEU F 89 10.94 -28.54 -45.77
C LEU F 89 10.09 -28.72 -47.02
N LEU F 90 9.84 -27.64 -47.75
CA LEU F 90 9.07 -27.74 -48.99
C LEU F 90 9.80 -28.59 -50.02
N VAL F 91 11.12 -28.42 -50.14
CA VAL F 91 11.91 -29.22 -51.07
C VAL F 91 11.88 -30.68 -50.67
N ALA F 92 12.03 -30.97 -49.38
CA ALA F 92 11.97 -32.36 -48.92
C ALA F 92 10.61 -32.98 -49.21
N MET F 93 9.53 -32.22 -48.98
CA MET F 93 8.19 -32.71 -49.28
C MET F 93 8.03 -32.99 -50.76
N HIS F 94 8.55 -32.10 -51.62
CA HIS F 94 8.47 -32.32 -53.06
C HIS F 94 9.25 -33.55 -53.48
N VAL F 95 10.43 -33.76 -52.88
CA VAL F 95 11.22 -34.94 -53.20
C VAL F 95 10.49 -36.21 -52.81
N ALA F 96 9.89 -36.22 -51.61
CA ALA F 96 9.12 -37.38 -51.19
C ALA F 96 7.93 -37.62 -52.10
N HIS F 97 7.25 -36.55 -52.53
CA HIS F 97 6.13 -36.68 -53.44
C HIS F 97 6.58 -37.27 -54.78
N GLN F 98 7.71 -36.80 -55.30
CA GLN F 98 8.22 -37.33 -56.57
C GLN F 98 8.59 -38.80 -56.44
N GLN F 99 9.22 -39.18 -55.31
CA GLN F 99 9.55 -40.58 -55.10
C GLN F 99 8.29 -41.44 -55.03
N HIS F 100 7.27 -40.95 -54.33
CA HIS F 100 6.02 -41.71 -54.25
C HIS F 100 5.36 -41.83 -55.62
N ILE F 101 5.38 -40.76 -56.41
CA ILE F 101 4.80 -40.81 -57.75
C ILE F 101 5.54 -41.81 -58.62
N GLU F 102 6.87 -41.80 -58.57
CA GLU F 102 7.66 -42.74 -59.37
C GLU F 102 7.41 -44.18 -58.93
N LYS F 103 7.28 -44.41 -57.61
CA LYS F 103 6.97 -45.75 -57.13
C LYS F 103 5.58 -46.19 -57.60
N LYS F 104 4.61 -45.28 -57.58
CA LYS F 104 3.26 -45.62 -58.02
C LYS F 104 3.24 -45.98 -59.50
N MET F 105 3.98 -45.24 -60.33
CA MET F 105 4.02 -45.50 -61.76
C MET F 105 4.82 -46.77 -62.05
N ILE F 127 14.59 -35.62 -64.83
CA ILE F 127 14.02 -35.40 -63.51
C ILE F 127 15.10 -34.85 -62.57
N SER F 128 16.36 -35.13 -62.89
CA SER F 128 17.46 -34.64 -62.05
C SER F 128 17.65 -33.13 -62.23
N GLY F 129 17.49 -32.63 -63.46
CA GLY F 129 17.67 -31.21 -63.69
C GLY F 129 16.64 -30.36 -62.98
N THR F 130 15.38 -30.81 -62.98
CA THR F 130 14.34 -30.09 -62.26
C THR F 130 14.63 -30.05 -60.76
N LEU F 131 15.09 -31.18 -60.21
CA LEU F 131 15.45 -31.21 -58.79
C LEU F 131 16.62 -30.27 -58.50
N TRP F 132 17.61 -30.24 -59.39
CA TRP F 132 18.75 -29.35 -59.20
C TRP F 132 18.31 -27.89 -59.22
N TRP F 133 17.46 -27.51 -60.18
CA TRP F 133 16.98 -26.13 -60.24
C TRP F 133 16.13 -25.79 -59.03
N THR F 134 15.32 -26.74 -58.57
CA THR F 134 14.51 -26.51 -57.37
C THR F 134 15.40 -26.27 -56.15
N TYR F 135 16.47 -27.05 -56.02
CA TYR F 135 17.39 -26.85 -54.90
C TYR F 135 18.08 -25.50 -54.99
N VAL F 136 18.49 -25.09 -56.20
CA VAL F 136 19.12 -23.79 -56.36
C VAL F 136 18.16 -22.67 -55.97
N ILE F 137 16.91 -22.76 -56.43
CA ILE F 137 15.92 -21.75 -56.09
C ILE F 137 15.66 -21.73 -54.58
N SER F 138 15.64 -22.91 -53.95
CA SER F 138 15.44 -22.96 -52.51
C SER F 138 16.57 -22.27 -51.76
N VAL F 139 17.82 -22.52 -52.19
CA VAL F 139 18.95 -21.85 -51.53
C VAL F 139 18.87 -20.34 -51.73
N VAL F 140 18.49 -19.91 -52.94
CA VAL F 140 18.35 -18.49 -53.20
C VAL F 140 17.29 -17.87 -52.30
N PHE F 141 16.16 -18.54 -52.14
CA PHE F 141 15.09 -18.00 -51.30
C PHE F 141 15.51 -17.96 -49.83
N ARG F 142 16.23 -18.98 -49.37
CA ARG F 142 16.73 -18.96 -48.01
C ARG F 142 17.69 -17.79 -47.79
N LEU F 143 18.57 -17.54 -48.75
CA LEU F 143 19.47 -16.40 -48.67
C LEU F 143 18.68 -15.09 -48.63
N LEU F 144 17.65 -14.98 -49.47
CA LEU F 144 16.83 -13.77 -49.50
C LEU F 144 16.14 -13.54 -48.17
N PHE F 145 15.58 -14.60 -47.58
CA PHE F 145 14.92 -14.44 -46.28
C PHE F 145 15.92 -14.04 -45.20
N GLU F 146 17.11 -14.64 -45.20
CA GLU F 146 18.13 -14.23 -44.24
C GLU F 146 18.47 -12.75 -44.40
N ALA F 147 18.69 -12.30 -45.63
CA ALA F 147 19.06 -10.90 -45.85
C ALA F 147 17.94 -9.96 -45.43
N VAL F 148 16.69 -10.28 -45.79
CA VAL F 148 15.60 -9.36 -45.48
C VAL F 148 15.36 -9.31 -43.98
N PHE F 149 15.49 -10.43 -43.27
CA PHE F 149 15.30 -10.40 -41.84
C PHE F 149 16.42 -9.65 -41.14
N MET F 150 17.66 -9.80 -41.61
CA MET F 150 18.76 -9.02 -41.04
C MET F 150 18.53 -7.53 -41.27
N TYR F 151 18.08 -7.15 -42.47
CA TYR F 151 17.81 -5.74 -42.74
C TYR F 151 16.69 -5.21 -41.86
N VAL F 152 15.64 -6.00 -41.66
CA VAL F 152 14.54 -5.58 -40.78
C VAL F 152 15.04 -5.40 -39.35
N PHE F 153 15.87 -6.32 -38.87
CA PHE F 153 16.42 -6.19 -37.53
C PHE F 153 17.28 -4.93 -37.41
N TYR F 154 18.07 -4.63 -38.43
CA TYR F 154 18.88 -3.41 -38.40
C TYR F 154 17.99 -2.17 -38.39
N LEU F 155 16.90 -2.20 -39.17
CA LEU F 155 16.02 -1.04 -39.26
C LEU F 155 15.29 -0.80 -37.95
N LEU F 156 14.78 -1.85 -37.32
CA LEU F 156 14.03 -1.69 -36.07
C LEU F 156 14.96 -1.30 -34.91
N TYR F 157 16.11 -1.96 -34.81
CA TYR F 157 17.02 -1.79 -33.68
C TYR F 157 18.41 -1.44 -34.21
N PRO F 158 18.66 -0.17 -34.53
CA PRO F 158 20.00 0.23 -34.95
C PRO F 158 21.02 -0.03 -33.84
N GLY F 159 22.20 -0.49 -34.25
CA GLY F 159 23.24 -0.83 -33.31
C GLY F 159 23.06 -2.24 -32.75
N TYR F 160 24.11 -2.70 -32.07
CA TYR F 160 24.12 -4.04 -31.48
C TYR F 160 23.94 -4.02 -29.98
N ALA F 161 23.78 -2.85 -29.36
CA ALA F 161 23.74 -2.74 -27.91
C ALA F 161 22.41 -2.16 -27.45
N MET F 162 21.97 -2.58 -26.28
CA MET F 162 20.76 -2.09 -25.64
C MET F 162 21.14 -1.25 -24.42
N VAL F 163 20.50 -0.11 -24.30
CA VAL F 163 20.80 0.84 -23.23
C VAL F 163 19.86 0.58 -22.05
N ARG F 164 20.37 0.87 -20.84
CA ARG F 164 19.57 0.66 -19.65
C ARG F 164 18.42 1.64 -19.55
N LEU F 165 18.65 2.89 -19.96
CA LEU F 165 17.68 3.98 -19.78
C LEU F 165 17.17 4.44 -21.14
N VAL F 166 15.86 4.65 -21.24
CA VAL F 166 15.24 5.16 -22.45
C VAL F 166 14.31 6.29 -22.09
N LYS F 167 14.28 7.33 -22.93
CA LYS F 167 13.41 8.47 -22.75
C LYS F 167 12.21 8.32 -23.66
N CYS F 168 11.01 8.31 -23.09
CA CYS F 168 9.79 8.08 -23.84
C CYS F 168 8.82 9.23 -23.66
N ASP F 169 8.31 9.76 -24.77
CA ASP F 169 7.34 10.85 -24.77
C ASP F 169 6.18 10.48 -25.69
N VAL F 170 5.24 9.70 -25.16
CA VAL F 170 4.09 9.26 -25.93
C VAL F 170 2.89 9.22 -24.99
N TYR F 171 1.72 9.55 -25.53
CA TYR F 171 0.50 9.59 -24.74
C TYR F 171 0.23 8.21 -24.14
N PRO F 172 -0.26 8.14 -22.88
CA PRO F 172 -0.65 9.23 -21.98
C PRO F 172 0.46 9.73 -21.07
N CYS F 173 1.70 9.30 -21.27
CA CYS F 173 2.79 9.72 -20.41
C CYS F 173 3.02 11.22 -20.55
N PRO F 174 3.00 11.98 -19.46
CA PRO F 174 3.25 13.43 -19.58
C PRO F 174 4.70 13.71 -19.94
N ASN F 175 4.87 14.65 -20.87
CA ASN F 175 6.16 14.98 -21.48
C ASN F 175 7.05 13.76 -21.67
N THR F 176 8.25 13.80 -21.08
CA THR F 176 9.23 12.72 -21.23
C THR F 176 9.37 11.98 -19.91
N VAL F 177 9.45 10.66 -20.00
CA VAL F 177 9.58 9.79 -18.83
C VAL F 177 10.79 8.88 -19.04
N ASP F 178 11.38 8.45 -17.92
CA ASP F 178 12.57 7.60 -17.92
C ASP F 178 12.14 6.15 -17.66
N CYS F 179 12.20 5.33 -18.70
CA CYS F 179 11.92 3.91 -18.57
C CYS F 179 13.24 3.14 -18.51
N PHE F 180 13.20 1.99 -17.84
CA PHE F 180 14.39 1.18 -17.58
C PHE F 180 14.20 -0.21 -18.17
N VAL F 181 15.14 -0.62 -19.02
CA VAL F 181 15.07 -1.94 -19.65
C VAL F 181 15.68 -2.98 -18.72
N SER F 182 15.24 -4.23 -18.87
CA SER F 182 15.69 -5.33 -18.04
C SER F 182 16.72 -6.15 -18.80
N ARG F 183 17.86 -6.39 -18.15
CA ARG F 183 18.94 -7.20 -18.70
C ARG F 183 19.41 -6.72 -20.08
N PRO F 184 19.93 -5.51 -20.19
CA PRO F 184 20.43 -5.06 -21.50
C PRO F 184 21.72 -5.75 -21.93
N THR F 185 22.60 -6.09 -20.98
CA THR F 185 23.89 -6.65 -21.34
C THR F 185 23.76 -8.08 -21.86
N GLU F 186 22.97 -8.91 -21.17
CA GLU F 186 22.76 -10.28 -21.63
C GLU F 186 22.06 -10.31 -22.98
N LYS F 187 21.07 -9.43 -23.17
CA LYS F 187 20.40 -9.35 -24.45
C LYS F 187 21.35 -8.89 -25.54
N THR F 188 22.26 -7.97 -25.21
CA THR F 188 23.27 -7.56 -26.19
C THR F 188 24.18 -8.72 -26.58
N VAL F 189 24.59 -9.52 -25.60
CA VAL F 189 25.46 -10.67 -25.89
C VAL F 189 24.74 -11.65 -26.81
N PHE F 190 23.49 -11.97 -26.49
CA PHE F 190 22.76 -12.92 -27.33
C PHE F 190 22.46 -12.34 -28.71
N THR F 191 22.22 -11.03 -28.79
CA THR F 191 22.04 -10.40 -30.10
C THR F 191 23.30 -10.51 -30.94
N VAL F 192 24.47 -10.30 -30.33
CA VAL F 192 25.71 -10.45 -31.06
C VAL F 192 25.88 -11.88 -31.55
N PHE F 193 25.57 -12.86 -30.69
CA PHE F 193 25.66 -14.27 -31.10
C PHE F 193 24.77 -14.55 -32.30
N MET F 194 23.50 -14.14 -32.21
CA MET F 194 22.55 -14.44 -33.29
C MET F 194 22.92 -13.73 -34.58
N LEU F 195 23.37 -12.48 -34.49
CA LEU F 195 23.76 -11.75 -35.70
C LEU F 195 24.98 -12.37 -36.35
N ALA F 196 25.97 -12.79 -35.55
CA ALA F 196 27.13 -13.47 -36.12
C ALA F 196 26.72 -14.77 -36.80
N ALA F 197 25.83 -15.54 -36.16
CA ALA F 197 25.38 -16.79 -36.76
C ALA F 197 24.64 -16.54 -38.07
N SER F 198 23.78 -15.51 -38.12
CA SER F 198 23.06 -15.21 -39.34
C SER F 198 23.99 -14.74 -40.45
N GLY F 199 25.02 -13.95 -40.10
CA GLY F 199 25.99 -13.55 -41.09
C GLY F 199 26.76 -14.73 -41.66
N ILE F 200 27.13 -15.68 -40.79
CA ILE F 200 27.79 -16.89 -41.26
C ILE F 200 26.86 -17.67 -42.18
N CYS F 201 25.57 -17.74 -41.85
CA CYS F 201 24.62 -18.43 -42.71
C CYS F 201 24.54 -17.76 -44.08
N ILE F 202 24.51 -16.43 -44.12
CA ILE F 202 24.44 -15.72 -45.39
C ILE F 202 25.70 -16.00 -46.22
N ILE F 203 26.87 -15.95 -45.58
CA ILE F 203 28.11 -16.21 -46.30
C ILE F 203 28.11 -17.63 -46.87
N LEU F 204 27.67 -18.61 -46.07
CA LEU F 204 27.68 -19.98 -46.53
C LEU F 204 26.67 -20.19 -47.66
N ASN F 205 25.53 -19.52 -47.61
CA ASN F 205 24.57 -19.62 -48.71
C ASN F 205 25.13 -19.03 -50.00
N VAL F 206 25.81 -17.88 -49.90
CA VAL F 206 26.45 -17.30 -51.08
C VAL F 206 27.49 -18.26 -51.65
N ALA F 207 28.30 -18.85 -50.77
CA ALA F 207 29.32 -19.79 -51.23
C ALA F 207 28.69 -21.01 -51.89
N GLU F 208 27.59 -21.52 -51.32
CA GLU F 208 26.91 -22.66 -51.91
C GLU F 208 26.37 -22.34 -53.29
N VAL F 209 25.74 -21.18 -53.45
CA VAL F 209 25.22 -20.80 -54.75
C VAL F 209 26.35 -20.67 -55.76
N VAL F 210 27.45 -20.02 -55.38
CA VAL F 210 28.56 -19.84 -56.30
C VAL F 210 29.16 -21.20 -56.68
N TYR F 211 29.33 -22.09 -55.71
CA TYR F 211 29.91 -23.40 -55.99
C TYR F 211 29.02 -24.20 -56.93
N LEU F 212 27.70 -24.18 -56.70
CA LEU F 212 26.79 -24.89 -57.59
C LEU F 212 26.83 -24.33 -58.99
N ILE F 213 26.86 -23.00 -59.12
CA ILE F 213 26.92 -22.39 -60.46
C ILE F 213 28.21 -22.79 -61.17
N ILE F 214 29.33 -22.76 -60.45
CA ILE F 214 30.62 -23.12 -61.06
C ILE F 214 30.61 -24.58 -61.48
N ARG F 215 30.12 -25.47 -60.61
CA ARG F 215 30.11 -26.89 -60.93
C ARG F 215 29.21 -27.19 -62.13
N ALA F 216 28.05 -26.53 -62.21
CA ALA F 216 27.15 -26.74 -63.33
C ALA F 216 27.79 -26.31 -64.64
N CYS F 217 28.48 -25.18 -64.65
CA CYS F 217 29.14 -24.68 -65.85
C CYS F 217 30.54 -25.23 -65.99
N LEU G 9 -18.76 50.52 15.32
CA LEU G 9 -19.00 49.11 15.55
C LEU G 9 -19.79 48.48 14.41
N LEU G 10 -20.14 47.21 14.56
CA LEU G 10 -20.93 46.52 13.55
C LEU G 10 -22.33 47.11 13.48
N SER G 11 -22.77 47.43 12.26
CA SER G 11 -24.02 48.14 12.01
C SER G 11 -24.18 49.31 12.98
N GLY G 12 -23.17 50.19 12.95
CA GLY G 12 -23.05 51.22 13.95
C GLY G 12 -24.17 52.23 13.90
N VAL G 13 -24.29 52.98 15.01
CA VAL G 13 -25.32 53.98 15.17
C VAL G 13 -24.66 55.36 15.16
N ASN G 14 -25.47 56.37 14.83
CA ASN G 14 -24.97 57.74 14.71
C ASN G 14 -25.93 58.75 15.32
N ARG G 15 -26.72 58.34 16.32
CA ARG G 15 -27.72 59.17 16.97
C ARG G 15 -28.89 59.44 16.03
N HIS G 16 -28.78 58.96 14.78
CA HIS G 16 -29.85 59.09 13.80
C HIS G 16 -30.47 57.75 13.44
N SER G 17 -29.91 56.65 13.93
CA SER G 17 -30.42 55.33 13.61
C SER G 17 -31.74 55.08 14.34
N THR G 18 -32.72 54.56 13.61
CA THR G 18 -34.04 54.29 14.19
C THR G 18 -34.03 52.95 14.91
N ALA G 19 -35.23 52.48 15.28
CA ALA G 19 -35.35 51.20 15.96
C ALA G 19 -34.95 50.04 15.06
N ILE G 20 -35.27 50.11 13.76
CA ILE G 20 -34.97 49.03 12.83
C ILE G 20 -33.55 49.09 12.32
N GLY G 21 -32.72 49.98 12.83
CA GLY G 21 -31.33 50.05 12.43
C GLY G 21 -30.39 49.98 13.61
N ARG G 22 -30.94 50.11 14.81
CA ARG G 22 -30.17 50.02 16.04
C ARG G 22 -30.41 48.72 16.79
N VAL G 23 -31.62 48.18 16.75
CA VAL G 23 -31.95 46.99 17.51
C VAL G 23 -31.94 45.72 16.66
N TRP G 24 -32.48 45.76 15.44
CA TRP G 24 -32.64 44.54 14.66
C TRP G 24 -31.42 44.24 13.78
N LEU G 25 -30.85 45.25 13.12
CA LEU G 25 -29.70 45.02 12.26
C LEU G 25 -28.51 44.48 13.05
N SER G 26 -28.28 45.02 14.24
CA SER G 26 -27.18 44.51 15.07
C SER G 26 -27.42 43.06 15.47
N VAL G 27 -28.67 42.71 15.80
CA VAL G 27 -28.98 41.34 16.17
C VAL G 27 -28.73 40.40 14.99
N ILE G 28 -29.17 40.79 13.80
CA ILE G 28 -28.97 39.94 12.63
C ILE G 28 -27.48 39.80 12.32
N PHE G 29 -26.72 40.90 12.44
CA PHE G 29 -25.29 40.83 12.18
C PHE G 29 -24.59 39.90 13.16
N ILE G 30 -24.96 39.99 14.45
CA ILE G 30 -24.36 39.10 15.44
C ILE G 30 -24.75 37.65 15.18
N PHE G 31 -25.99 37.43 14.76
CA PHE G 31 -26.44 36.07 14.42
C PHE G 31 -25.61 35.50 13.27
N ARG G 32 -25.40 36.31 12.23
CA ARG G 32 -24.59 35.84 11.10
C ARG G 32 -23.16 35.57 11.53
N ILE G 33 -22.59 36.45 12.38
CA ILE G 33 -21.22 36.24 12.85
C ILE G 33 -21.12 34.93 13.62
N MET G 34 -22.07 34.69 14.52
CA MET G 34 -22.02 33.46 15.32
C MET G 34 -22.19 32.22 14.47
N VAL G 35 -23.12 32.26 13.50
CA VAL G 35 -23.31 31.11 12.62
C VAL G 35 -22.04 30.84 11.81
N LEU G 36 -21.43 31.90 11.28
CA LEU G 36 -20.20 31.72 10.51
C LEU G 36 -19.08 31.17 11.39
N VAL G 37 -18.99 31.62 12.64
CA VAL G 37 -17.96 31.12 13.53
C VAL G 37 -18.17 29.64 13.82
N VAL G 38 -19.43 29.24 14.11
CA VAL G 38 -19.69 27.85 14.47
C VAL G 38 -19.73 26.92 13.26
N ALA G 39 -19.76 27.45 12.04
CA ALA G 39 -19.74 26.60 10.86
C ALA G 39 -18.50 26.75 9.99
N ALA G 40 -17.55 27.61 10.37
CA ALA G 40 -16.41 27.88 9.50
C ALA G 40 -15.48 26.68 9.42
N GLU G 41 -15.10 26.12 10.57
CA GLU G 41 -14.17 25.00 10.62
C GLU G 41 -14.83 23.66 10.84
N SER G 42 -16.05 23.63 11.39
CA SER G 42 -16.72 22.36 11.65
C SER G 42 -17.20 21.71 10.37
N VAL G 43 -17.83 22.49 9.48
CA VAL G 43 -18.43 21.96 8.26
C VAL G 43 -17.47 22.04 7.09
N TRP G 44 -16.95 23.23 6.81
CA TRP G 44 -16.06 23.44 5.68
C TRP G 44 -14.60 23.20 6.02
N GLY G 45 -14.31 22.58 7.17
CA GLY G 45 -12.93 22.34 7.54
C GLY G 45 -12.24 21.34 6.62
N ASP G 46 -12.91 20.25 6.29
CA ASP G 46 -12.35 19.19 5.46
C ASP G 46 -13.01 19.15 4.09
N GLU G 47 -13.32 20.33 3.55
CA GLU G 47 -13.92 20.38 2.22
C GLU G 47 -12.96 19.90 1.14
N LYS G 48 -11.65 20.11 1.33
CA LYS G 48 -10.68 19.75 0.31
C LYS G 48 -10.16 18.33 0.51
N SER G 49 -9.88 17.95 1.75
CA SER G 49 -9.28 16.64 2.01
C SER G 49 -10.28 15.50 1.85
N SER G 50 -11.52 15.69 2.31
CA SER G 50 -12.52 14.62 2.17
C SER G 50 -13.02 14.52 0.74
N PHE G 51 -12.80 15.57 -0.06
CA PHE G 51 -13.18 15.55 -1.46
C PHE G 51 -12.31 14.58 -2.24
N ILE G 52 -12.93 13.53 -2.77
CA ILE G 52 -12.22 12.51 -3.52
C ILE G 52 -12.96 12.23 -4.81
N CYS G 53 -12.22 11.79 -5.83
CA CYS G 53 -12.80 11.45 -7.11
C CYS G 53 -12.54 9.97 -7.44
N ASN G 54 -13.34 9.45 -8.36
CA ASN G 54 -13.23 8.05 -8.77
C ASN G 54 -12.33 7.89 -9.99
N THR G 55 -11.04 8.13 -9.76
CA THR G 55 -10.04 8.01 -10.82
C THR G 55 -8.69 7.65 -10.22
N LEU G 56 -7.81 7.12 -11.07
CA LEU G 56 -6.44 6.82 -10.67
C LEU G 56 -5.45 7.86 -11.18
N GLN G 57 -5.91 8.87 -11.91
CA GLN G 57 -5.05 9.91 -12.45
C GLN G 57 -4.55 10.81 -11.33
N PRO G 58 -3.25 10.96 -11.14
CA PRO G 58 -2.75 11.88 -10.11
C PRO G 58 -3.06 13.33 -10.45
N GLY G 59 -3.37 14.11 -9.43
CA GLY G 59 -3.65 15.52 -9.60
C GLY G 59 -5.06 15.85 -10.04
N CYS G 60 -5.92 14.85 -10.25
CA CYS G 60 -7.27 15.13 -10.70
C CYS G 60 -8.17 15.68 -9.60
N ASN G 61 -7.95 15.26 -8.35
CA ASN G 61 -8.78 15.75 -7.25
C ASN G 61 -8.67 17.26 -7.09
N SER G 62 -7.44 17.78 -7.11
CA SER G 62 -7.26 19.22 -6.88
C SER G 62 -7.87 20.06 -8.00
N VAL G 63 -7.65 19.65 -9.25
CA VAL G 63 -8.20 20.41 -10.37
C VAL G 63 -9.72 20.34 -10.36
N CYS G 64 -10.29 19.16 -10.06
CA CYS G 64 -11.74 19.05 -9.97
C CYS G 64 -12.31 19.94 -8.87
N TYR G 65 -11.67 19.93 -7.70
CA TYR G 65 -12.15 20.76 -6.59
C TYR G 65 -12.09 22.23 -6.95
N ASP G 66 -10.98 22.67 -7.56
CA ASP G 66 -10.88 24.07 -7.94
C ASP G 66 -11.88 24.42 -9.03
N GLN G 67 -12.24 23.44 -9.86
CA GLN G 67 -13.24 23.69 -10.91
C GLN G 67 -14.63 23.89 -10.32
N PHE G 68 -15.00 23.05 -9.34
CA PHE G 68 -16.36 23.11 -8.83
C PHE G 68 -16.53 24.06 -7.65
N PHE G 69 -15.45 24.50 -7.02
CA PHE G 69 -15.50 25.42 -5.89
C PHE G 69 -14.48 26.53 -6.10
N PRO G 70 -14.76 27.49 -6.98
CA PRO G 70 -13.81 28.58 -7.20
C PRO G 70 -13.46 29.33 -5.94
N ILE G 71 -14.43 29.56 -5.07
CA ILE G 71 -14.19 30.17 -3.76
C ILE G 71 -15.23 29.61 -2.79
N SER G 72 -14.76 29.13 -1.65
CA SER G 72 -15.63 28.42 -0.72
C SER G 72 -16.71 29.35 -0.16
N HIS G 73 -17.81 28.74 0.27
CA HIS G 73 -18.93 29.51 0.81
C HIS G 73 -18.51 30.29 2.05
N VAL G 74 -17.71 29.67 2.93
CA VAL G 74 -17.34 30.30 4.18
C VAL G 74 -16.54 31.57 3.93
N ARG G 75 -15.57 31.51 3.02
CA ARG G 75 -14.74 32.67 2.77
C ARG G 75 -15.50 33.75 2.00
N LEU G 76 -16.43 33.34 1.13
CA LEU G 76 -17.28 34.32 0.46
C LEU G 76 -18.14 35.07 1.47
N TRP G 77 -18.71 34.35 2.43
CA TRP G 77 -19.52 35.00 3.47
C TRP G 77 -18.65 35.87 4.37
N SER G 78 -17.41 35.43 4.64
CA SER G 78 -16.50 36.24 5.44
C SER G 78 -16.18 37.56 4.74
N LEU G 79 -15.88 37.51 3.45
CA LEU G 79 -15.63 38.74 2.70
C LEU G 79 -16.86 39.62 2.67
N GLN G 80 -18.04 39.02 2.51
CA GLN G 80 -19.28 39.80 2.53
C GLN G 80 -19.46 40.50 3.86
N LEU G 81 -19.22 39.80 4.97
CA LEU G 81 -19.37 40.40 6.29
C LEU G 81 -18.36 41.52 6.51
N ILE G 82 -17.11 41.32 6.07
CA ILE G 82 -16.09 42.36 6.24
C ILE G 82 -16.47 43.61 5.45
N LEU G 83 -16.88 43.43 4.20
CA LEU G 83 -17.22 44.59 3.38
C LEU G 83 -18.51 45.26 3.86
N VAL G 84 -19.43 44.50 4.46
CA VAL G 84 -20.62 45.10 5.05
C VAL G 84 -20.28 45.90 6.29
N SER G 85 -19.37 45.38 7.12
CA SER G 85 -18.99 46.07 8.34
C SER G 85 -18.07 47.27 8.10
N THR G 86 -17.41 47.33 6.94
CA THR G 86 -16.49 48.43 6.68
C THR G 86 -17.14 49.81 6.73
N PRO G 87 -18.26 50.08 6.04
CA PRO G 87 -18.82 51.44 6.10
C PRO G 87 -19.24 51.89 7.48
N ALA G 88 -19.78 50.98 8.31
CA ALA G 88 -20.15 51.36 9.66
C ALA G 88 -18.93 51.74 10.49
N LEU G 89 -17.85 50.97 10.36
CA LEU G 89 -16.62 51.31 11.07
C LEU G 89 -16.06 52.64 10.59
N LEU G 90 -16.12 52.89 9.29
CA LEU G 90 -15.64 54.16 8.76
C LEU G 90 -16.46 55.33 9.30
N VAL G 91 -17.78 55.16 9.38
CA VAL G 91 -18.65 56.21 9.91
C VAL G 91 -18.34 56.45 11.38
N ALA G 92 -18.14 55.38 12.15
CA ALA G 92 -17.80 55.54 13.57
C ALA G 92 -16.46 56.26 13.73
N MET G 93 -15.48 55.92 12.90
CA MET G 93 -14.19 56.59 12.95
C MET G 93 -14.33 58.07 12.62
N HIS G 94 -15.13 58.40 11.61
CA HIS G 94 -15.35 59.79 11.24
C HIS G 94 -16.05 60.55 12.37
N VAL G 95 -17.02 59.92 13.03
CA VAL G 95 -17.71 60.57 14.13
C VAL G 95 -16.75 60.83 15.28
N ALA G 96 -15.90 59.86 15.61
CA ALA G 96 -14.92 60.05 16.67
C ALA G 96 -13.95 61.17 16.30
N HIS G 97 -13.51 61.21 15.03
CA HIS G 97 -12.61 62.27 14.59
C HIS G 97 -13.27 63.64 14.71
N GLN G 98 -14.54 63.75 14.32
CA GLN G 98 -15.24 65.03 14.43
C GLN G 98 -15.40 65.44 15.89
N GLN G 99 -15.72 64.50 16.77
CA GLN G 99 -15.83 64.82 18.18
C GLN G 99 -14.49 65.30 18.75
N HIS G 100 -13.40 64.63 18.36
CA HIS G 100 -12.08 65.06 18.82
C HIS G 100 -11.74 66.45 18.29
N ILE G 101 -12.07 66.73 17.03
CA ILE G 101 -11.81 68.04 16.46
C ILE G 101 -12.59 69.12 17.20
N GLU G 102 -13.87 68.85 17.48
CA GLU G 102 -14.69 69.83 18.19
C GLU G 102 -14.17 70.05 19.61
N LYS G 103 -13.71 68.98 20.27
CA LYS G 103 -13.11 69.14 21.59
C LYS G 103 -11.83 69.97 21.53
N LYS G 104 -11.01 69.74 20.49
CA LYS G 104 -9.76 70.49 20.35
C LYS G 104 -10.03 71.97 20.14
N MET G 105 -11.03 72.30 19.31
CA MET G 105 -11.37 73.69 19.03
C MET G 105 -12.02 74.35 20.24
N ILE G 127 -23.55 70.83 11.21
CA ILE G 127 -22.73 69.64 11.41
C ILE G 127 -23.62 68.41 11.48
N SER G 128 -24.88 68.61 11.90
CA SER G 128 -25.81 67.48 11.98
C SER G 128 -26.23 67.00 10.60
N GLY G 129 -26.42 67.92 9.66
CA GLY G 129 -26.83 67.53 8.31
C GLY G 129 -25.79 66.71 7.59
N THR G 130 -24.51 67.09 7.73
CA THR G 130 -23.45 66.31 7.11
C THR G 130 -23.38 64.90 7.69
N LEU G 131 -23.55 64.78 9.02
CA LEU G 131 -23.56 63.46 9.64
C LEU G 131 -24.75 62.64 9.15
N TRP G 132 -25.91 63.28 9.02
CA TRP G 132 -27.10 62.58 8.52
C TRP G 132 -26.88 62.06 7.11
N TRP G 133 -26.33 62.90 6.23
CA TRP G 133 -26.07 62.46 4.86
C TRP G 133 -25.02 61.37 4.82
N THR G 134 -23.99 61.46 5.67
CA THR G 134 -22.99 60.42 5.73
C THR G 134 -23.60 59.09 6.16
N TYR G 135 -24.48 59.12 7.15
CA TYR G 135 -25.14 57.89 7.59
C TYR G 135 -26.01 57.31 6.48
N VAL G 136 -26.74 58.17 5.77
CA VAL G 136 -27.57 57.69 4.66
C VAL G 136 -26.71 57.02 3.60
N ILE G 137 -25.60 57.66 3.23
CA ILE G 137 -24.70 57.10 2.22
C ILE G 137 -24.12 55.77 2.71
N SER G 138 -23.80 55.69 4.00
CA SER G 138 -23.27 54.44 4.55
C SER G 138 -24.29 53.32 4.45
N VAL G 139 -25.55 53.60 4.79
CA VAL G 139 -26.58 52.59 4.69
C VAL G 139 -26.77 52.15 3.23
N VAL G 140 -26.73 53.12 2.31
CA VAL G 140 -26.87 52.80 0.89
C VAL G 140 -25.74 51.89 0.43
N PHE G 141 -24.51 52.19 0.85
CA PHE G 141 -23.37 51.37 0.44
C PHE G 141 -23.44 49.97 1.05
N ARG G 142 -23.89 49.87 2.30
CA ARG G 142 -24.06 48.55 2.90
C ARG G 142 -25.11 47.73 2.13
N LEU G 143 -26.21 48.38 1.75
CA LEU G 143 -27.22 47.70 0.95
C LEU G 143 -26.65 47.25 -0.38
N LEU G 144 -25.86 48.11 -1.02
CA LEU G 144 -25.26 47.77 -2.31
C LEU G 144 -24.32 46.57 -2.18
N PHE G 145 -23.50 46.55 -1.12
CA PHE G 145 -22.60 45.42 -0.93
C PHE G 145 -23.37 44.13 -0.68
N GLU G 146 -24.44 44.21 0.13
CA GLU G 146 -25.27 43.03 0.35
C GLU G 146 -25.84 42.51 -0.96
N ALA G 147 -26.40 43.40 -1.78
CA ALA G 147 -27.01 42.98 -3.04
C ALA G 147 -25.98 42.38 -3.98
N VAL G 148 -24.81 43.01 -4.10
CA VAL G 148 -23.82 42.52 -5.06
C VAL G 148 -23.26 41.19 -4.60
N PHE G 149 -23.06 40.99 -3.29
CA PHE G 149 -22.57 39.70 -2.83
C PHE G 149 -23.60 38.61 -3.00
N MET G 150 -24.89 38.92 -2.77
CA MET G 150 -25.92 37.92 -3.01
C MET G 150 -25.98 37.55 -4.50
N TYR G 151 -25.85 38.55 -5.38
CA TYR G 151 -25.86 38.25 -6.81
C TYR G 151 -24.66 37.40 -7.22
N VAL G 152 -23.48 37.70 -6.65
CA VAL G 152 -22.30 36.90 -6.95
C VAL G 152 -22.48 35.47 -6.47
N PHE G 153 -23.05 35.29 -5.27
CA PHE G 153 -23.30 33.95 -4.77
C PHE G 153 -24.26 33.19 -5.67
N TYR G 154 -25.31 33.87 -6.15
CA TYR G 154 -26.24 33.23 -7.06
C TYR G 154 -25.57 32.86 -8.38
N LEU G 155 -24.69 33.72 -8.88
CA LEU G 155 -24.03 33.45 -10.15
C LEU G 155 -23.05 32.28 -10.04
N LEU G 156 -22.30 32.22 -8.95
CA LEU G 156 -21.32 31.14 -8.81
C LEU G 156 -22.00 29.80 -8.51
N TYR G 157 -23.00 29.80 -7.63
CA TYR G 157 -23.65 28.58 -7.17
C TYR G 157 -25.15 28.71 -7.38
N PRO G 158 -25.64 28.44 -8.59
CA PRO G 158 -27.08 28.45 -8.81
C PRO G 158 -27.78 27.42 -7.94
N GLY G 159 -28.94 27.79 -7.42
CA GLY G 159 -29.69 26.93 -6.53
C GLY G 159 -29.20 27.04 -5.10
N TYR G 160 -29.98 26.45 -4.19
CA TYR G 160 -29.68 26.48 -2.77
C TYR G 160 -29.15 25.15 -2.24
N ALA G 161 -29.06 24.13 -3.09
CA ALA G 161 -28.71 22.78 -2.65
C ALA G 161 -27.42 22.32 -3.30
N MET G 162 -26.67 21.50 -2.57
CA MET G 162 -25.44 20.90 -3.06
C MET G 162 -25.65 19.41 -3.28
N VAL G 163 -25.18 18.92 -4.40
CA VAL G 163 -25.37 17.52 -4.79
C VAL G 163 -24.17 16.70 -4.31
N ARG G 164 -24.42 15.43 -4.04
CA ARG G 164 -23.35 14.55 -3.58
C ARG G 164 -22.36 14.24 -4.69
N LEU G 165 -22.85 14.07 -5.92
CA LEU G 165 -22.05 13.61 -7.05
C LEU G 165 -21.91 14.72 -8.07
N VAL G 166 -20.70 14.92 -8.58
CA VAL G 166 -20.44 15.90 -9.63
C VAL G 166 -19.62 15.24 -10.73
N LYS G 167 -19.94 15.57 -11.98
CA LYS G 167 -19.22 15.07 -13.14
C LYS G 167 -18.24 16.13 -13.62
N CYS G 168 -16.96 15.78 -13.66
CA CYS G 168 -15.91 16.74 -14.00
C CYS G 168 -15.11 16.24 -15.19
N ASP G 169 -14.94 17.10 -16.19
CA ASP G 169 -14.16 16.80 -17.40
C ASP G 169 -13.20 17.95 -17.66
N VAL G 170 -12.06 17.93 -16.97
CA VAL G 170 -11.04 18.97 -17.11
C VAL G 170 -9.67 18.32 -17.00
N TYR G 171 -8.72 18.82 -17.76
CA TYR G 171 -7.37 18.27 -17.76
C TYR G 171 -6.78 18.34 -16.36
N PRO G 172 -6.03 17.32 -15.92
CA PRO G 172 -5.62 16.10 -16.64
C PRO G 172 -6.56 14.93 -16.51
N CYS G 173 -7.75 15.11 -15.92
CA CYS G 173 -8.66 14.00 -15.73
C CYS G 173 -9.13 13.48 -17.08
N PRO G 174 -8.99 12.18 -17.37
CA PRO G 174 -9.46 11.66 -18.65
C PRO G 174 -10.98 11.66 -18.72
N ASN G 175 -11.50 12.07 -19.88
CA ASN G 175 -12.93 12.30 -20.12
C ASN G 175 -13.65 12.83 -18.88
N THR G 176 -14.69 12.13 -18.44
CA THR G 176 -15.51 12.56 -17.33
C THR G 176 -15.26 11.66 -16.13
N VAL G 177 -15.14 12.27 -14.95
CA VAL G 177 -14.89 11.56 -13.71
C VAL G 177 -15.95 11.94 -12.69
N ASP G 178 -16.21 11.02 -11.76
CA ASP G 178 -17.23 11.19 -10.73
C ASP G 178 -16.54 11.61 -9.44
N CYS G 179 -16.71 12.87 -9.06
CA CYS G 179 -16.22 13.38 -7.79
C CYS G 179 -17.35 13.44 -6.77
N PHE G 180 -17.00 13.30 -5.50
CA PHE G 180 -17.98 13.24 -4.42
C PHE G 180 -17.73 14.37 -3.43
N VAL G 181 -18.76 15.17 -3.18
CA VAL G 181 -18.65 16.27 -2.24
C VAL G 181 -18.86 15.77 -0.82
N SER G 182 -18.29 16.48 0.15
CA SER G 182 -18.38 16.13 1.56
C SER G 182 -19.42 16.98 2.25
N ARG G 183 -20.34 16.34 2.97
CA ARG G 183 -21.39 17.01 3.74
C ARG G 183 -22.22 17.99 2.90
N PRO G 184 -22.92 17.52 1.87
CA PRO G 184 -23.76 18.44 1.09
C PRO G 184 -24.99 18.92 1.84
N THR G 185 -25.57 18.07 2.70
CA THR G 185 -26.82 18.44 3.35
C THR G 185 -26.61 19.51 4.42
N GLU G 186 -25.57 19.35 5.24
CA GLU G 186 -25.28 20.34 6.26
C GLU G 186 -24.90 21.68 5.63
N LYS G 187 -24.11 21.64 4.55
CA LYS G 187 -23.76 22.86 3.85
C LYS G 187 -24.99 23.52 3.24
N THR G 188 -25.93 22.71 2.74
CA THR G 188 -27.17 23.26 2.23
C THR G 188 -27.97 23.96 3.33
N VAL G 189 -28.03 23.35 4.52
CA VAL G 189 -28.76 23.95 5.63
C VAL G 189 -28.14 25.29 6.02
N PHE G 190 -26.81 25.32 6.14
CA PHE G 190 -26.16 26.56 6.51
C PHE G 190 -26.25 27.61 5.42
N THR G 191 -26.24 27.20 4.15
CA THR G 191 -26.44 28.13 3.05
C THR G 191 -27.82 28.76 3.13
N VAL G 192 -28.85 27.94 3.42
CA VAL G 192 -30.20 28.49 3.57
C VAL G 192 -30.24 29.50 4.71
N PHE G 193 -29.62 29.16 5.85
CA PHE G 193 -29.58 30.08 6.97
C PHE G 193 -28.95 31.41 6.58
N MET G 194 -27.77 31.35 5.96
CA MET G 194 -27.04 32.58 5.62
C MET G 194 -27.79 33.40 4.58
N LEU G 195 -28.38 32.75 3.58
CA LEU G 195 -29.13 33.48 2.56
C LEU G 195 -30.37 34.14 3.15
N ALA G 196 -31.08 33.45 4.05
CA ALA G 196 -32.23 34.07 4.70
C ALA G 196 -31.80 35.27 5.53
N ALA G 197 -30.69 35.15 6.26
CA ALA G 197 -30.21 36.27 7.06
C ALA G 197 -29.82 37.45 6.18
N SER G 198 -29.16 37.20 5.05
CA SER G 198 -28.77 38.28 4.16
C SER G 198 -29.99 38.95 3.53
N GLY G 199 -31.01 38.16 3.19
CA GLY G 199 -32.24 38.74 2.67
C GLY G 199 -32.93 39.62 3.69
N ILE G 200 -32.95 39.17 4.95
CA ILE G 200 -33.52 40.01 6.01
C ILE G 200 -32.72 41.29 6.16
N CYS G 201 -31.39 41.20 6.06
CA CYS G 201 -30.57 42.41 6.14
C CYS G 201 -30.89 43.38 5.01
N ILE G 202 -31.07 42.87 3.80
CA ILE G 202 -31.39 43.74 2.67
C ILE G 202 -32.75 44.40 2.88
N ILE G 203 -33.73 43.63 3.35
CA ILE G 203 -35.06 44.21 3.59
C ILE G 203 -34.98 45.30 4.65
N LEU G 204 -34.25 45.04 5.74
CA LEU G 204 -34.15 46.03 6.81
C LEU G 204 -33.41 47.28 6.34
N ASN G 205 -32.38 47.13 5.49
CA ASN G 205 -31.69 48.30 4.97
C ASN G 205 -32.61 49.13 4.08
N VAL G 206 -33.40 48.47 3.24
CA VAL G 206 -34.36 49.20 2.42
C VAL G 206 -35.35 49.95 3.29
N ALA G 207 -35.86 49.28 4.33
CA ALA G 207 -36.81 49.92 5.24
C ALA G 207 -36.18 51.11 5.95
N GLU G 208 -34.92 50.98 6.38
CA GLU G 208 -34.24 52.08 7.04
C GLU G 208 -34.08 53.27 6.11
N VAL G 209 -33.66 53.03 4.86
CA VAL G 209 -33.51 54.13 3.92
C VAL G 209 -34.84 54.83 3.68
N VAL G 210 -35.90 54.03 3.47
CA VAL G 210 -37.22 54.62 3.22
C VAL G 210 -37.68 55.43 4.42
N TYR G 211 -37.51 54.89 5.62
CA TYR G 211 -37.95 55.61 6.82
C TYR G 211 -37.18 56.91 7.00
N LEU G 212 -35.87 56.89 6.78
CA LEU G 212 -35.09 58.12 6.89
C LEU G 212 -35.53 59.15 5.86
N ILE G 213 -35.78 58.72 4.62
CA ILE G 213 -36.22 59.65 3.60
C ILE G 213 -37.57 60.26 3.96
N ILE G 214 -38.49 59.43 4.45
CA ILE G 214 -39.82 59.93 4.83
C ILE G 214 -39.71 60.91 5.99
N ARG G 215 -38.91 60.57 7.01
CA ARG G 215 -38.78 61.44 8.17
C ARG G 215 -38.14 62.77 7.80
N ALA G 216 -37.14 62.74 6.92
CA ALA G 216 -36.49 63.99 6.50
C ALA G 216 -37.46 64.90 5.77
N CYS G 217 -38.29 64.33 4.89
CA CYS G 217 -39.25 65.12 4.14
C CYS G 217 -40.57 65.27 4.91
N LEU H 9 -27.86 39.95 27.54
CA LEU H 9 -27.02 38.78 27.77
C LEU H 9 -27.83 37.49 27.60
N LEU H 10 -27.19 36.36 27.89
CA LEU H 10 -27.86 35.08 27.78
C LEU H 10 -28.96 34.96 28.82
N SER H 11 -30.16 34.57 28.38
CA SER H 11 -31.36 34.54 29.21
C SER H 11 -31.47 35.81 30.03
N GLY H 12 -31.45 36.94 29.34
CA GLY H 12 -31.32 38.22 29.97
C GLY H 12 -32.50 38.59 30.85
N VAL H 13 -32.26 39.56 31.72
CA VAL H 13 -33.25 40.04 32.68
C VAL H 13 -33.67 41.44 32.28
N ASN H 14 -34.86 41.83 32.74
CA ASN H 14 -35.43 43.13 32.38
C ASN H 14 -36.11 43.80 33.57
N ARG H 15 -35.64 43.51 34.80
CA ARG H 15 -36.21 44.04 36.03
C ARG H 15 -37.58 43.42 36.30
N HIS H 16 -38.07 42.59 35.37
CA HIS H 16 -39.33 41.89 35.52
C HIS H 16 -39.15 40.39 35.65
N SER H 17 -37.93 39.89 35.49
CA SER H 17 -37.66 38.46 35.59
C SER H 17 -37.75 38.01 37.04
N THR H 18 -38.45 36.90 37.28
CA THR H 18 -38.60 36.37 38.61
C THR H 18 -37.38 35.53 39.01
N ALA H 19 -37.50 34.79 40.10
CA ALA H 19 -36.40 33.95 40.57
C ALA H 19 -36.12 32.81 39.59
N ILE H 20 -37.17 32.24 38.98
CA ILE H 20 -36.99 31.12 38.07
C ILE H 20 -36.62 31.56 36.66
N GLY H 21 -36.39 32.85 36.45
CA GLY H 21 -35.96 33.34 35.15
C GLY H 21 -34.66 34.10 35.22
N ARG H 22 -34.25 34.44 36.45
CA ARG H 22 -33.00 35.15 36.67
C ARG H 22 -31.92 34.25 37.25
N VAL H 23 -32.29 33.27 38.06
CA VAL H 23 -31.33 32.42 38.74
C VAL H 23 -31.17 31.05 38.08
N TRP H 24 -32.27 30.40 37.69
CA TRP H 24 -32.19 29.03 37.20
C TRP H 24 -31.95 28.95 35.69
N LEU H 25 -32.65 29.77 34.90
CA LEU H 25 -32.49 29.71 33.46
C LEU H 25 -31.07 30.06 33.04
N SER H 26 -30.47 31.06 33.69
CA SER H 26 -29.09 31.40 33.38
C SER H 26 -28.14 30.25 33.72
N VAL H 27 -28.37 29.59 34.85
CA VAL H 27 -27.52 28.47 35.23
C VAL H 27 -27.63 27.34 34.21
N ILE H 28 -28.86 27.03 33.78
CA ILE H 28 -29.04 25.97 32.80
C ILE H 28 -28.40 26.33 31.47
N PHE H 29 -28.53 27.61 31.06
CA PHE H 29 -27.93 28.04 29.81
C PHE H 29 -26.41 27.93 29.87
N ILE H 30 -25.80 28.35 30.98
CA ILE H 30 -24.36 28.24 31.14
C ILE H 30 -23.93 26.78 31.15
N PHE H 31 -24.71 25.92 31.80
CA PHE H 31 -24.40 24.50 31.81
C PHE H 31 -24.42 23.92 30.41
N ARG H 32 -25.43 24.26 29.61
CA ARG H 32 -25.48 23.79 28.24
C ARG H 32 -24.30 24.32 27.42
N ILE H 33 -23.95 25.59 27.61
CA ILE H 33 -22.83 26.18 26.88
C ILE H 33 -21.54 25.43 27.21
N MET H 34 -21.31 25.17 28.50
CA MET H 34 -20.08 24.49 28.92
C MET H 34 -20.05 23.06 28.39
N VAL H 35 -21.17 22.34 28.45
CA VAL H 35 -21.20 20.97 27.94
C VAL H 35 -20.91 20.97 26.44
N LEU H 36 -21.53 21.89 25.70
CA LEU H 36 -21.30 21.96 24.26
C LEU H 36 -19.84 22.29 23.96
N VAL H 37 -19.23 23.18 24.74
CA VAL H 37 -17.84 23.53 24.53
C VAL H 37 -16.93 22.33 24.79
N VAL H 38 -17.18 21.60 25.87
CA VAL H 38 -16.31 20.47 26.21
C VAL H 38 -16.59 19.22 25.39
N ALA H 39 -17.69 19.18 24.64
CA ALA H 39 -17.98 18.03 23.79
C ALA H 39 -17.98 18.34 22.30
N ALA H 40 -17.74 19.59 21.89
CA ALA H 40 -17.87 19.94 20.48
C ALA H 40 -16.77 19.31 19.65
N GLU H 41 -15.51 19.44 20.08
CA GLU H 41 -14.38 18.92 19.33
C GLU H 41 -13.83 17.61 19.88
N SER H 42 -14.08 17.31 21.15
CA SER H 42 -13.54 16.09 21.73
C SER H 42 -14.27 14.85 21.21
N VAL H 43 -15.59 14.90 21.16
CA VAL H 43 -16.40 13.74 20.78
C VAL H 43 -16.73 13.75 19.29
N TRP H 44 -17.29 14.85 18.80
CA TRP H 44 -17.68 14.96 17.40
C TRP H 44 -16.57 15.49 16.50
N GLY H 45 -15.33 15.53 17.00
CA GLY H 45 -14.23 16.04 16.19
C GLY H 45 -13.93 15.15 15.00
N ASP H 46 -13.88 13.84 15.21
CA ASP H 46 -13.54 12.88 14.17
C ASP H 46 -14.76 12.04 13.77
N GLU H 47 -15.93 12.68 13.73
CA GLU H 47 -17.13 11.99 13.31
C GLU H 47 -17.07 11.56 11.85
N LYS H 48 -16.36 12.33 11.02
CA LYS H 48 -16.33 12.04 9.59
C LYS H 48 -15.14 11.16 9.22
N SER H 49 -13.97 11.44 9.80
CA SER H 49 -12.76 10.70 9.43
C SER H 49 -12.75 9.29 10.00
N SER H 50 -13.18 9.11 11.24
CA SER H 50 -13.20 7.77 11.83
C SER H 50 -14.34 6.94 11.28
N PHE H 51 -15.30 7.58 10.64
CA PHE H 51 -16.42 6.87 10.02
C PHE H 51 -15.94 6.14 8.77
N ILE H 52 -16.00 4.81 8.82
CA ILE H 52 -15.55 3.97 7.72
C ILE H 52 -16.63 2.94 7.41
N CYS H 53 -16.67 2.50 6.16
CA CYS H 53 -17.62 1.48 5.73
C CYS H 53 -16.88 0.25 5.21
N ASN H 54 -17.59 -0.86 5.15
CA ASN H 54 -17.02 -2.13 4.72
C ASN H 54 -17.27 -2.36 3.23
N THR H 55 -16.57 -1.55 2.42
CA THR H 55 -16.68 -1.65 0.97
C THR H 55 -15.39 -1.17 0.33
N LEU H 56 -15.18 -1.58 -0.92
CA LEU H 56 -14.06 -1.11 -1.71
C LEU H 56 -14.46 -0.03 -2.72
N GLN H 57 -15.73 0.33 -2.76
CA GLN H 57 -16.21 1.34 -3.68
C GLN H 57 -15.73 2.73 -3.26
N PRO H 58 -15.03 3.47 -4.11
CA PRO H 58 -14.60 4.82 -3.75
C PRO H 58 -15.80 5.77 -3.65
N GLY H 59 -15.72 6.66 -2.66
CA GLY H 59 -16.76 7.65 -2.46
C GLY H 59 -17.97 7.17 -1.69
N CYS H 60 -17.99 5.91 -1.25
CA CYS H 60 -19.15 5.41 -0.52
C CYS H 60 -19.20 5.92 0.92
N ASN H 61 -18.04 6.15 1.54
CA ASN H 61 -18.03 6.63 2.92
C ASN H 61 -18.71 7.98 3.05
N SER H 62 -18.39 8.92 2.15
CA SER H 62 -18.93 10.27 2.27
C SER H 62 -20.44 10.28 2.05
N VAL H 63 -20.92 9.55 1.03
CA VAL H 63 -22.35 9.54 0.77
C VAL H 63 -23.10 8.84 1.90
N CYS H 64 -22.54 7.76 2.45
CA CYS H 64 -23.18 7.10 3.58
C CYS H 64 -23.24 8.02 4.80
N TYR H 65 -22.15 8.73 5.09
CA TYR H 65 -22.14 9.63 6.24
C TYR H 65 -23.16 10.74 6.05
N ASP H 66 -23.23 11.32 4.85
CA ASP H 66 -24.21 12.38 4.62
C ASP H 66 -25.63 11.83 4.68
N GLN H 67 -25.81 10.55 4.34
CA GLN H 67 -27.13 9.96 4.42
C GLN H 67 -27.58 9.77 5.86
N PHE H 68 -26.68 9.30 6.72
CA PHE H 68 -27.08 8.99 8.09
C PHE H 68 -26.93 10.16 9.06
N PHE H 69 -26.21 11.21 8.68
CA PHE H 69 -26.02 12.39 9.53
C PHE H 69 -26.25 13.64 8.69
N PRO H 70 -27.51 13.98 8.40
CA PRO H 70 -27.76 15.19 7.60
C PRO H 70 -27.18 16.44 8.22
N ILE H 71 -27.25 16.56 9.54
CA ILE H 71 -26.61 17.66 10.27
C ILE H 71 -26.21 17.14 11.65
N SER H 72 -24.96 17.37 12.01
CA SER H 72 -24.41 16.79 13.22
C SER H 72 -25.11 17.33 14.47
N HIS H 73 -25.06 16.54 15.54
CA HIS H 73 -25.71 16.93 16.78
C HIS H 73 -25.13 18.21 17.34
N VAL H 74 -23.80 18.36 17.27
CA VAL H 74 -23.15 19.52 17.87
C VAL H 74 -23.61 20.81 17.18
N ARG H 75 -23.66 20.79 15.85
CA ARG H 75 -24.04 22.01 15.14
C ARG H 75 -25.53 22.29 15.28
N LEU H 76 -26.35 21.25 15.38
CA LEU H 76 -27.77 21.44 15.65
C LEU H 76 -27.97 22.10 17.01
N TRP H 77 -27.25 21.63 18.03
CA TRP H 77 -27.35 22.24 19.35
C TRP H 77 -26.80 23.66 19.35
N SER H 78 -25.75 23.91 18.57
CA SER H 78 -25.21 25.26 18.47
C SER H 78 -26.23 26.22 17.86
N LEU H 79 -26.89 25.81 16.78
CA LEU H 79 -27.93 26.64 16.19
C LEU H 79 -29.08 26.85 17.16
N GLN H 80 -29.45 25.81 17.90
CA GLN H 80 -30.51 25.95 18.88
C GLN H 80 -30.14 26.97 19.96
N LEU H 81 -28.90 26.91 20.45
CA LEU H 81 -28.45 27.85 21.47
C LEU H 81 -28.41 29.27 20.93
N ILE H 82 -27.95 29.45 19.69
CA ILE H 82 -27.88 30.79 19.12
C ILE H 82 -29.28 31.37 18.97
N LEU H 83 -30.21 30.58 18.44
CA LEU H 83 -31.58 31.08 18.24
C LEU H 83 -32.30 31.29 19.57
N VAL H 84 -31.96 30.52 20.60
CA VAL H 84 -32.54 30.74 21.92
C VAL H 84 -32.00 32.02 22.53
N SER H 85 -30.70 32.29 22.35
CA SER H 85 -30.10 33.48 22.92
C SER H 85 -30.45 34.75 22.16
N THR H 86 -30.89 34.63 20.91
CA THR H 86 -31.20 35.82 20.12
C THR H 86 -32.27 36.71 20.75
N PRO H 87 -33.45 36.21 21.15
CA PRO H 87 -34.46 37.13 21.71
C PRO H 87 -34.02 37.86 22.96
N ALA H 88 -33.24 37.22 23.84
CA ALA H 88 -32.76 37.89 25.04
C ALA H 88 -31.82 39.03 24.68
N LEU H 89 -30.91 38.79 23.73
CA LEU H 89 -30.00 39.84 23.29
C LEU H 89 -30.77 40.98 22.64
N LEU H 90 -31.81 40.66 21.85
CA LEU H 90 -32.62 41.71 21.24
C LEU H 90 -33.34 42.54 22.29
N VAL H 91 -33.87 41.88 23.33
CA VAL H 91 -34.54 42.61 24.40
C VAL H 91 -33.56 43.51 25.14
N ALA H 92 -32.36 43.01 25.43
CA ALA H 92 -31.35 43.82 26.09
C ALA H 92 -30.97 45.03 25.24
N MET H 93 -30.81 44.81 23.93
CA MET H 93 -30.49 45.93 23.03
C MET H 93 -31.61 46.96 23.02
N HIS H 94 -32.87 46.51 23.00
CA HIS H 94 -33.99 47.43 23.02
C HIS H 94 -34.04 48.21 24.33
N VAL H 95 -33.75 47.56 25.45
CA VAL H 95 -33.74 48.24 26.73
C VAL H 95 -32.65 49.30 26.77
N ALA H 96 -31.46 48.96 26.26
CA ALA H 96 -30.38 49.95 26.21
C ALA H 96 -30.75 51.11 25.30
N HIS H 97 -31.40 50.82 24.17
CA HIS H 97 -31.84 51.89 23.26
C HIS H 97 -32.85 52.80 23.93
N GLN H 98 -33.82 52.23 24.66
CA GLN H 98 -34.80 53.05 25.35
C GLN H 98 -34.15 53.90 26.44
N GLN H 99 -33.20 53.33 27.19
CA GLN H 99 -32.50 54.10 28.20
C GLN H 99 -31.73 55.25 27.58
N HIS H 100 -31.05 55.00 26.45
CA HIS H 100 -30.33 56.07 25.77
C HIS H 100 -31.28 57.14 25.26
N ILE H 101 -32.44 56.74 24.73
CA ILE H 101 -33.42 57.73 24.26
C ILE H 101 -33.92 58.58 25.42
N GLU H 102 -34.23 57.95 26.55
CA GLU H 102 -34.72 58.71 27.71
C GLU H 102 -33.65 59.65 28.23
N LYS H 103 -32.39 59.21 28.24
CA LYS H 103 -31.30 60.10 28.65
C LYS H 103 -31.15 61.27 27.70
N LYS H 104 -31.28 61.02 26.39
CA LYS H 104 -31.16 62.08 25.40
C LYS H 104 -32.26 63.12 25.56
N MET H 105 -33.50 62.67 25.81
CA MET H 105 -34.62 63.57 25.97
C MET H 105 -34.54 64.32 27.30
N ILE H 127 -44.35 53.20 29.89
CA ILE H 127 -43.13 52.62 29.33
C ILE H 127 -42.87 51.25 29.97
N SER H 128 -43.35 51.07 31.19
CA SER H 128 -43.15 49.80 31.89
C SER H 128 -44.01 48.69 31.27
N GLY H 129 -45.24 49.02 30.87
CA GLY H 129 -46.09 48.00 30.27
C GLY H 129 -45.57 47.47 28.96
N THR H 130 -45.03 48.36 28.12
CA THR H 130 -44.46 47.91 26.86
C THR H 130 -43.26 47.00 27.10
N LEU H 131 -42.42 47.35 28.07
CA LEU H 131 -41.28 46.49 28.40
C LEU H 131 -41.74 45.14 28.93
N TRP H 132 -42.79 45.13 29.75
CA TRP H 132 -43.33 43.87 30.27
C TRP H 132 -43.86 42.98 29.15
N TRP H 133 -44.62 43.57 28.22
CA TRP H 133 -45.14 42.79 27.10
C TRP H 133 -44.01 42.30 26.20
N THR H 134 -42.98 43.12 26.00
CA THR H 134 -41.84 42.70 25.20
C THR H 134 -41.14 41.51 25.85
N TYR H 135 -40.96 41.55 27.17
CA TYR H 135 -40.33 40.43 27.87
C TYR H 135 -41.18 39.18 27.76
N VAL H 136 -42.50 39.31 27.90
CA VAL H 136 -43.38 38.15 27.77
C VAL H 136 -43.27 37.54 26.37
N ILE H 137 -43.28 38.39 25.35
CA ILE H 137 -43.16 37.89 23.98
C ILE H 137 -41.81 37.22 23.76
N SER H 138 -40.76 37.79 24.35
CA SER H 138 -39.43 37.18 24.23
C SER H 138 -39.39 35.79 24.85
N VAL H 139 -39.98 35.65 26.05
CA VAL H 139 -40.01 34.34 26.68
C VAL H 139 -40.82 33.35 25.85
N VAL H 140 -41.93 33.81 25.29
CA VAL H 140 -42.75 32.94 24.44
C VAL H 140 -41.95 32.47 23.23
N PHE H 141 -41.22 33.39 22.59
CA PHE H 141 -40.44 33.02 21.41
C PHE H 141 -39.30 32.08 21.76
N ARG H 142 -38.67 32.28 22.91
CA ARG H 142 -37.63 31.35 23.35
C ARG H 142 -38.21 29.96 23.57
N LEU H 143 -39.38 29.88 24.19
CA LEU H 143 -40.05 28.59 24.39
C LEU H 143 -40.37 27.95 23.04
N LEU H 144 -40.86 28.74 22.09
CA LEU H 144 -41.19 28.21 20.77
C LEU H 144 -39.96 27.66 20.07
N PHE H 145 -38.84 28.38 20.14
CA PHE H 145 -37.60 27.90 19.52
C PHE H 145 -37.13 26.61 20.18
N GLU H 146 -37.19 26.55 21.50
CA GLU H 146 -36.82 25.32 22.20
C GLU H 146 -37.67 24.14 21.73
N ALA H 147 -38.99 24.34 21.68
CA ALA H 147 -39.89 23.26 21.27
C ALA H 147 -39.64 22.83 19.83
N VAL H 148 -39.47 23.78 18.92
CA VAL H 148 -39.31 23.42 17.52
C VAL H 148 -37.97 22.71 17.30
N PHE H 149 -36.92 23.13 18.00
CA PHE H 149 -35.63 22.46 17.84
C PHE H 149 -35.67 21.06 18.43
N MET H 150 -36.35 20.87 19.57
CA MET H 150 -36.50 19.54 20.11
C MET H 150 -37.28 18.63 19.16
N TYR H 151 -38.35 19.16 18.56
CA TYR H 151 -39.11 18.36 17.60
C TYR H 151 -38.28 18.01 16.38
N VAL H 152 -37.48 18.95 15.89
CA VAL H 152 -36.62 18.67 14.74
C VAL H 152 -35.60 17.59 15.09
N PHE H 153 -35.01 17.67 16.29
CA PHE H 153 -34.06 16.65 16.71
C PHE H 153 -34.72 15.29 16.80
N TYR H 154 -35.95 15.24 17.32
CA TYR H 154 -36.67 13.96 17.39
C TYR H 154 -36.96 13.43 15.99
N LEU H 155 -37.31 14.32 15.06
CA LEU H 155 -37.66 13.88 13.71
C LEU H 155 -36.44 13.35 12.97
N LEU H 156 -35.30 14.03 13.10
CA LEU H 156 -34.10 13.59 12.39
C LEU H 156 -33.51 12.33 13.00
N TYR H 157 -33.46 12.25 14.33
CA TYR H 157 -32.82 11.15 15.04
C TYR H 157 -33.79 10.55 16.04
N PRO H 158 -34.68 9.67 15.60
CA PRO H 158 -35.58 9.00 16.54
C PRO H 158 -34.79 8.20 17.57
N GLY H 159 -35.27 8.23 18.80
CA GLY H 159 -34.59 7.56 19.89
C GLY H 159 -33.46 8.40 20.46
N TYR H 160 -32.96 7.94 21.62
CA TYR H 160 -31.88 8.63 22.32
C TYR H 160 -30.54 7.94 22.17
N ALA H 161 -30.47 6.82 21.46
CA ALA H 161 -29.26 6.01 21.39
C ALA H 161 -28.76 5.92 19.96
N MET H 162 -27.44 5.82 19.82
CA MET H 162 -26.79 5.65 18.54
C MET H 162 -26.21 4.24 18.45
N VAL H 163 -26.40 3.61 17.31
CA VAL H 163 -25.97 2.22 17.10
C VAL H 163 -24.59 2.22 16.46
N ARG H 164 -23.83 1.16 16.74
CA ARG H 164 -22.49 1.06 16.18
C ARG H 164 -22.52 0.77 14.68
N LEU H 165 -23.48 -0.05 14.25
CA LEU H 165 -23.54 -0.53 12.87
C LEU H 165 -24.76 0.05 12.17
N VAL H 166 -24.58 0.51 10.94
CA VAL H 166 -25.67 1.04 10.13
C VAL H 166 -25.60 0.41 8.74
N LYS H 167 -26.76 0.08 8.19
CA LYS H 167 -26.87 -0.50 6.85
C LYS H 167 -27.26 0.61 5.88
N CYS H 168 -26.43 0.84 4.86
CA CYS H 168 -26.65 1.93 3.92
C CYS H 168 -26.74 1.38 2.50
N ASP H 169 -27.78 1.78 1.77
CA ASP H 169 -27.99 1.38 0.38
C ASP H 169 -28.30 2.63 -0.44
N VAL H 170 -27.26 3.35 -0.85
CA VAL H 170 -27.41 4.57 -1.63
C VAL H 170 -26.26 4.64 -2.62
N TYR H 171 -26.55 5.18 -3.81
CA TYR H 171 -25.55 5.27 -4.85
C TYR H 171 -24.36 6.10 -4.36
N PRO H 172 -23.12 5.72 -4.72
CA PRO H 172 -22.70 4.62 -5.59
C PRO H 172 -22.45 3.31 -4.88
N CYS H 173 -22.77 3.19 -3.60
CA CYS H 173 -22.51 1.97 -2.86
C CYS H 173 -23.34 0.83 -3.42
N PRO H 174 -22.72 -0.30 -3.81
CA PRO H 174 -23.52 -1.42 -4.33
C PRO H 174 -24.33 -2.07 -3.24
N ASN H 175 -25.58 -2.41 -3.58
CA ASN H 175 -26.60 -2.91 -2.65
C ASN H 175 -26.49 -2.27 -1.27
N THR H 176 -26.33 -3.10 -0.24
CA THR H 176 -26.27 -2.63 1.14
C THR H 176 -24.86 -2.81 1.68
N VAL H 177 -24.37 -1.81 2.40
CA VAL H 177 -23.03 -1.81 2.97
C VAL H 177 -23.13 -1.55 4.47
N ASP H 178 -22.15 -2.06 5.21
CA ASP H 178 -22.10 -1.95 6.67
C ASP H 178 -21.14 -0.82 7.04
N CYS H 179 -21.69 0.30 7.49
CA CYS H 179 -20.89 1.40 7.99
C CYS H 179 -20.86 1.38 9.51
N PHE H 180 -19.77 1.91 10.08
CA PHE H 180 -19.53 1.87 11.51
C PHE H 180 -19.39 3.28 12.05
N VAL H 181 -20.22 3.62 13.04
CA VAL H 181 -20.17 4.93 13.66
C VAL H 181 -19.08 4.97 14.71
N SER H 182 -18.55 6.15 14.97
CA SER H 182 -17.48 6.35 15.94
C SER H 182 -18.05 6.91 17.24
N ARG H 183 -17.68 6.28 18.36
CA ARG H 183 -18.10 6.71 19.69
C ARG H 183 -19.62 6.85 19.83
N PRO H 184 -20.38 5.78 19.65
CA PRO H 184 -21.84 5.89 19.82
C PRO H 184 -22.26 6.08 21.27
N THR H 185 -21.54 5.46 22.21
CA THR H 185 -21.97 5.50 23.62
C THR H 185 -21.76 6.88 24.23
N GLU H 186 -20.59 7.49 23.98
CA GLU H 186 -20.33 8.82 24.49
C GLU H 186 -21.30 9.84 23.89
N LYS H 187 -21.56 9.71 22.59
CA LYS H 187 -22.52 10.60 21.95
C LYS H 187 -23.91 10.40 22.52
N THR H 188 -24.28 9.16 22.84
CA THR H 188 -25.56 8.90 23.48
C THR H 188 -25.64 9.58 24.85
N VAL H 189 -24.57 9.49 25.63
CA VAL H 189 -24.56 10.12 26.96
C VAL H 189 -24.74 11.63 26.83
N PHE H 190 -23.98 12.25 25.92
CA PHE H 190 -24.10 13.69 25.76
C PHE H 190 -25.44 14.10 25.18
N THR H 191 -26.02 13.27 24.31
CA THR H 191 -27.36 13.55 23.82
C THR H 191 -28.38 13.52 24.95
N VAL H 192 -28.26 12.54 25.85
CA VAL H 192 -29.16 12.49 27.00
C VAL H 192 -29.01 13.74 27.85
N PHE H 193 -27.77 14.15 28.10
CA PHE H 193 -27.53 15.36 28.88
C PHE H 193 -28.21 16.57 28.24
N MET H 194 -27.96 16.77 26.94
CA MET H 194 -28.50 17.96 26.26
C MET H 194 -30.02 17.93 26.19
N LEU H 195 -30.61 16.76 25.94
CA LEU H 195 -32.06 16.67 25.89
C LEU H 195 -32.69 16.94 27.25
N ALA H 196 -32.08 16.41 28.32
CA ALA H 196 -32.59 16.71 29.66
C ALA H 196 -32.50 18.20 29.96
N ALA H 197 -31.39 18.82 29.60
CA ALA H 197 -31.24 20.26 29.84
C ALA H 197 -32.28 21.06 29.06
N SER H 198 -32.52 20.69 27.80
CA SER H 198 -33.51 21.41 27.00
C SER H 198 -34.92 21.21 27.56
N GLY H 199 -35.24 20.01 28.03
CA GLY H 199 -36.52 19.79 28.66
C GLY H 199 -36.71 20.62 29.91
N ILE H 200 -35.65 20.72 30.73
CA ILE H 200 -35.71 21.58 31.91
C ILE H 200 -35.92 23.04 31.50
N CYS H 201 -35.25 23.47 30.42
CA CYS H 201 -35.45 24.83 29.94
C CYS H 201 -36.88 25.08 29.51
N ILE H 202 -37.49 24.11 28.81
CA ILE H 202 -38.87 24.26 28.38
C ILE H 202 -39.80 24.36 29.58
N ILE H 203 -39.59 23.48 30.57
CA ILE H 203 -40.42 23.51 31.77
C ILE H 203 -40.30 24.85 32.49
N LEU H 204 -39.07 25.36 32.63
CA LEU H 204 -38.87 26.62 33.31
C LEU H 204 -39.49 27.78 32.55
N ASN H 205 -39.43 27.75 31.21
CA ASN H 205 -40.06 28.80 30.43
C ASN H 205 -41.58 28.78 30.59
N VAL H 206 -42.17 27.58 30.59
CA VAL H 206 -43.61 27.48 30.83
C VAL H 206 -43.97 28.03 32.21
N ALA H 207 -43.18 27.66 33.22
CA ALA H 207 -43.44 28.15 34.57
C ALA H 207 -43.31 29.67 34.65
N GLU H 208 -42.31 30.23 33.97
CA GLU H 208 -42.13 31.68 33.97
C GLU H 208 -43.31 32.39 33.32
N VAL H 209 -43.78 31.87 32.18
CA VAL H 209 -44.94 32.48 31.52
C VAL H 209 -46.17 32.41 32.42
N VAL H 210 -46.41 31.25 33.03
CA VAL H 210 -47.57 31.11 33.90
C VAL H 210 -47.48 32.05 35.09
N TYR H 211 -46.30 32.14 35.71
CA TYR H 211 -46.13 33.00 36.87
C TYR H 211 -46.34 34.46 36.51
N LEU H 212 -45.81 34.90 35.36
CA LEU H 212 -46.01 36.28 34.94
C LEU H 212 -47.49 36.56 34.66
N ILE H 213 -48.18 35.63 34.02
CA ILE H 213 -49.60 35.83 33.75
C ILE H 213 -50.39 35.92 35.05
N ILE H 214 -50.08 35.04 36.01
CA ILE H 214 -50.79 35.06 37.29
C ILE H 214 -50.52 36.36 38.04
N ARG H 215 -49.26 36.79 38.07
CA ARG H 215 -48.92 38.02 38.79
C ARG H 215 -49.56 39.24 38.16
N ALA H 216 -49.61 39.28 36.83
CA ALA H 216 -50.25 40.40 36.15
C ALA H 216 -51.74 40.49 36.47
N CYS H 217 -52.42 39.35 36.51
CA CYS H 217 -53.84 39.32 36.80
C CYS H 217 -54.08 39.19 38.30
N LEU I 9 -18.83 31.96 41.84
CA LEU I 9 -17.59 31.42 41.30
C LEU I 9 -17.42 29.97 41.70
N LEU I 10 -16.26 29.39 41.34
CA LEU I 10 -15.98 28.01 41.68
C LEU I 10 -15.80 27.86 43.19
N SER I 11 -16.48 26.88 43.78
CA SER I 11 -16.54 26.68 45.22
C SER I 11 -16.76 28.02 45.94
N GLY I 12 -17.84 28.68 45.54
CA GLY I 12 -18.07 30.05 45.95
C GLY I 12 -18.30 30.21 47.43
N VAL I 13 -18.16 31.46 47.87
CA VAL I 13 -18.31 31.81 49.28
C VAL I 13 -19.58 32.64 49.44
N ASN I 14 -20.10 32.65 50.67
CA ASN I 14 -21.36 33.32 50.95
C ASN I 14 -21.32 34.07 52.28
N ARG I 15 -20.12 34.49 52.70
CA ARG I 15 -19.89 35.18 53.97
C ARG I 15 -20.08 34.22 55.14
N HIS I 16 -20.47 32.98 54.86
CA HIS I 16 -20.61 31.94 55.87
C HIS I 16 -19.59 30.82 55.69
N SER I 17 -18.77 30.87 54.64
CA SER I 17 -17.78 29.84 54.40
C SER I 17 -16.62 29.99 55.38
N THR I 18 -16.21 28.88 55.98
CA THR I 18 -15.12 28.88 56.93
C THR I 18 -13.77 28.83 56.19
N ALA I 19 -12.70 28.60 56.96
CA ALA I 19 -11.37 28.52 56.36
C ALA I 19 -11.24 27.31 55.44
N ILE I 20 -11.86 26.19 55.79
CA ILE I 20 -11.76 24.97 54.98
C ILE I 20 -12.73 24.95 53.82
N GLY I 21 -13.46 26.04 53.59
CA GLY I 21 -14.37 26.11 52.46
C GLY I 21 -14.10 27.32 51.59
N ARG I 22 -13.26 28.22 52.09
CA ARG I 22 -12.88 29.42 51.34
C ARG I 22 -11.45 29.37 50.85
N VAL I 23 -10.55 28.74 51.59
CA VAL I 23 -9.14 28.73 51.23
C VAL I 23 -8.72 27.41 50.58
N TRP I 24 -9.17 26.27 51.09
CA TRP I 24 -8.68 24.98 50.61
C TRP I 24 -9.48 24.43 49.45
N LEU I 25 -10.82 24.53 49.51
CA LEU I 25 -11.65 23.99 48.43
C LEU I 25 -11.37 24.70 47.12
N SER I 26 -11.21 26.02 47.16
CA SER I 26 -10.89 26.76 45.94
C SER I 26 -9.53 26.34 45.38
N VAL I 27 -8.54 26.13 46.25
CA VAL I 27 -7.23 25.69 45.79
C VAL I 27 -7.32 24.33 45.11
N ILE I 28 -8.06 23.40 45.73
CA ILE I 28 -8.18 22.07 45.14
C ILE I 28 -8.93 22.13 43.83
N PHE I 29 -9.97 22.96 43.74
CA PHE I 29 -10.72 23.10 42.49
C PHE I 29 -9.84 23.65 41.38
N ILE I 30 -9.02 24.67 41.70
CA ILE I 30 -8.11 25.24 40.70
C ILE I 30 -7.08 24.21 40.29
N PHE I 31 -6.58 23.43 41.24
CA PHE I 31 -5.61 22.39 40.92
C PHE I 31 -6.21 21.36 39.96
N ARG I 32 -7.44 20.92 40.23
CA ARG I 32 -8.10 19.99 39.33
C ARG I 32 -8.32 20.60 37.95
N ILE I 33 -8.72 21.87 37.90
CA ILE I 33 -8.94 22.53 36.62
C ILE I 33 -7.65 22.57 35.82
N MET I 34 -6.55 22.95 36.47
CA MET I 34 -5.26 23.04 35.77
C MET I 34 -4.78 21.68 35.30
N VAL I 35 -4.93 20.65 36.13
CA VAL I 35 -4.52 19.30 35.72
C VAL I 35 -5.34 18.84 34.53
N LEU I 36 -6.65 19.07 34.57
CA LEU I 36 -7.51 18.67 33.46
C LEU I 36 -7.14 19.43 32.18
N VAL I 37 -6.82 20.71 32.31
CA VAL I 37 -6.43 21.50 31.14
C VAL I 37 -5.13 20.97 30.54
N VAL I 38 -4.13 20.68 31.39
CA VAL I 38 -2.84 20.23 30.87
C VAL I 38 -2.83 18.77 30.46
N ALA I 39 -3.86 18.01 30.80
CA ALA I 39 -3.93 16.61 30.38
C ALA I 39 -5.06 16.30 29.40
N ALA I 40 -5.89 17.29 29.05
CA ALA I 40 -7.07 17.00 28.23
C ALA I 40 -6.69 16.60 26.81
N GLU I 41 -5.82 17.38 26.17
CA GLU I 41 -5.44 17.13 24.79
C GLU I 41 -4.06 16.49 24.65
N SER I 42 -3.20 16.63 25.65
CA SER I 42 -1.86 16.07 25.55
C SER I 42 -1.88 14.54 25.67
N VAL I 43 -2.62 14.02 26.63
CA VAL I 43 -2.65 12.58 26.91
C VAL I 43 -3.78 11.89 26.17
N TRP I 44 -5.01 12.37 26.34
CA TRP I 44 -6.18 11.76 25.74
C TRP I 44 -6.48 12.31 24.35
N GLY I 45 -5.55 13.05 23.75
CA GLY I 45 -5.81 13.62 22.43
C GLY I 45 -5.92 12.55 21.36
N ASP I 46 -5.01 11.57 21.37
CA ASP I 46 -4.97 10.52 20.36
C ASP I 46 -5.38 9.18 20.95
N GLU I 47 -6.38 9.20 21.83
CA GLU I 47 -6.87 7.96 22.42
C GLU I 47 -7.55 7.07 21.39
N LYS I 48 -8.18 7.68 20.38
CA LYS I 48 -8.93 6.92 19.39
C LYS I 48 -8.06 6.53 18.19
N SER I 49 -7.23 7.47 17.72
CA SER I 49 -6.44 7.22 16.53
C SER I 49 -5.28 6.27 16.78
N SER I 50 -4.60 6.41 17.92
CA SER I 50 -3.48 5.52 18.22
C SER I 50 -3.97 4.15 18.66
N PHE I 51 -5.24 4.04 19.01
CA PHE I 51 -5.83 2.75 19.39
C PHE I 51 -5.97 1.86 18.17
N ILE I 52 -5.22 0.76 18.14
CA ILE I 52 -5.23 -0.17 17.03
C ILE I 52 -5.41 -1.58 17.57
N CYS I 53 -6.00 -2.45 16.74
CA CYS I 53 -6.20 -3.84 17.10
C CYS I 53 -5.46 -4.75 16.11
N ASN I 54 -5.24 -5.98 16.54
CA ASN I 54 -4.51 -6.97 15.73
C ASN I 54 -5.49 -7.82 14.91
N THR I 55 -6.10 -7.19 13.92
CA THR I 55 -7.05 -7.86 13.04
C THR I 55 -7.08 -7.17 11.69
N LEU I 56 -7.56 -7.90 10.69
CA LEU I 56 -7.75 -7.35 9.35
C LEU I 56 -9.21 -7.01 9.06
N GLN I 57 -10.10 -7.26 10.01
CA GLN I 57 -11.52 -6.98 9.84
C GLN I 57 -11.77 -5.47 9.85
N PRO I 58 -12.38 -4.90 8.81
CA PRO I 58 -12.67 -3.47 8.83
C PRO I 58 -13.75 -3.14 9.85
N GLY I 59 -13.57 -1.99 10.50
CA GLY I 59 -14.52 -1.51 11.48
C GLY I 59 -14.39 -2.12 12.87
N CYS I 60 -13.41 -2.99 13.09
CA CYS I 60 -13.25 -3.61 14.40
C CYS I 60 -12.64 -2.66 15.41
N ASN I 61 -11.75 -1.75 14.98
CA ASN I 61 -11.11 -0.83 15.91
C ASN I 61 -12.14 0.07 16.60
N SER I 62 -13.08 0.62 15.83
CA SER I 62 -14.04 1.56 16.41
C SER I 62 -14.97 0.87 17.40
N VAL I 63 -15.47 -0.32 17.04
CA VAL I 63 -16.37 -1.02 17.95
C VAL I 63 -15.64 -1.47 19.20
N CYS I 64 -14.38 -1.92 19.06
CA CYS I 64 -13.61 -2.29 20.24
C CYS I 64 -13.36 -1.09 21.15
N TYR I 65 -13.00 0.05 20.57
CA TYR I 65 -12.77 1.24 21.38
C TYR I 65 -14.03 1.67 22.10
N ASP I 66 -15.17 1.66 21.41
CA ASP I 66 -16.42 2.04 22.07
C ASP I 66 -16.80 1.03 23.13
N GLN I 67 -16.40 -0.23 22.96
CA GLN I 67 -16.70 -1.25 23.96
C GLN I 67 -15.89 -1.03 25.24
N PHE I 68 -14.61 -0.72 25.09
CA PHE I 68 -13.75 -0.62 26.27
C PHE I 68 -13.69 0.78 26.87
N PHE I 69 -14.14 1.81 26.15
CA PHE I 69 -14.15 3.18 26.66
C PHE I 69 -15.51 3.80 26.35
N PRO I 70 -16.54 3.45 27.14
CA PRO I 70 -17.87 4.04 26.89
C PRO I 70 -17.87 5.55 26.95
N ILE I 71 -17.11 6.13 27.88
CA ILE I 71 -16.92 7.58 27.95
C ILE I 71 -15.54 7.84 28.52
N SER I 72 -14.78 8.69 27.83
CA SER I 72 -13.39 8.90 28.17
C SER I 72 -13.25 9.53 29.55
N HIS I 73 -12.08 9.30 30.16
CA HIS I 73 -11.83 9.83 31.50
C HIS I 73 -11.88 11.35 31.52
N VAL I 74 -11.32 11.99 30.49
CA VAL I 74 -11.24 13.46 30.47
C VAL I 74 -12.64 14.07 30.46
N ARG I 75 -13.53 13.54 29.62
CA ARG I 75 -14.87 14.10 29.53
C ARG I 75 -15.70 13.77 30.76
N LEU I 76 -15.47 12.61 31.36
CA LEU I 76 -16.14 12.30 32.62
C LEU I 76 -15.74 13.27 33.71
N TRP I 77 -14.44 13.57 33.80
CA TRP I 77 -13.97 14.55 34.79
C TRP I 77 -14.48 15.94 34.47
N SER I 78 -14.58 16.28 33.19
CA SER I 78 -15.13 17.58 32.81
C SER I 78 -16.58 17.72 33.25
N LEU I 79 -17.39 16.69 32.99
CA LEU I 79 -18.78 16.72 33.45
C LEU I 79 -18.86 16.80 34.97
N GLN I 80 -17.99 16.06 35.66
CA GLN I 80 -17.97 16.12 37.12
C GLN I 80 -17.66 17.53 37.60
N LEU I 81 -16.66 18.17 37.00
CA LEU I 81 -16.30 19.53 37.41
C LEU I 81 -17.42 20.52 37.12
N ILE I 82 -18.08 20.39 35.97
CA ILE I 82 -19.18 21.29 35.63
C ILE I 82 -20.31 21.14 36.62
N LEU I 83 -20.70 19.89 36.93
CA LEU I 83 -21.80 19.67 37.85
C LEU I 83 -21.44 20.05 39.28
N VAL I 84 -20.16 19.95 39.64
CA VAL I 84 -19.74 20.40 40.97
C VAL I 84 -19.77 21.91 41.06
N SER I 85 -19.37 22.60 39.99
CA SER I 85 -19.36 24.06 39.99
C SER I 85 -20.74 24.67 39.84
N THR I 86 -21.71 23.90 39.33
CA THR I 86 -23.06 24.46 39.13
C THR I 86 -23.71 24.97 40.40
N PRO I 87 -23.78 24.22 41.52
CA PRO I 87 -24.46 24.77 42.70
C PRO I 87 -23.83 26.03 43.26
N ALA I 88 -22.50 26.15 43.22
CA ALA I 88 -21.85 27.35 43.71
C ALA I 88 -22.21 28.56 42.85
N LEU I 89 -22.21 28.38 41.52
CA LEU I 89 -22.61 29.46 40.64
C LEU I 89 -24.06 29.85 40.85
N LEU I 90 -24.93 28.86 41.08
CA LEU I 90 -26.33 29.15 41.33
C LEU I 90 -26.51 29.92 42.63
N VAL I 91 -25.75 29.56 43.68
CA VAL I 91 -25.82 30.27 44.94
C VAL I 91 -25.33 31.71 44.78
N ALA I 92 -24.24 31.90 44.03
CA ALA I 92 -23.74 33.25 43.79
C ALA I 92 -24.76 34.08 43.02
N MET I 93 -25.40 33.48 42.02
CA MET I 93 -26.43 34.19 41.27
C MET I 93 -27.60 34.57 42.18
N HIS I 94 -28.02 33.66 43.05
CA HIS I 94 -29.11 33.95 43.97
C HIS I 94 -28.73 35.08 44.94
N VAL I 95 -27.49 35.07 45.42
CA VAL I 95 -27.04 36.13 46.32
C VAL I 95 -27.04 37.48 45.61
N ALA I 96 -26.55 37.51 44.37
CA ALA I 96 -26.58 38.75 43.60
C ALA I 96 -28.00 39.22 43.36
N HIS I 97 -28.91 38.28 43.06
CA HIS I 97 -30.32 38.65 42.86
C HIS I 97 -30.93 39.22 44.12
N GLN I 98 -30.64 38.61 45.28
CA GLN I 98 -31.17 39.12 46.54
C GLN I 98 -30.61 40.51 46.85
N GLN I 99 -29.32 40.73 46.60
CA GLN I 99 -28.75 42.04 46.80
C GLN I 99 -29.40 43.08 45.90
N HIS I 100 -29.63 42.72 44.63
CA HIS I 100 -30.30 43.64 43.71
C HIS I 100 -31.72 43.94 44.17
N ILE I 101 -32.44 42.92 44.65
CA ILE I 101 -33.80 43.12 45.14
C ILE I 101 -33.81 44.06 46.34
N GLU I 102 -32.88 43.85 47.28
CA GLU I 102 -32.81 44.71 48.45
C GLU I 102 -32.46 46.14 48.07
N LYS I 103 -31.56 46.31 47.09
CA LYS I 103 -31.24 47.65 46.62
C LYS I 103 -32.45 48.30 45.96
N LYS I 104 -33.21 47.53 45.19
CA LYS I 104 -34.40 48.08 44.53
C LYS I 104 -35.45 48.52 45.54
N MET I 105 -35.65 47.71 46.59
CA MET I 105 -36.63 48.04 47.62
C MET I 105 -36.15 49.20 48.47
N ILE I 127 -33.23 37.01 56.71
CA ILE I 127 -32.64 36.79 55.40
C ILE I 127 -31.32 36.03 55.55
N SER I 128 -30.68 36.19 56.70
CA SER I 128 -29.42 35.49 56.94
C SER I 128 -29.63 33.99 57.09
N GLY I 129 -30.72 33.58 57.75
CA GLY I 129 -30.98 32.17 57.93
C GLY I 129 -31.28 31.45 56.63
N THR I 130 -32.05 32.09 55.75
CA THR I 130 -32.32 31.48 54.45
C THR I 130 -31.04 31.33 53.64
N LEU I 131 -30.16 32.33 53.68
CA LEU I 131 -28.89 32.22 52.97
C LEU I 131 -28.03 31.12 53.56
N TRP I 132 -28.03 30.99 54.89
CA TRP I 132 -27.27 29.93 55.55
C TRP I 132 -27.76 28.55 55.12
N TRP I 133 -29.09 28.36 55.12
CA TRP I 133 -29.65 27.08 54.71
C TRP I 133 -29.37 26.80 53.23
N THR I 134 -29.43 27.84 52.39
CA THR I 134 -29.11 27.67 50.98
C THR I 134 -27.66 27.23 50.80
N TYR I 135 -26.74 27.83 51.54
CA TYR I 135 -25.34 27.44 51.44
C TYR I 135 -25.14 26.00 51.92
N VAL I 136 -25.82 25.62 53.00
CA VAL I 136 -25.71 24.24 53.49
C VAL I 136 -26.21 23.27 52.43
N ILE I 137 -27.35 23.57 51.82
CA ILE I 137 -27.90 22.70 50.78
C ILE I 137 -26.96 22.63 49.59
N SER I 138 -26.34 23.75 49.24
CA SER I 138 -25.38 23.76 48.13
C SER I 138 -24.19 22.86 48.41
N VAL I 139 -23.65 22.95 49.63
CA VAL I 139 -22.52 22.09 49.98
C VAL I 139 -22.93 20.62 49.95
N VAL I 140 -24.14 20.33 50.45
CA VAL I 140 -24.63 18.95 50.43
C VAL I 140 -24.74 18.44 49.00
N PHE I 141 -25.28 19.26 48.10
CA PHE I 141 -25.43 18.83 46.71
C PHE I 141 -24.08 18.65 46.03
N ARG I 142 -23.12 19.53 46.33
CA ARG I 142 -21.78 19.35 45.77
C ARG I 142 -21.16 18.04 46.25
N LEU I 143 -21.32 17.73 47.54
CA LEU I 143 -20.83 16.47 48.08
C LEU I 143 -21.51 15.28 47.39
N LEU I 144 -22.82 15.38 47.17
CA LEU I 144 -23.55 14.30 46.52
C LEU I 144 -23.06 14.09 45.09
N PHE I 145 -22.83 15.17 44.35
CA PHE I 145 -22.33 15.04 42.99
C PHE I 145 -20.93 14.43 42.97
N GLU I 146 -20.07 14.84 43.90
CA GLU I 146 -18.74 14.25 43.99
C GLU I 146 -18.83 12.75 44.24
N ALA I 147 -19.66 12.35 45.20
CA ALA I 147 -19.79 10.93 45.53
C ALA I 147 -20.34 10.13 44.36
N VAL I 148 -21.38 10.64 43.70
CA VAL I 148 -22.00 9.88 42.62
C VAL I 148 -21.06 9.76 41.43
N PHE I 149 -20.28 10.82 41.14
CA PHE I 149 -19.34 10.72 40.03
C PHE I 149 -18.19 9.78 40.35
N MET I 150 -17.72 9.78 41.60
CA MET I 150 -16.69 8.81 41.97
C MET I 150 -17.20 7.38 41.87
N TYR I 151 -18.45 7.15 42.31
CA TYR I 151 -19.03 5.82 42.19
C TYR I 151 -19.18 5.40 40.73
N VAL I 152 -19.61 6.32 39.87
CA VAL I 152 -19.74 6.01 38.45
C VAL I 152 -18.38 5.67 37.85
N PHE I 153 -17.35 6.43 38.22
CA PHE I 153 -16.01 6.13 37.71
C PHE I 153 -15.54 4.75 38.18
N TYR I 154 -15.82 4.41 39.44
CA TYR I 154 -15.45 3.09 39.94
C TYR I 154 -16.20 2.00 39.20
N LEU I 155 -17.49 2.23 38.89
CA LEU I 155 -18.29 1.20 38.24
C LEU I 155 -17.85 1.00 36.79
N LEU I 156 -17.56 2.08 36.07
CA LEU I 156 -17.16 1.94 34.66
C LEU I 156 -15.75 1.37 34.55
N TYR I 157 -14.83 1.84 35.37
CA TYR I 157 -13.41 1.46 35.28
C TYR I 157 -12.94 0.95 36.64
N PRO I 158 -13.19 -0.32 36.95
CA PRO I 158 -12.67 -0.89 38.19
C PRO I 158 -11.16 -0.85 38.22
N GLY I 159 -10.61 -0.55 39.39
CA GLY I 159 -9.17 -0.41 39.55
C GLY I 159 -8.68 0.97 39.14
N TYR I 160 -7.43 1.24 39.49
CA TYR I 160 -6.80 2.52 39.20
C TYR I 160 -5.81 2.47 38.04
N ALA I 161 -5.60 1.30 37.44
CA ALA I 161 -4.57 1.11 36.44
C ALA I 161 -5.19 0.69 35.10
N MET I 162 -4.55 1.11 34.03
CA MET I 162 -4.94 0.75 32.67
C MET I 162 -3.92 -0.20 32.08
N VAL I 163 -4.40 -1.26 31.45
CA VAL I 163 -3.54 -2.30 30.89
C VAL I 163 -3.25 -1.97 29.43
N ARG I 164 -2.09 -2.43 28.96
CA ARG I 164 -1.71 -2.18 27.58
C ARG I 164 -2.54 -3.01 26.61
N LEU I 165 -2.87 -4.23 26.99
CA LEU I 165 -3.51 -5.19 26.09
C LEU I 165 -4.93 -5.48 26.59
N VAL I 166 -5.89 -5.50 25.67
CA VAL I 166 -7.27 -5.83 25.98
C VAL I 166 -7.78 -6.84 24.99
N LYS I 167 -8.56 -7.81 25.47
CA LYS I 167 -9.16 -8.85 24.63
C LYS I 167 -10.60 -8.46 24.36
N CYS I 168 -10.97 -8.32 23.09
CA CYS I 168 -12.30 -7.87 22.71
C CYS I 168 -12.96 -8.89 21.80
N ASP I 169 -14.20 -9.28 22.14
CA ASP I 169 -14.98 -10.23 21.35
C ASP I 169 -16.37 -9.64 21.13
N VAL I 170 -16.50 -8.78 20.13
CA VAL I 170 -17.76 -8.12 19.82
C VAL I 170 -17.86 -7.98 18.31
N TYR I 171 -19.07 -8.11 17.79
CA TYR I 171 -19.29 -8.03 16.35
C TYR I 171 -18.82 -6.66 15.83
N PRO I 172 -18.20 -6.59 14.64
CA PRO I 172 -17.93 -7.67 13.69
C PRO I 172 -16.60 -8.38 13.89
N CYS I 173 -15.88 -8.11 14.97
CA CYS I 173 -14.57 -8.72 15.16
C CYS I 173 -14.73 -10.23 15.33
N PRO I 174 -14.05 -11.05 14.53
CA PRO I 174 -14.16 -12.50 14.70
C PRO I 174 -13.50 -12.97 15.97
N ASN I 175 -14.15 -13.93 16.64
CA ASN I 175 -13.76 -14.43 17.95
C ASN I 175 -13.22 -13.33 18.86
N THR I 176 -12.00 -13.49 19.35
CA THR I 176 -11.37 -12.54 20.25
C THR I 176 -10.19 -11.89 19.52
N VAL I 177 -10.02 -10.59 19.74
CA VAL I 177 -8.95 -9.82 19.10
C VAL I 177 -8.18 -9.08 20.19
N ASP I 178 -6.90 -8.82 19.91
CA ASP I 178 -5.99 -8.15 20.84
C ASP I 178 -5.89 -6.68 20.44
N CYS I 179 -6.50 -5.80 21.22
CA CYS I 179 -6.39 -4.37 21.03
C CYS I 179 -5.36 -3.80 22.00
N PHE I 180 -4.74 -2.70 21.59
CA PHE I 180 -3.64 -2.08 22.35
C PHE I 180 -4.02 -0.65 22.70
N VAL I 181 -4.00 -0.33 23.99
CA VAL I 181 -4.31 1.01 24.45
C VAL I 181 -3.07 1.89 24.33
N SER I 182 -3.29 3.19 24.18
CA SER I 182 -2.22 4.17 24.04
C SER I 182 -1.98 4.89 25.36
N ARG I 183 -0.72 4.95 25.76
CA ARG I 183 -0.30 5.63 26.98
C ARG I 183 -1.08 5.20 28.22
N PRO I 184 -0.99 3.92 28.61
CA PRO I 184 -1.69 3.48 29.82
C PRO I 184 -1.07 4.01 31.11
N THR I 185 0.27 4.17 31.13
CA THR I 185 0.93 4.57 32.37
C THR I 185 0.66 6.03 32.71
N GLU I 186 0.76 6.91 31.72
CA GLU I 186 0.49 8.33 31.96
C GLU I 186 -0.98 8.53 32.35
N LYS I 187 -1.88 7.82 31.69
CA LYS I 187 -3.29 7.92 32.04
C LYS I 187 -3.54 7.39 33.45
N THR I 188 -2.81 6.34 33.85
CA THR I 188 -2.93 5.85 35.22
C THR I 188 -2.45 6.89 36.22
N VAL I 189 -1.35 7.57 35.92
CA VAL I 189 -0.83 8.59 36.83
C VAL I 189 -1.85 9.73 36.98
N PHE I 190 -2.40 10.19 35.87
CA PHE I 190 -3.37 11.28 35.95
C PHE I 190 -4.67 10.84 36.62
N THR I 191 -5.07 9.57 36.41
CA THR I 191 -6.23 9.06 37.12
C THR I 191 -6.00 9.05 38.62
N VAL I 192 -4.82 8.64 39.06
CA VAL I 192 -4.50 8.67 40.48
C VAL I 192 -4.57 10.09 41.01
N PHE I 193 -3.99 11.04 40.28
CA PHE I 193 -4.04 12.44 40.70
C PHE I 193 -5.49 12.92 40.86
N MET I 194 -6.32 12.68 39.84
CA MET I 194 -7.69 13.18 39.88
C MET I 194 -8.51 12.51 40.98
N LEU I 195 -8.32 11.20 41.16
CA LEU I 195 -9.05 10.50 42.22
C LEU I 195 -8.64 10.99 43.60
N ALA I 196 -7.35 11.22 43.82
CA ALA I 196 -6.90 11.75 45.10
C ALA I 196 -7.50 13.14 45.34
N ALA I 197 -7.50 13.99 44.31
CA ALA I 197 -8.08 15.31 44.46
C ALA I 197 -9.56 15.25 44.78
N SER I 198 -10.30 14.37 44.11
CA SER I 198 -11.73 14.25 44.37
C SER I 198 -11.99 13.71 45.78
N GLY I 199 -11.17 12.77 46.24
CA GLY I 199 -11.31 12.28 47.61
C GLY I 199 -11.06 13.38 48.62
N ILE I 200 -10.04 14.21 48.38
CA ILE I 200 -9.79 15.35 49.27
C ILE I 200 -10.98 16.30 49.25
N CYS I 201 -11.57 16.54 48.08
CA CYS I 201 -12.74 17.39 48.00
C CYS I 201 -13.90 16.83 48.81
N ILE I 202 -14.12 15.52 48.72
CA ILE I 202 -15.21 14.90 49.49
C ILE I 202 -14.96 15.05 50.99
N ILE I 203 -13.72 14.79 51.42
CA ILE I 203 -13.40 14.92 52.84
C ILE I 203 -13.62 16.35 53.32
N LEU I 204 -13.18 17.33 52.52
CA LEU I 204 -13.33 18.72 52.92
C LEU I 204 -14.80 19.13 52.97
N ASN I 205 -15.61 18.63 52.04
CA ASN I 205 -17.04 18.94 52.08
C ASN I 205 -17.70 18.34 53.31
N VAL I 206 -17.34 17.10 53.66
CA VAL I 206 -17.87 16.50 54.89
C VAL I 206 -17.48 17.32 56.10
N ALA I 207 -16.20 17.75 56.16
CA ALA I 207 -15.73 18.55 57.28
C ALA I 207 -16.46 19.88 57.34
N GLU I 208 -16.70 20.51 56.20
CA GLU I 208 -17.42 21.78 56.16
C GLU I 208 -18.84 21.62 56.69
N VAL I 209 -19.55 20.57 56.24
CA VAL I 209 -20.90 20.35 56.71
C VAL I 209 -20.92 20.11 58.21
N VAL I 210 -20.01 19.28 58.71
CA VAL I 210 -19.98 18.99 60.14
C VAL I 210 -19.66 20.25 60.93
N TYR I 211 -18.71 21.05 60.46
CA TYR I 211 -18.35 22.28 61.17
C TYR I 211 -19.50 23.27 61.21
N LEU I 212 -20.22 23.42 60.09
CA LEU I 212 -21.37 24.32 60.08
C LEU I 212 -22.46 23.84 61.01
N ILE I 213 -22.72 22.52 61.03
CA ILE I 213 -23.74 21.99 61.91
C ILE I 213 -23.36 22.23 63.37
N ILE I 214 -22.09 21.99 63.72
CA ILE I 214 -21.64 22.19 65.09
C ILE I 214 -21.73 23.66 65.49
N ARG I 215 -21.30 24.55 64.59
CA ARG I 215 -21.33 25.99 64.90
C ARG I 215 -22.76 26.47 65.07
N ALA I 216 -23.69 26.01 64.23
CA ALA I 216 -25.08 26.42 64.34
C ALA I 216 -25.69 25.98 65.66
N CYS I 217 -25.40 24.75 66.09
CA CYS I 217 -25.94 24.23 67.35
C CYS I 217 -25.04 24.60 68.52
N LEU J 9 -0.39 34.93 43.77
CA LEU J 9 0.17 34.77 42.43
C LEU J 9 1.34 33.78 42.45
N LEU J 10 2.00 33.64 41.29
CA LEU J 10 3.14 32.74 41.19
C LEU J 10 4.30 33.25 42.05
N SER J 11 4.86 32.37 42.86
CA SER J 11 5.87 32.72 43.86
C SER J 11 5.48 34.00 44.60
N GLY J 12 4.30 33.94 45.22
CA GLY J 12 3.68 35.12 45.76
C GLY J 12 4.45 35.73 46.92
N VAL J 13 4.11 36.98 47.19
CA VAL J 13 4.75 37.76 48.24
C VAL J 13 3.74 38.01 49.35
N ASN J 14 4.26 38.28 50.55
CA ASN J 14 3.40 38.45 51.72
C ASN J 14 3.90 39.59 52.62
N ARG J 15 4.57 40.58 52.04
CA ARG J 15 5.14 41.72 52.76
C ARG J 15 6.33 41.28 53.60
N HIS J 16 6.62 39.98 53.61
CA HIS J 16 7.77 39.43 54.31
C HIS J 16 8.81 38.86 53.36
N SER J 17 8.53 38.83 52.06
CA SER J 17 9.47 38.29 51.09
C SER J 17 10.61 39.27 50.87
N THR J 18 11.84 38.73 50.88
CA THR J 18 13.02 39.56 50.69
C THR J 18 13.28 39.80 49.21
N ALA J 19 14.46 40.34 48.89
CA ALA J 19 14.80 40.59 47.50
C ALA J 19 14.95 39.30 46.70
N ILE J 20 15.49 38.24 47.33
CA ILE J 20 15.70 36.97 46.64
C ILE J 20 14.45 36.11 46.61
N GLY J 21 13.32 36.62 47.08
CA GLY J 21 12.08 35.87 47.04
C GLY J 21 10.99 36.64 46.33
N ARG J 22 11.23 37.93 46.08
CA ARG J 22 10.28 38.77 45.38
C ARG J 22 10.74 39.13 43.97
N VAL J 23 12.04 39.28 43.75
CA VAL J 23 12.56 39.70 42.47
C VAL J 23 13.09 38.53 41.63
N TRP J 24 13.82 37.59 42.24
CA TRP J 24 14.48 36.55 41.46
C TRP J 24 13.61 35.31 41.27
N LEU J 25 12.91 34.87 42.31
CA LEU J 25 12.08 33.66 42.19
C LEU J 25 10.98 33.87 41.16
N SER J 26 10.36 35.05 41.15
CA SER J 26 9.32 35.33 40.16
C SER J 26 9.89 35.29 38.75
N VAL J 27 11.08 35.85 38.56
CA VAL J 27 11.70 35.85 37.24
C VAL J 27 11.98 34.43 36.79
N ILE J 28 12.51 33.59 37.68
CA ILE J 28 12.81 32.21 37.31
C ILE J 28 11.53 31.45 37.00
N PHE J 29 10.47 31.69 37.79
CA PHE J 29 9.20 31.01 37.54
C PHE J 29 8.63 31.41 36.19
N ILE J 30 8.68 32.70 35.86
CA ILE J 30 8.18 33.16 34.56
C ILE J 30 9.03 32.58 33.43
N PHE J 31 10.33 32.49 33.63
CA PHE J 31 11.21 31.90 32.62
C PHE J 31 10.84 30.45 32.38
N ARG J 32 10.62 29.68 33.45
CA ARG J 32 10.21 28.29 33.29
C ARG J 32 8.87 28.17 32.59
N ILE J 33 7.92 29.04 32.95
CA ILE J 33 6.60 29.00 32.32
C ILE J 33 6.73 29.27 30.82
N MET J 34 7.51 30.29 30.44
CA MET J 34 7.66 30.63 29.04
C MET J 34 8.37 29.51 28.27
N VAL J 35 9.41 28.92 28.85
CA VAL J 35 10.11 27.82 28.18
C VAL J 35 9.16 26.64 27.99
N LEU J 36 8.38 26.30 29.01
CA LEU J 36 7.44 25.20 28.89
C LEU J 36 6.38 25.49 27.83
N VAL J 37 5.91 26.73 27.76
CA VAL J 37 4.92 27.09 26.76
C VAL J 37 5.49 26.96 25.36
N VAL J 38 6.72 27.46 25.14
CA VAL J 38 7.30 27.43 23.80
C VAL J 38 7.86 26.07 23.41
N ALA J 39 7.97 25.13 24.36
CA ALA J 39 8.45 23.79 24.03
C ALA J 39 7.42 22.70 24.23
N ALA J 40 6.21 23.02 24.69
CA ALA J 40 5.24 21.98 25.02
C ALA J 40 4.72 21.27 23.77
N GLU J 41 4.30 22.04 22.76
CA GLU J 41 3.75 21.46 21.54
C GLU J 41 4.73 21.44 20.38
N SER J 42 5.76 22.29 20.40
CA SER J 42 6.70 22.33 19.29
C SER J 42 7.61 21.12 19.28
N VAL J 43 8.14 20.73 20.44
CA VAL J 43 9.11 19.64 20.54
C VAL J 43 8.44 18.32 20.86
N TRP J 44 7.63 18.28 21.92
CA TRP J 44 6.97 17.06 22.36
C TRP J 44 5.61 16.86 21.70
N GLY J 45 5.29 17.63 20.67
CA GLY J 45 4.00 17.48 20.02
C GLY J 45 3.83 16.14 19.33
N ASP J 46 4.85 15.72 18.60
CA ASP J 46 4.80 14.47 17.83
C ASP J 46 5.71 13.41 18.44
N GLU J 47 5.76 13.36 19.77
CA GLU J 47 6.57 12.36 20.45
C GLU J 47 6.04 10.95 20.20
N LYS J 48 4.73 10.80 20.06
CA LYS J 48 4.12 9.48 19.92
C LYS J 48 4.01 9.07 18.45
N SER J 49 3.61 10.00 17.59
CA SER J 49 3.39 9.66 16.19
C SER J 49 4.69 9.46 15.42
N SER J 50 5.70 10.29 15.66
CA SER J 50 6.96 10.14 14.96
C SER J 50 7.76 8.96 15.51
N PHE J 51 7.39 8.48 16.69
CA PHE J 51 8.05 7.32 17.28
C PHE J 51 7.67 6.06 16.52
N ILE J 52 8.66 5.45 15.89
CA ILE J 52 8.45 4.24 15.09
C ILE J 52 9.49 3.20 15.48
N CYS J 53 9.14 1.94 15.32
CA CYS J 53 10.04 0.84 15.61
C CYS J 53 10.29 0.01 14.35
N ASN J 54 11.38 -0.76 14.37
CA ASN J 54 11.77 -1.58 13.23
C ASN J 54 11.22 -3.00 13.37
N THR J 55 9.90 -3.11 13.23
CA THR J 55 9.22 -4.39 13.32
C THR J 55 7.94 -4.35 12.50
N LEU J 56 7.44 -5.54 12.16
CA LEU J 56 6.17 -5.68 11.46
C LEU J 56 5.04 -6.10 12.39
N GLN J 57 5.33 -6.32 13.67
CA GLN J 57 4.33 -6.74 14.63
C GLN J 57 3.38 -5.58 14.94
N PRO J 58 2.07 -5.75 14.74
CA PRO J 58 1.13 -4.68 15.08
C PRO J 58 1.06 -4.46 16.58
N GLY J 59 0.92 -3.20 16.97
CA GLY J 59 0.81 -2.83 18.37
C GLY J 59 2.11 -2.73 19.12
N CYS J 60 3.25 -2.96 18.46
CA CYS J 60 4.54 -2.90 19.15
C CYS J 60 4.98 -1.47 19.43
N ASN J 61 4.64 -0.53 18.53
CA ASN J 61 5.05 0.86 18.73
C ASN J 61 4.47 1.44 20.02
N SER J 62 3.18 1.21 20.26
CA SER J 62 2.54 1.81 21.44
C SER J 62 3.09 1.23 22.73
N VAL J 63 3.27 -0.10 22.79
CA VAL J 63 3.77 -0.70 24.01
C VAL J 63 5.23 -0.29 24.25
N CYS J 64 6.02 -0.19 23.19
CA CYS J 64 7.40 0.28 23.35
C CYS J 64 7.45 1.71 23.85
N TYR J 65 6.62 2.58 23.28
CA TYR J 65 6.60 3.98 23.72
C TYR J 65 6.18 4.08 25.18
N ASP J 66 5.14 3.34 25.57
CA ASP J 66 4.72 3.38 26.97
C ASP J 66 5.77 2.80 27.89
N GLN J 67 6.57 1.85 27.38
CA GLN J 67 7.63 1.28 28.20
C GLN J 67 8.75 2.28 28.43
N PHE J 68 9.15 3.02 27.41
CA PHE J 68 10.30 3.91 27.53
C PHE J 68 9.93 5.31 28.00
N PHE J 69 8.67 5.71 27.92
CA PHE J 69 8.22 7.03 28.35
C PHE J 69 6.98 6.87 29.21
N PRO J 70 7.15 6.46 30.47
CA PRO J 70 5.97 6.31 31.34
C PRO J 70 5.17 7.59 31.49
N ILE J 71 5.83 8.73 31.57
CA ILE J 71 5.17 10.02 31.58
C ILE J 71 6.11 11.04 30.94
N SER J 72 5.58 11.79 29.97
CA SER J 72 6.41 12.67 29.16
C SER J 72 7.03 13.77 30.01
N HIS J 73 8.16 14.30 29.52
CA HIS J 73 8.87 15.35 30.25
C HIS J 73 8.00 16.59 30.40
N VAL J 74 7.26 16.96 29.35
CA VAL J 74 6.47 18.19 29.39
C VAL J 74 5.40 18.10 30.47
N ARG J 75 4.69 16.97 30.55
CA ARG J 75 3.63 16.87 31.54
C ARG J 75 4.18 16.72 32.95
N LEU J 76 5.34 16.08 33.10
CA LEU J 76 6.00 16.03 34.40
C LEU J 76 6.36 17.43 34.88
N TRP J 77 6.94 18.24 33.99
CA TRP J 77 7.28 19.62 34.34
C TRP J 77 6.03 20.44 34.62
N SER J 78 4.95 20.19 33.88
CA SER J 78 3.70 20.90 34.13
C SER J 78 3.15 20.59 35.52
N LEU J 79 3.15 19.31 35.90
CA LEU J 79 2.71 18.94 37.24
C LEU J 79 3.61 19.56 38.29
N GLN J 80 4.92 19.56 38.05
CA GLN J 80 5.84 20.18 38.99
C GLN J 80 5.54 21.66 39.17
N LEU J 81 5.29 22.37 38.07
CA LEU J 81 4.99 23.80 38.15
C LEU J 81 3.67 24.04 38.88
N ILE J 82 2.66 23.22 38.61
CA ILE J 82 1.37 23.39 39.28
C ILE J 82 1.51 23.18 40.77
N LEU J 83 2.21 22.12 41.17
CA LEU J 83 2.36 21.84 42.61
C LEU J 83 3.27 22.86 43.28
N VAL J 84 4.23 23.44 42.55
CA VAL J 84 5.05 24.50 43.12
C VAL J 84 4.24 25.77 43.31
N SER J 85 3.36 26.09 42.35
CA SER J 85 2.56 27.30 42.44
C SER J 85 1.40 27.18 43.42
N THR J 86 1.00 25.96 43.78
CA THR J 86 -0.13 25.79 44.69
C THR J 86 0.07 26.45 46.05
N PRO J 87 1.17 26.24 46.78
CA PRO J 87 1.28 26.88 48.11
C PRO J 87 1.25 28.40 48.07
N ALA J 88 1.85 29.01 47.06
CA ALA J 88 1.82 30.47 46.96
C ALA J 88 0.40 30.98 46.75
N LEU J 89 -0.36 30.31 45.89
CA LEU J 89 -1.75 30.69 45.67
C LEU J 89 -2.57 30.50 46.94
N LEU J 90 -2.32 29.42 47.68
CA LEU J 90 -3.02 29.20 48.93
C LEU J 90 -2.70 30.29 49.95
N VAL J 91 -1.44 30.69 50.03
CA VAL J 91 -1.05 31.76 50.95
C VAL J 91 -1.72 33.08 50.55
N ALA J 92 -1.74 33.38 49.25
CA ALA J 92 -2.39 34.61 48.79
C ALA J 92 -3.88 34.59 49.12
N MET J 93 -4.53 33.45 48.91
CA MET J 93 -5.94 33.32 49.24
C MET J 93 -6.18 33.52 50.73
N HIS J 94 -5.32 32.94 51.57
CA HIS J 94 -5.46 33.12 53.02
C HIS J 94 -5.26 34.57 53.42
N VAL J 95 -4.30 35.26 52.79
CA VAL J 95 -4.06 36.67 53.11
C VAL J 95 -5.27 37.51 52.71
N ALA J 96 -5.83 37.24 51.53
CA ALA J 96 -7.02 37.98 51.12
C ALA J 96 -8.19 37.71 52.06
N HIS J 97 -8.36 36.45 52.49
CA HIS J 97 -9.42 36.12 53.43
C HIS J 97 -9.23 36.85 54.76
N GLN J 98 -8.00 36.91 55.26
CA GLN J 98 -7.74 37.61 56.51
C GLN J 98 -8.01 39.10 56.37
N GLN J 99 -7.61 39.70 55.25
CA GLN J 99 -7.90 41.11 55.03
C GLN J 99 -9.39 41.37 54.98
N HIS J 100 -10.15 40.50 54.29
CA HIS J 100 -11.59 40.65 54.24
C HIS J 100 -12.22 40.51 55.62
N ILE J 101 -11.72 39.56 56.42
CA ILE J 101 -12.25 39.37 57.77
C ILE J 101 -11.98 40.61 58.63
N GLU J 102 -10.76 41.15 58.54
CA GLU J 102 -10.44 42.34 59.32
C GLU J 102 -11.28 43.53 58.89
N LYS J 103 -11.52 43.67 57.57
CA LYS J 103 -12.40 44.74 57.10
C LYS J 103 -13.82 44.56 57.61
N LYS J 104 -14.30 43.31 57.63
CA LYS J 104 -15.66 43.04 58.11
C LYS J 104 -15.80 43.39 59.59
N MET J 105 -14.80 43.03 60.39
CA MET J 105 -14.83 43.32 61.83
C MET J 105 -14.66 44.80 62.11
N ILE J 127 -1.03 38.91 64.62
CA ILE J 127 -1.48 38.50 63.30
C ILE J 127 -0.29 38.43 62.35
N SER J 128 0.75 39.24 62.63
CA SER J 128 1.93 39.24 61.78
C SER J 128 2.74 37.97 61.95
N GLY J 129 2.83 37.45 63.19
CA GLY J 129 3.61 36.24 63.41
C GLY J 129 3.02 35.03 62.73
N THR J 130 1.69 34.89 62.76
CA THR J 130 1.04 33.78 62.07
C THR J 130 1.29 33.85 60.57
N LEU J 131 1.20 35.06 59.99
CA LEU J 131 1.48 35.21 58.57
C LEU J 131 2.93 34.87 58.25
N TRP J 132 3.86 35.29 59.11
CA TRP J 132 5.27 34.96 58.91
C TRP J 132 5.50 33.45 58.93
N TRP J 133 4.91 32.76 59.92
CA TRP J 133 5.08 31.32 59.98
C TRP J 133 4.43 30.63 58.79
N THR J 134 3.28 31.12 58.35
CA THR J 134 2.63 30.55 57.18
C THR J 134 3.50 30.71 55.94
N TYR J 135 4.12 31.89 55.77
CA TYR J 135 5.01 32.08 54.63
C TYR J 135 6.22 31.17 54.70
N VAL J 136 6.78 30.99 55.90
CA VAL J 136 7.92 30.09 56.05
C VAL J 136 7.54 28.67 55.68
N ILE J 137 6.38 28.21 56.16
CA ILE J 137 5.92 26.86 55.84
C ILE J 137 5.66 26.71 54.34
N SER J 138 5.13 27.75 53.72
CA SER J 138 4.89 27.71 52.28
C SER J 138 6.19 27.58 51.51
N VAL J 139 7.21 28.35 51.89
CA VAL J 139 8.50 28.24 51.22
C VAL J 139 9.09 26.84 51.42
N VAL J 140 8.96 26.30 52.63
CA VAL J 140 9.47 24.95 52.90
C VAL J 140 8.78 23.93 52.01
N PHE J 141 7.45 24.03 51.88
CA PHE J 141 6.71 23.07 51.06
C PHE J 141 7.06 23.22 49.58
N ARG J 142 7.26 24.45 49.11
CA ARG J 142 7.69 24.64 47.73
C ARG J 142 9.06 24.01 47.49
N LEU J 143 9.98 24.18 48.43
CA LEU J 143 11.29 23.54 48.33
C LEU J 143 11.15 22.02 48.30
N LEU J 144 10.28 21.48 49.16
CA LEU J 144 10.09 20.03 49.21
C LEU J 144 9.54 19.50 47.90
N PHE J 145 8.56 20.21 47.31
CA PHE J 145 8.01 19.77 46.03
C PHE J 145 9.06 19.83 44.92
N GLU J 146 9.87 20.90 44.91
CA GLU J 146 10.95 20.98 43.93
C GLU J 146 11.90 19.80 44.06
N ALA J 147 12.33 19.50 45.28
CA ALA J 147 13.27 18.41 45.50
C ALA J 147 12.68 17.07 45.10
N VAL J 148 11.43 16.80 45.49
CA VAL J 148 10.84 15.50 45.20
C VAL J 148 10.61 15.33 43.72
N PHE J 149 10.22 16.40 43.01
CA PHE J 149 10.03 16.27 41.56
C PHE J 149 11.36 16.09 40.85
N MET J 150 12.41 16.77 41.29
CA MET J 150 13.72 16.54 40.70
C MET J 150 14.19 15.11 40.92
N TYR J 151 13.97 14.57 42.13
CA TYR J 151 14.35 13.19 42.40
C TYR J 151 13.56 12.22 41.54
N VAL J 152 12.26 12.47 41.36
CA VAL J 152 11.44 11.60 40.52
C VAL J 152 11.93 11.65 39.08
N PHE J 153 12.27 12.85 38.59
CA PHE J 153 12.78 12.95 37.22
C PHE J 153 14.10 12.20 37.08
N TYR J 154 14.97 12.28 38.08
CA TYR J 154 16.23 11.54 38.02
C TYR J 154 15.97 10.04 38.04
N LEU J 155 15.00 9.59 38.84
CA LEU J 155 14.72 8.16 38.94
C LEU J 155 14.14 7.61 37.64
N LEU J 156 13.21 8.34 37.02
CA LEU J 156 12.59 7.86 35.79
C LEU J 156 13.55 7.91 34.61
N TYR J 157 14.31 9.01 34.48
CA TYR J 157 15.18 9.23 33.34
C TYR J 157 16.59 9.53 33.84
N PRO J 158 17.38 8.50 34.14
CA PRO J 158 18.77 8.73 34.53
C PRO J 158 19.54 9.41 33.41
N GLY J 159 20.41 10.34 33.79
CA GLY J 159 21.17 11.10 32.83
C GLY J 159 20.39 12.28 32.29
N TYR J 160 21.12 13.15 31.58
CA TYR J 160 20.53 14.36 31.01
C TYR J 160 20.32 14.27 29.50
N ALA J 161 20.71 13.15 28.88
CA ALA J 161 20.69 13.03 27.43
C ALA J 161 19.75 11.91 27.00
N MET J 162 19.14 12.10 25.83
CA MET J 162 18.26 11.12 25.22
C MET J 162 18.94 10.52 23.99
N VAL J 163 18.86 9.21 23.86
CA VAL J 163 19.52 8.50 22.78
C VAL J 163 18.55 8.32 21.63
N ARG J 164 19.10 8.24 20.41
CA ARG J 164 18.26 8.08 19.23
C ARG J 164 17.66 6.68 19.16
N LEU J 165 18.42 5.67 19.57
CA LEU J 165 18.04 4.27 19.41
C LEU J 165 17.79 3.64 20.77
N VAL J 166 16.71 2.88 20.89
CA VAL J 166 16.39 2.16 22.12
C VAL J 166 16.04 0.72 21.77
N LYS J 167 16.49 -0.21 22.61
CA LYS J 167 16.21 -1.63 22.44
C LYS J 167 15.08 -2.02 23.37
N CYS J 168 13.98 -2.54 22.82
CA CYS J 168 12.79 -2.85 23.60
C CYS J 168 12.44 -4.33 23.43
N ASP J 169 12.23 -5.02 24.56
CA ASP J 169 11.83 -6.43 24.57
C ASP J 169 10.65 -6.59 25.51
N VAL J 170 9.45 -6.32 25.00
CA VAL J 170 8.23 -6.42 25.79
C VAL J 170 7.12 -6.91 24.88
N TYR J 171 6.24 -7.73 25.43
CA TYR J 171 5.14 -8.30 24.66
C TYR J 171 4.28 -7.18 24.08
N PRO J 172 3.79 -7.32 22.84
CA PRO J 172 3.89 -8.46 21.93
C PRO J 172 5.11 -8.43 21.00
N CYS J 173 6.03 -7.49 21.18
CA CYS J 173 7.17 -7.40 20.29
C CYS J 173 8.04 -8.64 20.42
N PRO J 174 8.34 -9.33 19.33
CA PRO J 174 9.20 -10.52 19.43
C PRO J 174 10.63 -10.14 19.76
N ASN J 175 11.23 -10.91 20.68
CA ASN J 175 12.54 -10.64 21.26
C ASN J 175 12.81 -9.14 21.44
N THR J 176 13.89 -8.66 20.85
CA THR J 176 14.31 -7.27 20.98
C THR J 176 14.08 -6.54 19.66
N VAL J 177 13.57 -5.32 19.75
CA VAL J 177 13.28 -4.49 18.59
C VAL J 177 13.97 -3.14 18.77
N ASP J 178 14.30 -2.50 17.65
CA ASP J 178 14.99 -1.21 17.62
C ASP J 178 13.96 -0.12 17.38
N CYS J 179 13.67 0.67 18.43
CA CYS J 179 12.80 1.83 18.29
C CYS J 179 13.64 3.10 18.21
N PHE J 180 13.09 4.10 17.54
CA PHE J 180 13.81 5.35 17.27
C PHE J 180 13.04 6.51 17.88
N VAL J 181 13.72 7.29 18.72
CA VAL J 181 13.10 8.45 19.35
C VAL J 181 13.17 9.65 18.41
N SER J 182 12.23 10.57 18.57
CA SER J 182 12.14 11.76 17.74
C SER J 182 12.73 12.96 18.48
N ARG J 183 13.60 13.69 17.80
CA ARG J 183 14.23 14.89 18.34
C ARG J 183 14.88 14.67 19.70
N PRO J 184 15.88 13.80 19.80
CA PRO J 184 16.56 13.62 21.09
C PRO J 184 17.42 14.80 21.50
N THR J 185 18.04 15.49 20.54
CA THR J 185 18.97 16.56 20.88
C THR J 185 18.24 17.80 21.40
N GLU J 186 17.15 18.19 20.74
CA GLU J 186 16.37 19.33 21.20
C GLU J 186 15.76 19.06 22.57
N LYS J 187 15.26 17.85 22.76
CA LYS J 187 14.71 17.48 24.07
C LYS J 187 15.79 17.48 25.14
N THR J 188 17.01 17.06 24.79
CA THR J 188 18.11 17.14 25.73
C THR J 188 18.43 18.58 26.11
N VAL J 189 18.43 19.48 25.13
CA VAL J 189 18.71 20.88 25.41
C VAL J 189 17.65 21.47 26.35
N PHE J 190 16.38 21.20 26.06
CA PHE J 190 15.33 21.73 26.91
C PHE J 190 15.33 21.09 28.29
N THR J 191 15.69 19.81 28.38
CA THR J 191 15.84 19.17 29.68
C THR J 191 16.93 19.83 30.50
N VAL J 192 18.06 20.15 29.87
CA VAL J 192 19.14 20.85 30.57
C VAL J 192 18.66 22.20 31.07
N PHE J 193 17.95 22.94 30.21
CA PHE J 193 17.41 24.24 30.62
C PHE J 193 16.51 24.10 31.84
N MET J 194 15.54 23.18 31.79
CA MET J 194 14.58 23.04 32.87
C MET J 194 15.25 22.57 34.16
N LEU J 195 16.20 21.64 34.06
CA LEU J 195 16.88 21.16 35.26
C LEU J 195 17.73 22.26 35.89
N ALA J 196 18.41 23.06 35.06
CA ALA J 196 19.17 24.18 35.62
C ALA J 196 18.26 25.18 36.30
N ALA J 197 17.11 25.48 35.69
CA ALA J 197 16.17 26.41 36.31
C ALA J 197 15.65 25.87 37.64
N SER J 198 15.32 24.57 37.68
CA SER J 198 14.83 23.99 38.94
C SER J 198 15.91 23.98 40.01
N GLY J 199 17.15 23.72 39.63
CA GLY J 199 18.24 23.79 40.61
C GLY J 199 18.42 25.20 41.16
N ILE J 200 18.32 26.20 40.28
CA ILE J 200 18.39 27.58 40.75
C ILE J 200 17.24 27.88 41.70
N CYS J 201 16.04 27.37 41.39
CA CYS J 201 14.90 27.57 42.28
C CYS J 201 15.15 26.96 43.65
N ILE J 202 15.70 25.75 43.68
CA ILE J 202 15.98 25.09 44.96
C ILE J 202 17.00 25.89 45.75
N ILE J 203 18.06 26.36 45.08
CA ILE J 203 19.09 27.15 45.77
C ILE J 203 18.49 28.42 46.35
N LEU J 204 17.64 29.11 45.56
CA LEU J 204 17.05 30.35 46.03
C LEU J 204 16.09 30.10 47.19
N ASN J 205 15.35 28.99 47.16
CA ASN J 205 14.46 28.68 48.28
C ASN J 205 15.26 28.40 49.55
N VAL J 206 16.36 27.66 49.43
CA VAL J 206 17.21 27.43 50.60
C VAL J 206 17.74 28.74 51.14
N ALA J 207 18.20 29.62 50.25
CA ALA J 207 18.72 30.92 50.68
C ALA J 207 17.64 31.75 51.36
N GLU J 208 16.42 31.72 50.83
CA GLU J 208 15.31 32.46 51.43
C GLU J 208 15.00 31.96 52.83
N VAL J 209 14.95 30.63 53.00
CA VAL J 209 14.68 30.06 54.31
C VAL J 209 15.77 30.45 55.30
N VAL J 210 17.04 30.35 54.88
CA VAL J 210 18.14 30.68 55.77
C VAL J 210 18.10 32.16 56.14
N TYR J 211 17.84 33.03 55.16
CA TYR J 211 17.80 34.46 55.44
C TYR J 211 16.67 34.81 56.40
N LEU J 212 15.49 34.21 56.20
CA LEU J 212 14.38 34.47 57.11
C LEU J 212 14.70 33.99 58.52
N ILE J 213 15.31 32.81 58.65
CA ILE J 213 15.66 32.30 59.97
C ILE J 213 16.67 33.22 60.65
N ILE J 214 17.67 33.68 59.90
CA ILE J 214 18.69 34.57 60.48
C ILE J 214 18.07 35.90 60.90
N ARG J 215 17.21 36.47 60.05
CA ARG J 215 16.60 37.75 60.37
C ARG J 215 15.69 37.64 61.58
N ALA J 216 14.93 36.54 61.69
CA ALA J 216 14.05 36.36 62.84
C ALA J 216 14.83 36.26 64.14
N CYS J 217 15.95 35.55 64.13
CA CYS J 217 16.78 35.40 65.32
C CYS J 217 17.80 36.52 65.43
N LEU K 9 8.77 45.29 31.56
CA LEU K 9 8.29 44.92 30.23
C LEU K 9 9.46 44.62 29.30
N LEU K 10 9.16 44.35 28.03
CA LEU K 10 10.19 44.06 27.05
C LEU K 10 11.02 45.31 26.79
N SER K 11 12.35 45.14 26.83
CA SER K 11 13.30 46.24 26.75
C SER K 11 12.86 47.41 27.63
N GLY K 12 12.66 47.10 28.91
CA GLY K 12 12.04 48.02 29.83
C GLY K 12 12.86 49.27 30.07
N VAL K 13 12.17 50.29 30.58
CA VAL K 13 12.76 51.59 30.86
C VAL K 13 12.82 51.78 32.36
N ASN K 14 13.73 52.67 32.78
CA ASN K 14 13.96 52.90 34.21
C ASN K 14 14.15 54.38 34.51
N ARG K 15 13.54 55.26 33.72
CA ARG K 15 13.65 56.72 33.86
C ARG K 15 15.05 57.18 33.47
N HIS K 16 15.93 56.25 33.16
CA HIS K 16 17.29 56.55 32.71
C HIS K 16 17.53 56.15 31.26
N SER K 17 16.55 55.51 30.62
CA SER K 17 16.70 55.08 29.24
C SER K 17 16.62 56.27 28.31
N THR K 18 17.55 56.34 27.35
CA THR K 18 17.58 57.43 26.39
C THR K 18 16.61 57.17 25.24
N ALA K 19 16.72 57.98 24.20
CA ALA K 19 15.85 57.82 23.04
C ALA K 19 16.12 56.52 22.31
N ILE K 20 17.38 56.10 22.23
CA ILE K 20 17.74 54.88 21.51
C ILE K 20 17.55 53.63 22.34
N GLY K 21 16.99 53.74 23.54
CA GLY K 21 16.73 52.59 24.38
C GLY K 21 15.29 52.50 24.77
N ARG K 22 14.54 53.58 24.54
CA ARG K 22 13.11 53.62 24.84
C ARG K 22 12.25 53.58 23.60
N VAL K 23 12.72 54.14 22.49
CA VAL K 23 11.92 54.22 21.28
C VAL K 23 12.30 53.16 20.25
N TRP K 24 13.59 52.92 20.03
CA TRP K 24 14.02 52.03 18.95
C TRP K 24 14.13 50.58 19.38
N LEU K 25 14.70 50.32 20.56
CA LEU K 25 14.86 48.94 21.02
C LEU K 25 13.52 48.26 21.19
N SER K 26 12.53 48.97 21.74
CA SER K 26 11.20 48.39 21.90
C SER K 26 10.58 48.06 20.54
N VAL K 27 10.76 48.95 19.57
CA VAL K 27 10.21 48.71 18.24
C VAL K 27 10.86 47.47 17.62
N ILE K 28 12.18 47.35 17.74
CA ILE K 28 12.86 46.19 17.17
C ILE K 28 12.42 44.91 17.87
N PHE K 29 12.26 44.96 19.19
CA PHE K 29 11.83 43.79 19.93
C PHE K 29 10.42 43.35 19.50
N ILE K 30 9.52 44.33 19.34
CA ILE K 30 8.16 44.01 18.90
C ILE K 30 8.19 43.45 17.48
N PHE K 31 9.03 44.00 16.62
CA PHE K 31 9.16 43.49 15.26
C PHE K 31 9.62 42.04 15.27
N ARG K 32 10.63 41.72 16.08
CA ARG K 32 11.10 40.34 16.16
C ARG K 32 10.01 39.42 16.71
N ILE K 33 9.27 39.89 17.72
CA ILE K 33 8.21 39.07 18.29
C ILE K 33 7.14 38.77 17.24
N MET K 34 6.75 39.79 16.48
CA MET K 34 5.71 39.60 15.46
C MET K 34 6.20 38.67 14.35
N VAL K 35 7.45 38.84 13.90
CA VAL K 35 7.99 37.96 12.86
C VAL K 35 8.02 36.52 13.36
N LEU K 36 8.48 36.31 14.59
CA LEU K 36 8.53 34.95 15.15
C LEU K 36 7.14 34.36 15.26
N VAL K 37 6.15 35.17 15.65
CA VAL K 37 4.79 34.67 15.77
C VAL K 37 4.24 34.26 14.40
N VAL K 38 4.47 35.10 13.39
CA VAL K 38 3.91 34.81 12.06
C VAL K 38 4.70 33.76 11.29
N ALA K 39 5.89 33.39 11.76
CA ALA K 39 6.68 32.36 11.09
C ALA K 39 6.88 31.10 11.92
N ALA K 40 6.39 31.05 13.16
CA ALA K 40 6.69 29.91 14.03
C ALA K 40 6.01 28.64 13.54
N GLU K 41 4.72 28.71 13.25
CA GLU K 41 3.96 27.53 12.83
C GLU K 41 3.71 27.48 11.32
N SER K 42 3.78 28.61 10.62
CA SER K 42 3.52 28.60 9.20
C SER K 42 4.67 27.96 8.42
N VAL K 43 5.91 28.32 8.74
CA VAL K 43 7.08 27.86 8.00
C VAL K 43 7.68 26.62 8.64
N TRP K 44 7.96 26.65 9.93
CA TRP K 44 8.59 25.54 10.63
C TRP K 44 7.59 24.56 11.22
N GLY K 45 6.32 24.67 10.83
CA GLY K 45 5.32 23.76 11.37
C GLY K 45 5.52 22.32 10.94
N ASP K 46 5.82 22.11 9.67
CA ASP K 46 5.99 20.77 9.11
C ASP K 46 7.45 20.52 8.74
N GLU K 47 8.37 21.01 9.58
CA GLU K 47 9.78 20.77 9.34
C GLU K 47 10.14 19.29 9.49
N LYS K 48 9.42 18.57 10.35
CA LYS K 48 9.76 17.18 10.62
C LYS K 48 8.98 16.23 9.72
N SER K 49 7.68 16.48 9.53
CA SER K 49 6.85 15.56 8.75
C SER K 49 7.14 15.65 7.25
N SER K 50 7.36 16.85 6.72
CA SER K 50 7.64 16.99 5.29
C SER K 50 9.07 16.56 4.98
N PHE K 51 9.91 16.45 6.00
CA PHE K 51 11.28 16.00 5.81
C PHE K 51 11.31 14.51 5.51
N ILE K 52 11.74 14.16 4.30
CA ILE K 52 11.79 12.78 3.86
C ILE K 52 13.17 12.50 3.26
N CYS K 53 13.58 11.24 3.32
CA CYS K 53 14.85 10.81 2.76
C CYS K 53 14.63 9.74 1.69
N ASN K 54 15.64 9.56 0.85
CA ASN K 54 15.57 8.61 -0.26
C ASN K 54 16.16 7.26 0.16
N THR K 55 15.44 6.57 1.05
CA THR K 55 15.87 5.26 1.52
C THR K 55 14.65 4.46 1.94
N LEU K 56 14.82 3.14 1.98
CA LEU K 56 13.80 2.24 2.47
C LEU K 56 14.05 1.77 3.90
N GLN K 57 15.15 2.22 4.51
CA GLN K 57 15.49 1.83 5.87
C GLN K 57 14.55 2.49 6.86
N PRO K 58 13.85 1.74 7.71
CA PRO K 58 12.98 2.37 8.71
C PRO K 58 13.80 3.09 9.77
N GLY K 59 13.28 4.24 10.20
CA GLY K 59 13.92 5.03 11.23
C GLY K 59 15.03 5.95 10.76
N CYS K 60 15.34 5.97 9.46
CA CYS K 60 16.41 6.81 8.96
C CYS K 60 16.01 8.27 8.90
N ASN K 61 14.74 8.58 8.63
CA ASN K 61 14.31 9.97 8.55
C ASN K 61 14.51 10.70 9.87
N SER K 62 14.13 10.08 10.98
CA SER K 62 14.21 10.77 12.27
C SER K 62 15.66 11.01 12.67
N VAL K 63 16.53 10.00 12.50
CA VAL K 63 17.93 10.18 12.87
C VAL K 63 18.60 11.21 11.98
N CYS K 64 18.28 11.21 10.68
CA CYS K 64 18.84 12.22 9.79
C CYS K 64 18.38 13.62 10.18
N TYR K 65 17.09 13.79 10.47
CA TYR K 65 16.59 15.09 10.87
C TYR K 65 17.26 15.58 12.16
N ASP K 66 17.39 14.69 13.14
CA ASP K 66 18.05 15.09 14.38
C ASP K 66 19.52 15.39 14.15
N GLN K 67 20.13 14.74 13.17
CA GLN K 67 21.53 15.02 12.86
C GLN K 67 21.70 16.40 12.25
N PHE K 68 20.83 16.77 11.32
CA PHE K 68 21.01 18.03 10.60
C PHE K 68 20.33 19.22 11.27
N PHE K 69 19.42 18.99 12.20
CA PHE K 69 18.74 20.07 12.92
C PHE K 69 18.75 19.76 14.41
N PRO K 70 19.89 19.97 15.07
CA PRO K 70 19.93 19.69 16.52
C PRO K 70 18.90 20.47 17.31
N ILE K 71 18.66 21.72 16.94
CA ILE K 71 17.59 22.52 17.54
C ILE K 71 17.10 23.50 16.48
N SER K 72 15.78 23.53 16.30
CA SER K 72 15.18 24.29 15.21
C SER K 72 15.43 25.78 15.38
N HIS K 73 15.40 26.50 14.25
CA HIS K 73 15.65 27.94 14.28
C HIS K 73 14.61 28.66 15.10
N VAL K 74 13.34 28.26 15.00
CA VAL K 74 12.27 28.97 15.69
C VAL K 74 12.47 28.87 17.20
N ARG K 75 12.78 27.68 17.70
CA ARG K 75 12.92 27.51 19.15
C ARG K 75 14.20 28.17 19.65
N LEU K 76 15.26 28.18 18.83
CA LEU K 76 16.47 28.90 19.21
C LEU K 76 16.20 30.39 19.34
N TRP K 77 15.45 30.96 18.38
CA TRP K 77 15.10 32.37 18.46
C TRP K 77 14.16 32.65 19.63
N SER K 78 13.26 31.70 19.94
CA SER K 78 12.38 31.87 21.09
C SER K 78 13.18 31.91 22.39
N LEU K 79 14.14 31.01 22.55
CA LEU K 79 14.99 31.03 23.74
C LEU K 79 15.80 32.30 23.80
N GLN K 80 16.32 32.76 22.65
CA GLN K 80 17.06 34.02 22.63
C GLN K 80 16.20 35.18 23.09
N LEU K 81 14.97 35.25 22.58
CA LEU K 81 14.06 36.34 22.97
C LEU K 81 13.71 36.27 24.45
N ILE K 82 13.47 35.07 24.98
CA ILE K 82 13.14 34.94 26.40
C ILE K 82 14.31 35.40 27.27
N LEU K 83 15.52 34.95 26.93
CA LEU K 83 16.68 35.32 27.74
C LEU K 83 17.03 36.80 27.57
N VAL K 84 16.73 37.39 26.42
CA VAL K 84 16.94 38.83 26.25
C VAL K 84 15.94 39.62 27.07
N SER K 85 14.68 39.16 27.12
CA SER K 85 13.65 39.87 27.87
C SER K 85 13.76 39.65 29.37
N THR K 86 14.47 38.62 29.81
CA THR K 86 14.58 38.36 31.25
C THR K 86 15.19 39.51 32.04
N PRO K 87 16.35 40.07 31.68
CA PRO K 87 16.92 41.14 32.51
C PRO K 87 16.04 42.38 32.62
N ALA K 88 15.34 42.75 31.55
CA ALA K 88 14.45 43.91 31.61
C ALA K 88 13.30 43.66 32.58
N LEU K 89 12.71 42.46 32.53
CA LEU K 89 11.64 42.13 33.46
C LEU K 89 12.16 42.11 34.90
N LEU K 90 13.38 41.60 35.10
CA LEU K 90 13.95 41.59 36.44
C LEU K 90 14.18 43.01 36.95
N VAL K 91 14.64 43.90 36.09
CA VAL K 91 14.85 45.29 36.49
C VAL K 91 13.52 45.95 36.84
N ALA K 92 12.49 45.71 36.03
CA ALA K 92 11.17 46.27 36.32
C ALA K 92 10.64 45.75 37.65
N MET K 93 10.82 44.45 37.91
CA MET K 93 10.38 43.88 39.17
C MET K 93 11.12 44.50 40.35
N HIS K 94 12.43 44.71 40.20
CA HIS K 94 13.21 45.33 41.26
C HIS K 94 12.77 46.77 41.50
N VAL K 95 12.45 47.50 40.44
CA VAL K 95 11.99 48.88 40.59
C VAL K 95 10.65 48.90 41.32
N ALA K 96 9.74 48.00 40.95
CA ALA K 96 8.46 47.93 41.65
C ALA K 96 8.65 47.56 43.11
N HIS K 97 9.57 46.64 43.40
CA HIS K 97 9.85 46.26 44.78
C HIS K 97 10.40 47.43 45.57
N GLN K 98 11.31 48.20 44.99
CA GLN K 98 11.87 49.36 45.67
C GLN K 98 10.79 50.42 45.92
N GLN K 99 9.91 50.64 44.94
CA GLN K 99 8.82 51.59 45.14
C GLN K 99 7.90 51.13 46.26
N HIS K 100 7.58 49.83 46.31
CA HIS K 100 6.73 49.31 47.38
C HIS K 100 7.40 49.45 48.74
N ILE K 101 8.71 49.18 48.80
CA ILE K 101 9.44 49.32 50.06
C ILE K 101 9.44 50.76 50.52
N GLU K 102 9.67 51.71 49.61
CA GLU K 102 9.67 53.12 49.98
C GLU K 102 8.29 53.57 50.44
N LYS K 103 7.24 53.08 49.77
CA LYS K 103 5.89 53.41 50.20
C LYS K 103 5.59 52.84 51.58
N LYS K 104 6.04 51.62 51.85
CA LYS K 104 5.83 51.00 53.15
C LYS K 104 6.53 51.78 54.26
N MET K 105 7.77 52.21 54.02
CA MET K 105 8.53 52.97 54.99
C MET K 105 7.96 54.38 55.16
N ILE K 127 19.84 56.29 46.09
CA ILE K 127 19.02 55.23 45.53
C ILE K 127 19.02 55.32 44.01
N SER K 128 19.27 56.54 43.50
CA SER K 128 19.31 56.72 42.04
C SER K 128 20.55 56.09 41.43
N GLY K 129 21.69 56.18 42.12
CA GLY K 129 22.91 55.60 41.58
C GLY K 129 22.85 54.09 41.48
N THR K 130 22.26 53.43 42.49
CA THR K 130 22.11 51.98 42.43
C THR K 130 21.21 51.58 41.27
N LEU K 131 20.12 52.32 41.05
CA LEU K 131 19.23 52.05 39.93
C LEU K 131 19.95 52.24 38.60
N TRP K 132 20.76 53.30 38.50
CA TRP K 132 21.53 53.54 37.27
C TRP K 132 22.50 52.40 36.99
N TRP K 133 23.23 51.96 38.01
CA TRP K 133 24.17 50.86 37.83
C TRP K 133 23.44 49.57 37.48
N THR K 134 22.28 49.33 38.09
CA THR K 134 21.50 48.15 37.77
C THR K 134 21.05 48.17 36.31
N TYR K 135 20.61 49.33 35.83
CA TYR K 135 20.20 49.44 34.43
C TYR K 135 21.38 49.22 33.49
N VAL K 136 22.55 49.76 33.84
CA VAL K 136 23.73 49.55 33.01
C VAL K 136 24.09 48.06 32.95
N ILE K 137 24.06 47.40 34.10
CA ILE K 137 24.37 45.96 34.13
C ILE K 137 23.35 45.17 33.33
N SER K 138 22.08 45.58 33.40
CA SER K 138 21.03 44.90 32.63
C SER K 138 21.27 45.03 31.13
N VAL K 139 21.63 46.24 30.68
CA VAL K 139 21.92 46.43 29.25
C VAL K 139 23.13 45.60 28.84
N VAL K 140 24.15 45.56 29.69
CA VAL K 140 25.34 44.76 29.39
C VAL K 140 24.97 43.28 29.26
N PHE K 141 24.14 42.78 30.17
CA PHE K 141 23.76 41.36 30.12
C PHE K 141 22.91 41.06 28.90
N ARG K 142 22.02 41.99 28.53
CA ARG K 142 21.24 41.80 27.31
C ARG K 142 22.14 41.74 26.08
N LEU K 143 23.14 42.62 26.01
CA LEU K 143 24.09 42.59 24.92
C LEU K 143 24.86 41.27 24.90
N LEU K 144 25.27 40.79 26.08
CA LEU K 144 26.00 39.53 26.15
C LEU K 144 25.15 38.37 25.66
N PHE K 145 23.88 38.33 26.06
CA PHE K 145 23.00 37.26 25.61
C PHE K 145 22.80 37.32 24.10
N GLU K 146 22.60 38.52 23.55
CA GLU K 146 22.48 38.65 22.10
C GLU K 146 23.72 38.12 21.39
N ALA K 147 24.91 38.53 21.86
CA ALA K 147 26.14 38.10 21.22
C ALA K 147 26.33 36.58 21.30
N VAL K 148 26.06 35.99 22.48
CA VAL K 148 26.30 34.56 22.64
C VAL K 148 25.31 33.76 21.81
N PHE K 149 24.05 34.22 21.71
CA PHE K 149 23.09 33.50 20.89
C PHE K 149 23.42 33.62 19.41
N MET K 150 23.88 34.79 18.97
CA MET K 150 24.30 34.91 17.58
C MET K 150 25.49 34.00 17.28
N TYR K 151 26.44 33.92 18.20
CA TYR K 151 27.59 33.04 18.00
C TYR K 151 27.16 31.58 17.95
N VAL K 152 26.23 31.18 18.83
CA VAL K 152 25.73 29.81 18.82
C VAL K 152 25.03 29.50 17.51
N PHE K 153 24.22 30.45 17.01
CA PHE K 153 23.55 30.23 15.73
C PHE K 153 24.55 30.09 14.60
N TYR K 154 25.61 30.91 14.61
CA TYR K 154 26.65 30.79 13.59
C TYR K 154 27.36 29.45 13.69
N LEU K 155 27.61 28.97 14.90
CA LEU K 155 28.33 27.71 15.08
C LEU K 155 27.49 26.52 14.63
N LEU K 156 26.20 26.51 14.96
CA LEU K 156 25.35 25.39 14.59
C LEU K 156 25.06 25.39 13.09
N TYR K 157 24.76 26.55 12.52
CA TYR K 157 24.33 26.67 11.13
C TYR K 157 25.22 27.69 10.42
N PRO K 158 26.40 27.27 9.96
CA PRO K 158 27.25 28.19 9.18
C PRO K 158 26.53 28.63 7.92
N GLY K 159 26.72 29.91 7.58
CA GLY K 159 26.05 30.48 6.43
C GLY K 159 24.64 30.94 6.75
N TYR K 160 24.08 31.68 5.80
CA TYR K 160 22.73 32.22 5.94
C TYR K 160 21.69 31.48 5.10
N ALA K 161 22.10 30.47 4.33
CA ALA K 161 21.23 29.81 3.38
C ALA K 161 21.08 28.33 3.73
N MET K 162 19.91 27.79 3.43
CA MET K 162 19.61 26.38 3.62
C MET K 162 19.49 25.70 2.26
N VAL K 163 20.09 24.53 2.15
CA VAL K 163 20.13 23.78 0.90
C VAL K 163 18.97 22.81 0.84
N ARG K 164 18.51 22.51 -0.37
CA ARG K 164 17.40 21.58 -0.54
C ARG K 164 17.82 20.15 -0.23
N LEU K 165 19.04 19.78 -0.60
CA LEU K 165 19.52 18.40 -0.51
C LEU K 165 20.63 18.31 0.52
N VAL K 166 20.58 17.28 1.37
CA VAL K 166 21.61 17.02 2.35
C VAL K 166 22.01 15.55 2.28
N LYS K 167 23.30 15.29 2.42
CA LYS K 167 23.85 13.94 2.42
C LYS K 167 24.09 13.51 3.86
N CYS K 168 23.45 12.42 4.29
CA CYS K 168 23.53 11.97 5.66
C CYS K 168 24.06 10.55 5.73
N ASP K 169 25.07 10.32 6.56
CA ASP K 169 25.66 8.99 6.77
C ASP K 169 25.75 8.73 8.27
N VAL K 170 24.65 8.27 8.86
CA VAL K 170 24.59 7.98 10.28
C VAL K 170 23.71 6.77 10.49
N TYR K 171 24.06 5.96 11.47
CA TYR K 171 23.30 4.74 11.75
C TYR K 171 21.86 5.08 12.08
N PRO K 172 20.89 4.28 11.62
CA PRO K 172 20.99 3.03 10.87
C PRO K 172 21.00 3.19 9.36
N CYS K 173 21.07 4.40 8.84
CA CYS K 173 21.02 4.61 7.40
C CYS K 173 22.25 3.99 6.74
N PRO K 174 22.08 3.12 5.75
CA PRO K 174 23.26 2.54 5.09
C PRO K 174 24.00 3.57 4.27
N ASN K 175 25.33 3.54 4.37
CA ASN K 175 26.24 4.53 3.80
C ASN K 175 25.66 5.93 3.80
N THR K 176 25.55 6.55 2.63
CA THR K 176 25.08 7.92 2.50
C THR K 176 23.70 7.94 1.85
N VAL K 177 22.81 8.76 2.40
CA VAL K 177 21.44 8.87 1.90
C VAL K 177 21.16 10.34 1.61
N ASP K 178 20.23 10.58 0.69
CA ASP K 178 19.87 11.92 0.23
C ASP K 178 18.56 12.32 0.90
N CYS K 179 18.64 13.24 1.86
CA CYS K 179 17.47 13.79 2.52
C CYS K 179 17.13 15.15 1.92
N PHE K 180 15.86 15.51 1.98
CA PHE K 180 15.36 16.73 1.35
C PHE K 180 14.70 17.61 2.40
N VAL K 181 15.17 18.85 2.50
CA VAL K 181 14.61 19.80 3.46
C VAL K 181 13.36 20.45 2.87
N SER K 182 12.46 20.89 3.75
CA SER K 182 11.21 21.51 3.36
C SER K 182 11.31 23.03 3.49
N ARG K 183 10.96 23.74 2.43
CA ARG K 183 10.95 25.19 2.39
C ARG K 183 12.30 25.80 2.79
N PRO K 184 13.36 25.55 2.03
CA PRO K 184 14.64 26.17 2.37
C PRO K 184 14.70 27.67 2.07
N THR K 185 14.01 28.11 1.02
CA THR K 185 14.11 29.52 0.62
C THR K 185 13.39 30.44 1.60
N GLU K 186 12.17 30.05 2.00
CA GLU K 186 11.43 30.85 2.97
C GLU K 186 12.16 30.90 4.31
N LYS K 187 12.71 29.77 4.74
CA LYS K 187 13.47 29.74 5.97
C LYS K 187 14.72 30.60 5.86
N THR K 188 15.36 30.61 4.69
CA THR K 188 16.50 31.50 4.48
C THR K 188 16.10 32.96 4.60
N VAL K 189 14.96 33.33 4.01
CA VAL K 189 14.50 34.72 4.09
C VAL K 189 14.24 35.12 5.54
N PHE K 190 13.55 34.26 6.28
CA PHE K 190 13.26 34.60 7.68
C PHE K 190 14.52 34.60 8.53
N THR K 191 15.48 33.73 8.22
CA THR K 191 16.75 33.76 8.93
C THR K 191 17.49 35.07 8.68
N VAL K 192 17.48 35.55 7.44
CA VAL K 192 18.10 36.84 7.15
C VAL K 192 17.42 37.95 7.93
N PHE K 193 16.08 37.94 7.96
CA PHE K 193 15.35 38.95 8.73
C PHE K 193 15.75 38.93 10.19
N MET K 194 15.74 37.74 10.81
CA MET K 194 16.03 37.65 12.24
C MET K 194 17.47 38.03 12.55
N LEU K 195 18.41 37.61 11.70
CA LEU K 195 19.81 37.96 11.94
C LEU K 195 20.03 39.47 11.80
N ALA K 196 19.41 40.09 10.80
CA ALA K 196 19.53 41.54 10.67
C ALA K 196 18.95 42.25 11.89
N ALA K 197 17.80 41.78 12.37
CA ALA K 197 17.19 42.41 13.55
C ALA K 197 18.08 42.25 14.78
N SER K 198 18.67 41.06 14.95
CA SER K 198 19.56 40.84 16.10
C SER K 198 20.82 41.70 16.00
N GLY K 199 21.36 41.85 14.80
CA GLY K 199 22.50 42.74 14.63
C GLY K 199 22.18 44.18 14.96
N ILE K 200 21.00 44.64 14.54
CA ILE K 200 20.56 45.99 14.89
C ILE K 200 20.42 46.12 16.40
N CYS K 201 19.88 45.09 17.05
CA CYS K 201 19.76 45.12 18.51
C CYS K 201 21.13 45.24 19.18
N ILE K 202 22.10 44.47 18.69
CA ILE K 202 23.44 44.53 19.27
C ILE K 202 24.05 45.92 19.08
N ILE K 203 23.89 46.49 17.89
CA ILE K 203 24.43 47.83 17.64
C ILE K 203 23.78 48.85 18.56
N LEU K 204 22.46 48.77 18.72
CA LEU K 204 21.77 49.73 19.57
C LEU K 204 22.16 49.57 21.03
N ASN K 205 22.38 48.33 21.49
CA ASN K 205 22.83 48.12 22.87
C ASN K 205 24.22 48.71 23.08
N VAL K 206 25.12 48.51 22.12
CA VAL K 206 26.45 49.11 22.23
C VAL K 206 26.34 50.63 22.29
N ALA K 207 25.51 51.21 21.44
CA ALA K 207 25.34 52.66 21.42
C ALA K 207 24.76 53.15 22.75
N GLU K 208 23.79 52.42 23.31
CA GLU K 208 23.20 52.81 24.58
C GLU K 208 24.24 52.79 25.70
N VAL K 209 25.06 51.73 25.75
CA VAL K 209 26.09 51.64 26.79
C VAL K 209 27.08 52.79 26.65
N VAL K 210 27.52 53.07 25.41
CA VAL K 210 28.49 54.14 25.19
C VAL K 210 27.89 55.49 25.59
N TYR K 211 26.63 55.72 25.20
CA TYR K 211 25.99 57.00 25.52
C TYR K 211 25.84 57.18 27.02
N LEU K 212 25.44 56.12 27.73
CA LEU K 212 25.32 56.22 29.19
C LEU K 212 26.67 56.48 29.85
N ILE K 213 27.72 55.80 29.37
CA ILE K 213 29.05 56.02 29.94
C ILE K 213 29.50 57.45 29.71
N ILE K 214 29.27 57.98 28.50
CA ILE K 214 29.69 59.34 28.19
C ILE K 214 28.90 60.34 29.04
N ARG K 215 27.59 60.14 29.16
CA ARG K 215 26.76 61.06 29.94
C ARG K 215 27.16 61.05 31.41
N ALA K 216 27.44 59.87 31.95
CA ALA K 216 27.84 59.79 33.36
C ALA K 216 29.15 60.51 33.61
N CYS K 217 30.11 60.38 32.71
CA CYS K 217 31.41 61.03 32.85
C CYS K 217 31.38 62.44 32.24
N LEU L 9 -0.25 53.10 17.39
CA LEU L 9 -1.15 52.09 16.86
C LEU L 9 -0.99 51.96 15.35
N LEU L 10 -1.84 51.12 14.74
CA LEU L 10 -1.79 50.93 13.29
C LEU L 10 -2.22 52.21 12.58
N SER L 11 -1.41 52.63 11.60
CA SER L 11 -1.60 53.90 10.90
C SER L 11 -1.91 55.03 11.89
N GLY L 12 -1.01 55.18 12.86
CA GLY L 12 -1.26 56.04 14.00
C GLY L 12 -1.39 57.51 13.62
N VAL L 13 -1.97 58.26 14.54
CA VAL L 13 -2.21 59.68 14.36
C VAL L 13 -1.33 60.45 15.34
N ASN L 14 -1.06 61.71 15.00
CA ASN L 14 -0.16 62.54 15.78
C ASN L 14 -0.66 63.97 15.92
N ARG L 15 -1.99 64.16 15.92
CA ARG L 15 -2.63 65.47 16.02
C ARG L 15 -2.41 66.27 14.74
N HIS L 16 -1.63 65.73 13.81
CA HIS L 16 -1.38 66.36 12.53
C HIS L 16 -1.97 65.58 11.36
N SER L 17 -2.52 64.40 11.60
CA SER L 17 -3.10 63.58 10.55
C SER L 17 -4.42 64.19 10.09
N THR L 18 -4.61 64.26 8.77
CA THR L 18 -5.81 64.82 8.19
C THR L 18 -6.92 63.76 8.14
N ALA L 19 -8.00 64.09 7.43
CA ALA L 19 -9.11 63.15 7.31
C ALA L 19 -8.72 61.90 6.54
N ILE L 20 -7.90 62.04 5.50
CA ILE L 20 -7.50 60.90 4.69
C ILE L 20 -6.35 60.11 5.29
N GLY L 21 -5.93 60.44 6.51
CA GLY L 21 -4.89 59.70 7.17
C GLY L 21 -5.33 59.17 8.52
N ARG L 22 -6.46 59.70 9.00
CA ARG L 22 -7.03 59.27 10.27
C ARG L 22 -8.27 58.39 10.09
N VAL L 23 -9.04 58.60 9.02
CA VAL L 23 -10.27 57.87 8.82
C VAL L 23 -10.14 56.76 7.78
N TRP L 24 -9.50 57.03 6.64
CA TRP L 24 -9.48 56.06 5.55
C TRP L 24 -8.34 55.06 5.64
N LEU L 25 -7.13 55.54 5.97
CA LEU L 25 -5.98 54.64 6.06
C LEU L 25 -6.18 53.58 7.13
N SER L 26 -6.74 53.98 8.29
CA SER L 26 -7.01 53.00 9.34
C SER L 26 -8.02 51.98 8.89
N VAL L 27 -9.06 52.41 8.17
CA VAL L 27 -10.07 51.48 7.68
C VAL L 27 -9.45 50.48 6.72
N ILE L 28 -8.62 50.96 5.80
CA ILE L 28 -7.99 50.06 4.83
C ILE L 28 -7.04 49.09 5.53
N PHE L 29 -6.29 49.58 6.53
CA PHE L 29 -5.39 48.71 7.27
C PHE L 29 -6.15 47.62 8.01
N ILE L 30 -7.27 47.97 8.65
CA ILE L 30 -8.07 46.99 9.35
C ILE L 30 -8.67 45.99 8.36
N PHE L 31 -9.10 46.47 7.19
CA PHE L 31 -9.63 45.58 6.17
C PHE L 31 -8.58 44.57 5.72
N ARG L 32 -7.35 45.04 5.48
CA ARG L 32 -6.29 44.13 5.09
C ARG L 32 -5.98 43.13 6.20
N ILE L 33 -5.96 43.59 7.45
CA ILE L 33 -5.69 42.69 8.57
C ILE L 33 -6.75 41.61 8.64
N MET L 34 -8.03 41.99 8.52
CA MET L 34 -9.11 41.02 8.61
C MET L 34 -9.07 40.03 7.45
N VAL L 35 -8.80 40.51 6.23
CA VAL L 35 -8.71 39.61 5.08
C VAL L 35 -7.56 38.62 5.29
N LEU L 36 -6.40 39.11 5.74
CA LEU L 36 -5.27 38.22 5.96
C LEU L 36 -5.58 37.20 7.04
N VAL L 37 -6.29 37.61 8.10
CA VAL L 37 -6.64 36.68 9.17
C VAL L 37 -7.57 35.60 8.64
N VAL L 38 -8.59 35.99 7.87
CA VAL L 38 -9.57 35.02 7.39
C VAL L 38 -9.08 34.18 6.22
N ALA L 39 -7.95 34.55 5.61
CA ALA L 39 -7.41 33.76 4.51
C ALA L 39 -6.06 33.12 4.82
N ALA L 40 -5.48 33.34 6.01
CA ALA L 40 -4.14 32.85 6.27
C ALA L 40 -4.09 31.34 6.37
N GLU L 41 -4.99 30.74 7.15
CA GLU L 41 -5.00 29.30 7.36
C GLU L 41 -6.06 28.58 6.55
N SER L 42 -7.11 29.27 6.12
CA SER L 42 -8.18 28.61 5.37
C SER L 42 -7.73 28.26 3.96
N VAL L 43 -7.07 29.19 3.28
CA VAL L 43 -6.69 29.02 1.88
C VAL L 43 -5.27 28.47 1.75
N TRP L 44 -4.31 29.12 2.40
CA TRP L 44 -2.91 28.73 2.31
C TRP L 44 -2.50 27.73 3.38
N GLY L 45 -3.47 27.14 4.09
CA GLY L 45 -3.13 26.19 5.13
C GLY L 45 -2.50 24.92 4.59
N ASP L 46 -3.06 24.38 3.52
CA ASP L 46 -2.59 23.12 2.93
C ASP L 46 -1.93 23.37 1.59
N GLU L 47 -1.18 24.47 1.47
CA GLU L 47 -0.48 24.77 0.24
C GLU L 47 0.63 23.76 -0.04
N LYS L 48 1.23 23.20 1.01
CA LYS L 48 2.36 22.29 0.84
C LYS L 48 1.90 20.84 0.76
N SER L 49 0.95 20.46 1.62
CA SER L 49 0.52 19.06 1.68
C SER L 49 -0.34 18.67 0.49
N SER L 50 -1.25 19.55 0.05
CA SER L 50 -2.10 19.22 -1.09
C SER L 50 -1.33 19.33 -2.39
N PHE L 51 -0.17 19.98 -2.37
CA PHE L 51 0.67 20.11 -3.55
C PHE L 51 1.31 18.77 -3.88
N ILE L 52 0.95 18.20 -5.02
CA ILE L 52 1.46 16.90 -5.44
C ILE L 52 1.93 17.01 -6.89
N CYS L 53 2.90 16.17 -7.24
CA CYS L 53 3.43 16.12 -8.60
C CYS L 53 3.21 14.74 -9.20
N ASN L 54 3.29 14.67 -10.53
CA ASN L 54 3.06 13.43 -11.26
C ASN L 54 4.38 12.72 -11.53
N THR L 55 4.98 12.20 -10.46
CA THR L 55 6.24 11.47 -10.55
C THR L 55 6.33 10.46 -9.42
N LEU L 56 7.19 9.47 -9.62
CA LEU L 56 7.48 8.48 -8.59
C LEU L 56 8.81 8.76 -7.88
N GLN L 57 9.51 9.81 -8.26
CA GLN L 57 10.79 10.15 -7.66
C GLN L 57 10.58 10.69 -6.24
N PRO L 58 11.19 10.10 -5.23
CA PRO L 58 11.05 10.64 -3.87
C PRO L 58 11.75 11.98 -3.73
N GLY L 59 11.12 12.88 -2.97
CA GLY L 59 11.67 14.18 -2.71
C GLY L 59 11.44 15.21 -3.79
N CYS L 60 10.74 14.87 -4.88
CA CYS L 60 10.51 15.82 -5.95
C CYS L 60 9.44 16.85 -5.60
N ASN L 61 8.44 16.47 -4.80
CA ASN L 61 7.38 17.41 -4.43
C ASN L 61 7.93 18.61 -3.67
N SER L 62 8.81 18.36 -2.69
CA SER L 62 9.31 19.46 -1.86
C SER L 62 10.18 20.41 -2.66
N VAL L 63 11.07 19.87 -3.50
CA VAL L 63 11.94 20.73 -4.30
C VAL L 63 11.13 21.52 -5.31
N CYS L 64 10.12 20.89 -5.92
CA CYS L 64 9.27 21.62 -6.86
C CYS L 64 8.50 22.74 -6.17
N TYR L 65 7.95 22.46 -4.99
CA TYR L 65 7.21 23.49 -4.26
C TYR L 65 8.12 24.64 -3.89
N ASP L 66 9.33 24.35 -3.41
CA ASP L 66 10.26 25.43 -3.06
C ASP L 66 10.70 26.19 -4.30
N GLN L 67 10.73 25.52 -5.45
CA GLN L 67 11.10 26.20 -6.69
C GLN L 67 10.02 27.18 -7.13
N PHE L 68 8.75 26.78 -7.04
CA PHE L 68 7.68 27.62 -7.56
C PHE L 68 7.10 28.59 -6.54
N PHE L 69 7.36 28.39 -5.25
CA PHE L 69 6.87 29.26 -4.19
C PHE L 69 8.01 29.58 -3.25
N PRO L 70 8.92 30.48 -3.65
CA PRO L 70 10.04 30.81 -2.75
C PRO L 70 9.58 31.34 -1.39
N ILE L 71 8.52 32.14 -1.37
CA ILE L 71 7.91 32.59 -0.13
C ILE L 71 6.42 32.79 -0.38
N SER L 72 5.60 32.20 0.49
CA SER L 72 4.17 32.17 0.27
C SER L 72 3.58 33.58 0.30
N HIS L 73 2.43 33.71 -0.38
CA HIS L 73 1.76 35.01 -0.45
C HIS L 73 1.36 35.51 0.94
N VAL L 74 0.86 34.62 1.79
CA VAL L 74 0.37 35.02 3.10
C VAL L 74 1.50 35.60 3.94
N ARG L 75 2.66 34.93 3.95
CA ARG L 75 3.76 35.42 4.77
C ARG L 75 4.39 36.68 4.19
N LEU L 76 4.39 36.81 2.87
CA LEU L 76 4.85 38.04 2.24
C LEU L 76 3.96 39.22 2.64
N TRP L 77 2.65 39.01 2.62
CA TRP L 77 1.72 40.06 3.03
C TRP L 77 1.85 40.36 4.52
N SER L 78 2.10 39.32 5.33
CA SER L 78 2.31 39.54 6.76
C SER L 78 3.54 40.40 7.02
N LEU L 79 4.65 40.10 6.34
CA LEU L 79 5.84 40.92 6.48
C LEU L 79 5.59 42.35 6.00
N GLN L 80 4.85 42.50 4.90
CA GLN L 80 4.53 43.83 4.41
C GLN L 80 3.72 44.60 5.44
N LEU L 81 2.71 43.97 6.05
CA LEU L 81 1.90 44.64 7.05
C LEU L 81 2.72 45.01 8.28
N ILE L 82 3.60 44.13 8.72
CA ILE L 82 4.43 44.42 9.89
C ILE L 82 5.35 45.60 9.62
N LEU L 83 5.99 45.61 8.46
CA LEU L 83 6.91 46.71 8.14
C LEU L 83 6.17 48.00 7.88
N VAL L 84 4.93 47.93 7.39
CA VAL L 84 4.13 49.15 7.22
C VAL L 84 3.70 49.69 8.57
N SER L 85 3.34 48.82 9.51
CA SER L 85 2.90 49.25 10.82
C SER L 85 4.05 49.71 11.71
N THR L 86 5.28 49.31 11.41
CA THR L 86 6.40 49.69 12.25
C THR L 86 6.59 51.20 12.41
N PRO L 87 6.64 52.01 11.33
CA PRO L 87 6.87 53.45 11.53
C PRO L 87 5.79 54.14 12.37
N ALA L 88 4.53 53.75 12.22
CA ALA L 88 3.47 54.36 13.01
C ALA L 88 3.65 54.04 14.50
N LEU L 89 3.99 52.79 14.81
CA LEU L 89 4.24 52.42 16.20
C LEU L 89 5.45 53.16 16.76
N LEU L 90 6.49 53.33 15.94
CA LEU L 90 7.66 54.07 16.37
C LEU L 90 7.31 55.53 16.66
N VAL L 91 6.49 56.14 15.81
CA VAL L 91 6.08 57.52 16.02
C VAL L 91 5.25 57.64 17.29
N ALA L 92 4.33 56.70 17.52
CA ALA L 92 3.54 56.74 18.75
C ALA L 92 4.41 56.58 19.98
N MET L 93 5.41 55.68 19.92
CA MET L 93 6.33 55.52 21.03
C MET L 93 7.12 56.78 21.28
N HIS L 94 7.58 57.44 20.23
CA HIS L 94 8.31 58.69 20.38
C HIS L 94 7.44 59.78 20.99
N VAL L 95 6.18 59.85 20.58
CA VAL L 95 5.26 60.84 21.15
C VAL L 95 5.03 60.58 22.62
N ALA L 96 4.84 59.31 23.00
CA ALA L 96 4.67 58.99 24.41
C ALA L 96 5.93 59.32 25.21
N HIS L 97 7.10 59.04 24.64
CA HIS L 97 8.36 59.38 25.31
C HIS L 97 8.50 60.89 25.50
N GLN L 98 8.15 61.67 24.49
CA GLN L 98 8.23 63.12 24.62
C GLN L 98 7.25 63.64 25.66
N GLN L 99 6.04 63.08 25.70
CA GLN L 99 5.08 63.49 26.72
C GLN L 99 5.59 63.15 28.12
N HIS L 100 6.18 61.97 28.28
CA HIS L 100 6.73 61.59 29.59
C HIS L 100 7.88 62.50 29.99
N ILE L 101 8.74 62.85 29.03
CA ILE L 101 9.86 63.74 29.32
C ILE L 101 9.36 65.11 29.74
N GLU L 102 8.36 65.64 29.02
CA GLU L 102 7.82 66.95 29.37
C GLU L 102 7.15 66.93 30.74
N LYS L 103 6.43 65.84 31.06
CA LYS L 103 5.82 65.72 32.38
C LYS L 103 6.89 65.65 33.46
N LYS L 104 7.98 64.93 33.21
CA LYS L 104 9.06 64.82 34.20
C LYS L 104 9.70 66.18 34.46
N MET L 105 9.94 66.95 33.41
CA MET L 105 10.55 68.27 33.55
C MET L 105 9.57 69.26 34.17
N ILE L 127 8.77 72.31 19.40
CA ILE L 127 8.57 70.88 19.59
C ILE L 127 7.53 70.38 18.59
N SER L 128 6.67 71.28 18.13
CA SER L 128 5.63 70.89 17.18
C SER L 128 6.22 70.64 15.79
N GLY L 129 7.21 71.46 15.39
CA GLY L 129 7.81 71.28 14.07
C GLY L 129 8.55 69.97 13.94
N THR L 130 9.27 69.57 14.99
CA THR L 130 9.96 68.27 14.96
C THR L 130 8.95 67.13 14.85
N LEU L 131 7.84 67.22 15.57
CA LEU L 131 6.81 66.20 15.47
C LEU L 131 6.21 66.15 14.07
N TRP L 132 5.97 67.32 13.47
CA TRP L 132 5.43 67.38 12.12
C TRP L 132 6.39 66.74 11.12
N TRP L 133 7.67 67.07 11.21
CA TRP L 133 8.65 66.47 10.30
C TRP L 133 8.77 64.97 10.52
N THR L 134 8.71 64.53 11.78
CA THR L 134 8.75 63.10 12.05
C THR L 134 7.56 62.38 11.43
N TYR L 135 6.37 62.97 11.53
CA TYR L 135 5.19 62.36 10.92
C TYR L 135 5.32 62.31 9.41
N VAL L 136 5.84 63.38 8.80
CA VAL L 136 6.03 63.38 7.35
C VAL L 136 7.00 62.28 6.94
N ILE L 137 8.11 62.15 7.66
CA ILE L 137 9.09 61.11 7.34
C ILE L 137 8.48 59.73 7.52
N SER L 138 7.65 59.56 8.55
CA SER L 138 7.00 58.27 8.78
C SER L 138 6.07 57.92 7.63
N VAL L 139 5.29 58.88 7.14
CA VAL L 139 4.41 58.61 6.01
C VAL L 139 5.22 58.27 4.77
N VAL L 140 6.33 58.99 4.56
CA VAL L 140 7.19 58.70 3.41
C VAL L 140 7.74 57.29 3.49
N PHE L 141 8.19 56.87 4.67
CA PHE L 141 8.75 55.52 4.83
C PHE L 141 7.67 54.45 4.65
N ARG L 142 6.46 54.71 5.13
CA ARG L 142 5.38 53.76 4.90
C ARG L 142 5.08 53.62 3.42
N LEU L 143 5.06 54.74 2.69
CA LEU L 143 4.86 54.69 1.25
C LEU L 143 5.97 53.90 0.57
N LEU L 144 7.21 54.13 1.00
CA LEU L 144 8.34 53.42 0.41
C LEU L 144 8.24 51.91 0.64
N PHE L 145 7.87 51.52 1.86
CA PHE L 145 7.71 50.09 2.14
C PHE L 145 6.59 49.49 1.31
N GLU L 146 5.47 50.19 1.18
CA GLU L 146 4.39 49.69 0.33
C GLU L 146 4.86 49.49 -1.10
N ALA L 147 5.55 50.49 -1.65
CA ALA L 147 6.01 50.39 -3.04
C ALA L 147 7.01 49.25 -3.22
N VAL L 148 7.97 49.11 -2.30
CA VAL L 148 8.99 48.09 -2.48
C VAL L 148 8.39 46.70 -2.32
N PHE L 149 7.42 46.53 -1.42
CA PHE L 149 6.80 45.21 -1.28
C PHE L 149 5.94 44.88 -2.49
N MET L 150 5.23 45.86 -3.04
CA MET L 150 4.47 45.59 -4.26
C MET L 150 5.39 45.22 -5.41
N TYR L 151 6.52 45.91 -5.53
CA TYR L 151 7.48 45.58 -6.58
C TYR L 151 8.05 44.18 -6.40
N VAL L 152 8.36 43.81 -5.15
CA VAL L 152 8.88 42.46 -4.88
C VAL L 152 7.83 41.41 -5.24
N PHE L 153 6.56 41.66 -4.89
CA PHE L 153 5.50 40.72 -5.23
C PHE L 153 5.36 40.59 -6.74
N TYR L 154 5.46 41.70 -7.47
CA TYR L 154 5.39 41.63 -8.93
C TYR L 154 6.57 40.85 -9.50
N LEU L 155 7.76 41.04 -8.93
CA LEU L 155 8.95 40.37 -9.44
C LEU L 155 8.89 38.86 -9.20
N LEU L 156 8.46 38.45 -8.00
CA LEU L 156 8.40 37.03 -7.69
C LEU L 156 7.29 36.32 -8.44
N TYR L 157 6.10 36.94 -8.51
CA TYR L 157 4.91 36.33 -9.10
C TYR L 157 4.34 37.26 -10.16
N PRO L 158 4.89 37.22 -11.38
CA PRO L 158 4.32 38.03 -12.46
C PRO L 158 2.87 37.63 -12.73
N GLY L 159 2.04 38.62 -13.00
CA GLY L 159 0.64 38.39 -13.21
C GLY L 159 -0.15 38.30 -11.92
N TYR L 160 -1.47 38.33 -12.05
CA TYR L 160 -2.37 38.26 -10.90
C TYR L 160 -3.03 36.90 -10.75
N ALA L 161 -2.76 35.95 -11.62
CA ALA L 161 -3.45 34.68 -11.65
C ALA L 161 -2.49 33.52 -11.41
N MET L 162 -2.99 32.48 -10.75
CA MET L 162 -2.24 31.27 -10.50
C MET L 162 -2.81 30.13 -11.35
N VAL L 163 -1.92 29.38 -11.96
CA VAL L 163 -2.31 28.31 -12.87
C VAL L 163 -2.38 26.99 -12.11
N ARG L 164 -3.24 26.09 -12.58
CA ARG L 164 -3.40 24.80 -11.92
C ARG L 164 -2.18 23.92 -12.13
N LEU L 165 -1.58 23.97 -13.32
CA LEU L 165 -0.52 23.06 -13.72
C LEU L 165 0.79 23.84 -13.88
N VAL L 166 1.88 23.28 -13.36
CA VAL L 166 3.20 23.88 -13.50
C VAL L 166 4.19 22.80 -13.95
N LYS L 167 5.09 23.17 -14.85
CA LYS L 167 6.12 22.27 -15.34
C LYS L 167 7.42 22.57 -14.61
N CYS L 168 7.97 21.57 -13.93
CA CYS L 168 9.16 21.76 -13.11
C CYS L 168 10.27 20.81 -13.56
N ASP L 169 11.46 21.37 -13.78
CA ASP L 169 12.64 20.60 -14.19
C ASP L 169 13.81 20.99 -13.29
N VAL L 170 13.88 20.38 -12.10
CA VAL L 170 14.93 20.67 -11.14
C VAL L 170 15.28 19.37 -10.42
N TYR L 171 16.56 19.21 -10.11
CA TYR L 171 17.03 18.00 -9.45
C TYR L 171 16.30 17.82 -8.12
N PRO L 172 15.95 16.58 -7.74
CA PRO L 172 16.21 15.30 -8.42
C PRO L 172 15.13 14.86 -9.40
N CYS L 173 14.16 15.71 -9.70
CA CYS L 173 13.09 15.32 -10.60
C CYS L 173 13.65 15.06 -12.00
N PRO L 174 13.40 13.89 -12.59
CA PRO L 174 13.91 13.63 -13.94
C PRO L 174 13.17 14.46 -14.97
N ASN L 175 13.94 14.99 -15.93
CA ASN L 175 13.47 15.94 -16.93
C ASN L 175 12.43 16.91 -16.38
N THR L 176 11.24 16.93 -17.00
CA THR L 176 10.17 17.83 -16.61
C THR L 176 9.03 17.03 -15.99
N VAL L 177 8.45 17.55 -14.92
CA VAL L 177 7.35 16.90 -14.21
C VAL L 177 6.20 17.89 -14.09
N ASP L 178 4.99 17.35 -14.01
CA ASP L 178 3.75 18.12 -13.94
C ASP L 178 3.30 18.18 -12.48
N CYS L 179 3.46 19.35 -11.86
CA CYS L 179 2.97 19.58 -10.51
C CYS L 179 1.65 20.33 -10.56
N PHE L 180 0.82 20.12 -9.54
CA PHE L 180 -0.53 20.67 -9.49
C PHE L 180 -0.67 21.53 -8.25
N VAL L 181 -1.05 22.80 -8.44
CA VAL L 181 -1.25 23.72 -7.33
C VAL L 181 -2.64 23.51 -6.74
N SER L 182 -2.78 23.86 -5.46
CA SER L 182 -4.04 23.70 -4.73
C SER L 182 -4.74 25.05 -4.63
N ARG L 183 -6.02 25.07 -4.99
CA ARG L 183 -6.86 26.26 -4.90
C ARG L 183 -6.26 27.47 -5.61
N PRO L 184 -6.04 27.40 -6.92
CA PRO L 184 -5.50 28.57 -7.63
C PRO L 184 -6.51 29.72 -7.75
N THR L 185 -7.80 29.40 -7.90
CA THR L 185 -8.79 30.45 -8.13
C THR L 185 -9.03 31.29 -6.88
N GLU L 186 -9.18 30.63 -5.73
CA GLU L 186 -9.39 31.36 -4.49
C GLU L 186 -8.16 32.21 -4.15
N LYS L 187 -6.98 31.65 -4.36
CA LYS L 187 -5.75 32.42 -4.12
C LYS L 187 -5.66 33.60 -5.07
N THR L 188 -6.11 33.43 -6.32
CA THR L 188 -6.14 34.55 -7.25
C THR L 188 -7.09 35.64 -6.77
N VAL L 189 -8.27 35.25 -6.28
CA VAL L 189 -9.23 36.24 -5.80
C VAL L 189 -8.65 37.02 -4.61
N PHE L 190 -8.03 36.32 -3.66
CA PHE L 190 -7.48 37.01 -2.52
C PHE L 190 -6.26 37.85 -2.90
N THR L 191 -5.48 37.41 -3.88
CA THR L 191 -4.38 38.22 -4.38
C THR L 191 -4.89 39.52 -4.99
N VAL L 192 -5.98 39.43 -5.77
CA VAL L 192 -6.57 40.65 -6.34
C VAL L 192 -7.03 41.59 -5.23
N PHE L 193 -7.70 41.04 -4.22
CA PHE L 193 -8.14 41.86 -3.09
C PHE L 193 -6.97 42.58 -2.43
N MET L 194 -5.92 41.83 -2.10
CA MET L 194 -4.79 42.41 -1.38
C MET L 194 -4.05 43.44 -2.23
N LEU L 195 -3.89 43.16 -3.53
CA LEU L 195 -3.21 44.12 -4.40
C LEU L 195 -4.02 45.40 -4.55
N ALA L 196 -5.34 45.28 -4.70
CA ALA L 196 -6.17 46.48 -4.77
C ALA L 196 -6.07 47.29 -3.48
N ALA L 197 -6.10 46.62 -2.34
CA ALA L 197 -5.99 47.33 -1.07
C ALA L 197 -4.65 48.04 -0.94
N SER L 198 -3.56 47.37 -1.34
CA SER L 198 -2.25 48.00 -1.27
C SER L 198 -2.13 49.18 -2.22
N GLY L 199 -2.72 49.07 -3.41
CA GLY L 199 -2.72 50.21 -4.32
C GLY L 199 -3.49 51.39 -3.76
N ILE L 200 -4.63 51.13 -3.12
CA ILE L 200 -5.38 52.20 -2.47
C ILE L 200 -4.55 52.83 -1.35
N CYS L 201 -3.83 52.00 -0.59
CA CYS L 201 -2.96 52.53 0.46
C CYS L 201 -1.88 53.45 -0.12
N ILE L 202 -1.27 53.03 -1.23
CA ILE L 202 -0.23 53.87 -1.85
C ILE L 202 -0.81 55.18 -2.31
N ILE L 203 -1.98 55.14 -2.95
CA ILE L 203 -2.61 56.37 -3.43
C ILE L 203 -2.93 57.30 -2.27
N LEU L 204 -3.46 56.76 -1.17
CA LEU L 204 -3.81 57.58 -0.02
C LEU L 204 -2.57 58.17 0.63
N ASN L 205 -1.47 57.40 0.68
CA ASN L 205 -0.23 57.95 1.24
C ASN L 205 0.31 59.10 0.38
N VAL L 206 0.25 58.94 -0.95
CA VAL L 206 0.68 60.02 -1.82
C VAL L 206 -0.18 61.26 -1.60
N ALA L 207 -1.50 61.07 -1.49
CA ALA L 207 -2.40 62.19 -1.26
C ALA L 207 -2.12 62.86 0.07
N GLU L 208 -1.85 62.07 1.11
CA GLU L 208 -1.53 62.63 2.42
C GLU L 208 -0.26 63.47 2.37
N VAL L 209 0.79 62.95 1.72
CA VAL L 209 2.04 63.70 1.62
C VAL L 209 1.81 65.01 0.87
N VAL L 210 1.08 64.95 -0.25
CA VAL L 210 0.83 66.16 -1.03
C VAL L 210 0.03 67.17 -0.23
N TYR L 211 -1.00 66.71 0.48
CA TYR L 211 -1.83 67.61 1.27
C TYR L 211 -1.03 68.26 2.38
N LEU L 212 -0.18 67.49 3.08
CA LEU L 212 0.64 68.07 4.12
C LEU L 212 1.62 69.10 3.57
N ILE L 213 2.24 68.79 2.42
CA ILE L 213 3.17 69.74 1.82
C ILE L 213 2.45 71.03 1.43
N ILE L 214 1.25 70.91 0.85
CA ILE L 214 0.50 72.10 0.44
C ILE L 214 0.09 72.91 1.66
N ARG L 215 -0.39 72.25 2.71
CA ARG L 215 -0.83 72.97 3.91
C ARG L 215 0.34 73.68 4.58
N ALA L 216 1.51 73.03 4.63
CA ALA L 216 2.68 73.65 5.24
C ALA L 216 3.11 74.91 4.49
N CYS L 217 3.08 74.84 3.16
CA CYS L 217 3.48 75.98 2.33
C CYS L 217 2.28 76.89 2.04
#